data_5CIO
#
_entry.id   5CIO
#
_cell.length_a   175.090
_cell.length_b   133.370
_cell.length_c   92.110
_cell.angle_alpha   90.00
_cell.angle_beta   119.40
_cell.angle_gamma   90.00
#
_symmetry.space_group_name_H-M   'C 1 2 1'
#
loop_
_entity.id
_entity.type
_entity.pdbx_description
1 polymer 'pyrroloquinoline quinone biosynthesis protein PqqF'
2 non-polymer 'ZINC ION'
3 water water
#
_entity_poly.entity_id   1
_entity_poly.type   'polypeptide(L)'
_entity_poly.pdbx_seq_one_letter_code
;MGSSHHHHHHSSGLVPRGSHMASMTLAASWQLDNGLAVRAISTPGAEAAAALVRIEAGSFQAPAAWPGLAHLLEHMLFRG
SANFSAQDGLMGWTQAAGGRLNATTQATQTAFFFEVGADPLAEGLARLSDMLAAPQLAAEAIAQEIEVIDAEYRLLRADG
ETRCEAAQRQMFSGFDALHRFHIGSRAAFGSDISALQQALRQFHHHYYRAPNMTLWLQGPQSLEQLHALAQRYGGGLPSG
SATPPETLPPLAAGQDYTLSLPGAPQLRLVFTLPHCRSRGWLRRLERLLLDDAPGGLLARLRAHAWGDAVRLGYARCGEN
SALLSFIFTVNHGSASEAAHIESALLAWLQALNALTPGQLAHFGQLANRDFHRLAPLDQLRARALGLPPTEQHDDWTRQL
AMLMAAPRRRLAVLPEGGGETREIQGLPLTLGPFVGAALTPTVEPFRFFSASAALPIPPLPAGQAPLRHLHPDEAQPVLL
LRPSSHGALSEEQACGLQAALRPEAAELAHREGHLSVERHQGVWLLQLAGSHGLICHGLNVVNRALTAQPPAIINEAARN
LRHAQLKQQNDIAIRRLLAQLPAALNVSTATAPYWHATLVGGDGELKRRLSHLLYDFPYAITAEPQTPPRLHPPVTLTES
GAEHALLQFYPLQSDEAEGRWALRVLARLYAPRYFQRLRVERNVGYVVQCTFHRCTHVEGLLFALQSPTFTAEQLRQLTD
EFLQQMHHELTHVSVGELEQTQQALQQNLQRLSAEPLQRAREIALENRATIAAAAPITLTQLLHWQQRLFVAG
;
_entity_poly.pdbx_strand_id   A,B
#
# COMPACT_ATOMS: atom_id res chain seq x y z
N HIS A 10 -9.96 -11.11 -30.74
CA HIS A 10 -9.35 -9.83 -30.37
C HIS A 10 -10.42 -8.80 -30.03
N SER A 11 -10.04 -7.84 -29.18
CA SER A 11 -11.00 -6.89 -28.63
C SER A 11 -11.61 -6.04 -29.73
N SER A 12 -12.86 -5.65 -29.52
CA SER A 12 -13.62 -4.94 -30.56
C SER A 12 -13.70 -3.43 -30.30
N GLY A 13 -13.06 -2.95 -29.22
CA GLY A 13 -13.14 -1.53 -28.91
C GLY A 13 -12.22 -0.70 -29.77
N LEU A 14 -12.52 0.60 -29.79
CA LEU A 14 -11.67 1.63 -30.39
C LEU A 14 -11.11 2.59 -29.34
N VAL A 15 -11.98 3.20 -28.53
CA VAL A 15 -11.52 4.20 -27.56
C VAL A 15 -11.45 3.63 -26.16
N PRO A 16 -10.42 3.96 -25.39
CA PRO A 16 -10.33 3.46 -24.01
C PRO A 16 -11.40 4.08 -23.13
N ARG A 17 -12.04 3.24 -22.32
CA ARG A 17 -12.96 3.74 -21.30
C ARG A 17 -12.17 4.49 -20.24
N GLY A 18 -12.61 5.72 -19.95
CA GLY A 18 -11.88 6.57 -19.01
C GLY A 18 -12.02 6.06 -17.58
N SER A 19 -10.88 5.87 -16.91
CA SER A 19 -10.86 5.20 -15.61
C SER A 19 -10.12 6.04 -14.58
N HIS A 20 -10.52 5.85 -13.32
CA HIS A 20 -9.95 6.51 -12.16
C HIS A 20 -9.05 5.54 -11.40
N MET A 21 -7.87 6.02 -11.01
CA MET A 21 -6.97 5.20 -10.20
C MET A 21 -7.56 5.00 -8.79
N ALA A 22 -7.05 3.99 -8.09
CA ALA A 22 -7.61 3.53 -6.82
C ALA A 22 -7.17 4.34 -5.59
N SER A 23 -6.30 5.34 -5.74
CA SER A 23 -5.89 6.21 -4.63
C SER A 23 -5.31 5.41 -3.45
N MET A 24 -4.36 4.52 -3.77
CA MET A 24 -3.70 3.66 -2.80
C MET A 24 -2.55 4.39 -2.08
N THR A 25 -1.99 3.69 -1.09
CA THR A 25 -0.71 4.05 -0.48
C THR A 25 0.39 4.22 -1.53
N LEU A 26 1.22 5.27 -1.38
CA LEU A 26 2.40 5.46 -2.21
C LEU A 26 3.61 5.71 -1.32
N ALA A 27 4.79 5.40 -1.85
CA ALA A 27 6.03 5.61 -1.12
C ALA A 27 7.03 6.29 -2.04
N ALA A 28 7.98 7.01 -1.43
CA ALA A 28 9.07 7.66 -2.15
C ALA A 28 10.28 7.81 -1.24
N SER A 29 11.46 7.82 -1.86
CA SER A 29 12.73 8.00 -1.18
C SER A 29 13.54 9.09 -1.86
N TRP A 30 14.18 9.93 -1.05
CA TRP A 30 15.07 10.95 -1.59
C TRP A 30 16.30 11.06 -0.72
N GLN A 31 17.22 11.90 -1.19
CA GLN A 31 18.37 12.34 -0.45
C GLN A 31 18.48 13.85 -0.68
N LEU A 32 18.50 14.63 0.38
CA LEU A 32 18.69 16.06 0.23
C LEU A 32 20.16 16.39 -0.05
N ASP A 33 20.39 17.61 -0.53
CA ASP A 33 21.76 18.10 -0.73
C ASP A 33 22.64 17.88 0.50
N ASN A 34 22.08 18.14 1.70
CA ASN A 34 22.82 18.05 2.96
C ASN A 34 23.11 16.61 3.40
N GLY A 35 22.54 15.60 2.70
CA GLY A 35 22.82 14.22 3.01
C GLY A 35 21.73 13.48 3.77
N LEU A 36 20.65 14.14 4.13
CA LEU A 36 19.54 13.48 4.81
C LEU A 36 18.83 12.50 3.90
N ALA A 37 18.68 11.25 4.34
CA ALA A 37 17.79 10.33 3.65
C ALA A 37 16.34 10.60 4.06
N VAL A 38 15.45 10.54 3.10
CA VAL A 38 14.03 10.80 3.32
C VAL A 38 13.25 9.62 2.80
N ARG A 39 12.33 9.09 3.60
CA ARG A 39 11.44 8.00 3.22
C ARG A 39 10.02 8.44 3.53
N ALA A 40 9.22 8.69 2.48
CA ALA A 40 7.84 9.16 2.62
C ALA A 40 6.84 8.06 2.30
N ILE A 41 5.73 8.09 3.02
CA ILE A 41 4.61 7.18 2.82
C ILE A 41 3.34 8.02 2.87
N SER A 42 2.65 8.12 1.73
CA SER A 42 1.39 8.84 1.65
C SER A 42 0.24 7.86 1.85
N THR A 43 -0.60 8.14 2.86
CA THR A 43 -1.70 7.26 3.27
C THR A 43 -2.99 8.07 3.13
N PRO A 44 -3.52 8.19 1.93
CA PRO A 44 -4.67 9.08 1.70
C PRO A 44 -5.84 8.75 2.59
N GLY A 45 -6.47 9.78 3.15
CA GLY A 45 -7.59 9.61 4.04
C GLY A 45 -7.25 9.26 5.47
N ALA A 46 -5.98 9.04 5.79
CA ALA A 46 -5.61 8.69 7.16
C ALA A 46 -5.91 9.85 8.10
N GLU A 47 -6.22 9.50 9.35
CA GLU A 47 -6.41 10.54 10.36
C GLU A 47 -5.08 11.12 10.79
N ALA A 48 -4.13 10.25 11.12
CA ALA A 48 -2.89 10.64 11.74
C ALA A 48 -1.77 10.80 10.72
N ALA A 49 -0.82 11.66 11.04
CA ALA A 49 0.50 11.69 10.44
C ALA A 49 1.54 11.46 11.53
N ALA A 50 2.68 10.91 11.14
CA ALA A 50 3.76 10.66 12.07
C ALA A 50 5.08 10.95 11.40
N ALA A 51 6.11 11.20 12.21
CA ALA A 51 7.45 11.42 11.69
C ALA A 51 8.46 10.81 12.64
N LEU A 52 9.53 10.25 12.07
CA LEU A 52 10.61 9.69 12.86
C LEU A 52 11.94 10.17 12.29
N VAL A 53 12.85 10.62 13.15
CA VAL A 53 14.23 10.81 12.74
C VAL A 53 15.05 9.77 13.46
N ARG A 54 15.90 9.06 12.73
CA ARG A 54 16.83 8.08 13.30
C ARG A 54 18.24 8.56 13.05
N ILE A 55 19.11 8.44 14.05
CA ILE A 55 20.48 8.95 13.97
C ILE A 55 21.41 7.77 14.18
N GLU A 56 22.45 7.66 13.34
CA GLU A 56 23.37 6.53 13.42
C GLU A 56 24.38 6.77 14.56
N ALA A 57 23.86 6.72 15.78
CA ALA A 57 24.69 6.82 16.97
C ALA A 57 23.88 6.33 18.16
N GLY A 58 24.50 5.48 18.96
CA GLY A 58 23.89 5.06 20.21
C GLY A 58 24.89 5.09 21.36
N SER A 59 24.53 4.31 22.40
CA SER A 59 25.31 4.25 23.64
C SER A 59 26.72 3.76 23.39
N PHE A 60 26.86 2.70 22.60
CA PHE A 60 28.16 2.22 22.19
C PHE A 60 29.03 3.34 21.61
N GLN A 61 28.43 4.43 21.13
CA GLN A 61 29.25 5.47 20.56
C GLN A 61 29.66 6.54 21.57
N ALA A 62 29.08 6.54 22.77
CA ALA A 62 29.51 7.45 23.82
C ALA A 62 30.99 7.21 24.16
N PRO A 63 31.72 8.25 24.57
CA PRO A 63 33.12 8.02 24.97
C PRO A 63 33.14 7.16 26.23
N ALA A 64 34.12 6.26 26.31
CA ALA A 64 34.20 5.39 27.49
C ALA A 64 34.24 6.19 28.79
N ALA A 65 34.80 7.40 28.75
CA ALA A 65 34.89 8.25 29.93
C ALA A 65 33.58 8.86 30.37
N TRP A 66 32.49 8.73 29.61
CA TRP A 66 31.21 9.35 29.96
C TRP A 66 30.07 8.33 29.87
N PRO A 67 30.02 7.38 30.79
CA PRO A 67 28.84 6.51 30.92
C PRO A 67 27.50 7.24 30.83
N GLY A 68 26.64 6.81 29.91
CA GLY A 68 25.32 7.39 29.81
C GLY A 68 25.24 8.71 29.08
N LEU A 69 26.30 9.13 28.39
CA LEU A 69 26.23 10.40 27.67
C LEU A 69 25.05 10.42 26.70
N ALA A 70 24.80 9.31 26.01
CA ALA A 70 23.71 9.29 25.02
C ALA A 70 22.36 9.40 25.70
N HIS A 71 22.13 8.61 26.76
CA HIS A 71 20.89 8.69 27.52
C HIS A 71 20.60 10.13 27.95
N LEU A 72 21.64 10.83 28.44
CA LEU A 72 21.47 12.23 28.85
C LEU A 72 21.15 13.12 27.65
N LEU A 73 21.89 12.96 26.55
CA LEU A 73 21.56 13.69 25.33
C LEU A 73 20.10 13.49 24.94
N GLU A 74 19.60 12.25 25.06
CA GLU A 74 18.19 12.01 24.73
C GLU A 74 17.26 12.78 25.66
N HIS A 75 17.54 12.76 26.97
CA HIS A 75 16.79 13.60 27.91
C HIS A 75 16.99 15.08 27.59
N MET A 76 18.22 15.50 27.30
CA MET A 76 18.46 16.93 27.19
C MET A 76 17.96 17.52 25.87
N LEU A 77 17.64 16.72 24.85
CA LEU A 77 17.11 17.32 23.62
C LEU A 77 15.67 17.81 23.78
N PHE A 78 14.93 17.28 24.77
CA PHE A 78 13.61 17.80 25.12
C PHE A 78 13.66 18.95 26.15
N ARG A 79 14.81 19.57 26.36
CA ARG A 79 14.88 20.74 27.21
C ARG A 79 15.25 21.96 26.39
N GLY A 80 14.40 22.36 25.44
CA GLY A 80 14.60 23.61 24.75
C GLY A 80 15.72 23.70 23.72
N SER A 81 15.41 24.39 22.64
CA SER A 81 16.31 24.55 21.51
C SER A 81 16.23 26.00 21.06
N ALA A 82 17.08 26.37 20.10
CA ALA A 82 17.27 27.77 19.76
C ALA A 82 15.94 28.51 19.57
N ASN A 83 15.00 27.92 18.84
CA ASN A 83 13.77 28.64 18.51
C ASN A 83 12.56 28.22 19.35
N PHE A 84 12.73 27.30 20.30
CA PHE A 84 11.62 26.75 21.07
C PHE A 84 12.09 26.44 22.49
N SER A 85 11.34 26.90 23.49
CA SER A 85 11.60 26.48 24.85
C SER A 85 11.29 24.98 24.97
N ALA A 86 11.35 24.45 26.20
CA ALA A 86 10.89 23.09 26.42
C ALA A 86 9.37 23.00 26.32
N GLN A 87 8.66 24.09 26.61
CA GLN A 87 7.20 24.14 26.62
C GLN A 87 6.61 24.39 25.24
N ASP A 88 7.20 25.31 24.47
CA ASP A 88 6.83 25.53 23.08
C ASP A 88 7.39 24.45 22.15
N GLY A 89 8.39 23.71 22.60
CA GLY A 89 9.02 22.68 21.79
C GLY A 89 8.15 21.45 21.65
N LEU A 90 8.77 20.40 21.08
CA LEU A 90 8.02 19.24 20.63
C LEU A 90 7.23 18.58 21.76
N MET A 91 7.84 18.43 22.94
CA MET A 91 7.16 17.73 24.02
C MET A 91 5.86 18.44 24.41
N GLY A 92 5.96 19.72 24.74
CA GLY A 92 4.75 20.43 25.16
C GLY A 92 3.73 20.54 24.06
N TRP A 93 4.21 20.68 22.82
CA TRP A 93 3.31 20.87 21.68
C TRP A 93 2.57 19.59 21.33
N THR A 94 3.25 18.42 21.39
CA THR A 94 2.55 17.15 21.21
C THR A 94 1.49 16.94 22.28
N GLN A 95 1.82 17.29 23.54
CA GLN A 95 0.87 17.18 24.65
C GLN A 95 -0.38 18.01 24.41
N ALA A 96 -0.20 19.29 24.09
CA ALA A 96 -1.33 20.15 23.79
C ALA A 96 -2.23 19.51 22.74
N ALA A 97 -1.67 19.22 21.57
CA ALA A 97 -2.49 18.71 20.48
C ALA A 97 -2.89 17.25 20.67
N GLY A 98 -2.58 16.64 21.83
CA GLY A 98 -3.04 15.29 22.12
C GLY A 98 -2.38 14.17 21.33
N GLY A 99 -1.20 14.42 20.74
CA GLY A 99 -0.51 13.42 19.97
C GLY A 99 0.39 12.53 20.81
N ARG A 100 1.12 11.68 20.11
CA ARG A 100 2.06 10.78 20.75
C ARG A 100 3.50 11.16 20.42
N LEU A 101 4.39 10.94 21.38
CA LEU A 101 5.77 11.34 21.27
C LEU A 101 6.57 10.36 22.10
N ASN A 102 7.78 10.03 21.65
CA ASN A 102 8.74 9.30 22.47
C ASN A 102 10.08 9.26 21.76
N ALA A 103 11.04 8.61 22.41
CA ALA A 103 12.40 8.52 21.90
C ALA A 103 13.05 7.29 22.50
N THR A 104 14.12 6.86 21.86
CA THR A 104 14.80 5.62 22.24
C THR A 104 16.25 5.75 21.83
N THR A 105 17.15 5.53 22.80
CA THR A 105 18.57 5.42 22.55
C THR A 105 18.87 3.93 22.62
N GLN A 106 19.42 3.39 21.56
CA GLN A 106 19.73 1.97 21.52
C GLN A 106 21.25 1.83 21.44
N ALA A 107 21.72 0.58 21.26
CA ALA A 107 23.15 0.32 21.31
C ALA A 107 23.91 1.19 20.33
N THR A 108 23.40 1.30 19.10
CA THR A 108 24.15 1.97 18.03
C THR A 108 23.29 2.91 17.22
N GLN A 109 22.04 3.16 17.61
CA GLN A 109 21.10 3.99 16.86
C GLN A 109 20.14 4.67 17.82
N THR A 110 19.68 5.85 17.43
CA THR A 110 18.78 6.64 18.24
C THR A 110 17.65 7.16 17.37
N ALA A 111 16.43 7.20 17.90
CA ALA A 111 15.28 7.73 17.17
C ALA A 111 14.42 8.63 18.06
N PHE A 112 13.89 9.68 17.44
CA PHE A 112 12.88 10.57 17.98
C PHE A 112 11.69 10.57 17.03
N PHE A 113 10.48 10.50 17.57
CA PHE A 113 9.32 10.34 16.71
C PHE A 113 8.07 10.87 17.38
N PHE A 114 7.12 11.34 16.56
CA PHE A 114 5.85 11.81 17.08
C PHE A 114 4.72 11.44 16.12
N GLU A 115 3.50 11.52 16.65
CA GLU A 115 2.29 11.26 15.89
C GLU A 115 1.28 12.32 16.29
N VAL A 116 0.63 12.96 15.32
CA VAL A 116 -0.40 13.96 15.56
C VAL A 116 -1.47 13.84 14.49
N GLY A 117 -2.45 14.73 14.54
CA GLY A 117 -3.34 14.91 13.40
C GLY A 117 -2.58 15.41 12.18
N ALA A 118 -3.24 15.28 11.02
CA ALA A 118 -2.61 15.62 9.74
C ALA A 118 -2.09 17.06 9.66
N ASP A 119 -3.01 18.02 9.60
CA ASP A 119 -2.63 19.40 9.28
C ASP A 119 -1.45 19.93 10.08
N PRO A 120 -1.36 19.76 11.41
CA PRO A 120 -0.25 20.36 12.17
C PRO A 120 1.09 19.66 12.01
N LEU A 121 1.24 18.71 11.07
CA LEU A 121 2.52 18.01 10.92
C LEU A 121 3.67 18.98 10.71
N ALA A 122 3.44 20.06 9.96
CA ALA A 122 4.51 21.02 9.69
C ALA A 122 5.01 21.66 10.98
N GLU A 123 4.09 21.94 11.91
CA GLU A 123 4.49 22.50 13.20
C GLU A 123 5.42 21.57 13.94
N GLY A 124 5.07 20.28 13.99
CA GLY A 124 5.93 19.32 14.67
C GLY A 124 7.29 19.14 14.02
N LEU A 125 7.33 19.11 12.68
CA LEU A 125 8.62 19.04 12.00
C LEU A 125 9.47 20.24 12.33
N ALA A 126 8.84 21.42 12.38
CA ALA A 126 9.50 22.63 12.86
C ALA A 126 10.20 22.39 14.20
N ARG A 127 9.49 21.80 15.15
CA ARG A 127 10.07 21.64 16.48
C ARG A 127 11.08 20.50 16.53
N LEU A 128 10.73 19.36 15.95
CA LEU A 128 11.65 18.23 15.85
C LEU A 128 12.95 18.64 15.18
N SER A 129 12.85 19.26 14.01
CA SER A 129 14.05 19.76 13.34
C SER A 129 14.85 20.66 14.27
N ASP A 130 14.18 21.58 14.97
CA ASP A 130 14.94 22.52 15.79
C ASP A 130 15.63 21.84 16.96
N MET A 131 14.97 20.87 17.61
CA MET A 131 15.61 20.22 18.76
C MET A 131 16.73 19.27 18.33
N LEU A 132 16.63 18.68 17.13
CA LEU A 132 17.72 17.82 16.67
C LEU A 132 18.93 18.65 16.28
N ALA A 133 18.70 19.81 15.71
CA ALA A 133 19.82 20.60 15.19
C ALA A 133 20.46 21.50 16.25
N ALA A 134 19.67 22.20 17.07
CA ALA A 134 20.21 23.27 17.92
C ALA A 134 19.64 23.19 19.34
N PRO A 135 19.99 22.15 20.09
CA PRO A 135 19.54 22.08 21.49
C PRO A 135 20.31 23.07 22.38
N GLN A 136 19.60 23.66 23.34
CA GLN A 136 20.29 24.60 24.24
C GLN A 136 21.33 23.88 25.07
N LEU A 137 20.91 22.81 25.75
CA LEU A 137 21.78 22.04 26.63
C LEU A 137 22.32 22.94 27.76
N ALA A 138 21.37 23.53 28.49
CA ALA A 138 21.71 24.44 29.58
C ALA A 138 22.19 23.66 30.80
N ALA A 139 23.28 24.15 31.40
CA ALA A 139 23.84 23.51 32.59
C ALA A 139 22.78 23.29 33.67
N GLU A 140 21.99 24.32 33.96
CA GLU A 140 20.94 24.18 34.97
C GLU A 140 20.00 23.00 34.65
N ALA A 141 19.84 22.68 33.36
CA ALA A 141 18.94 21.59 32.96
C ALA A 141 19.66 20.25 32.97
N ILE A 142 20.93 20.23 32.56
CA ILE A 142 21.81 19.09 32.75
C ILE A 142 21.78 18.64 34.20
N ALA A 143 22.33 19.46 35.10
CA ALA A 143 22.37 19.12 36.53
C ALA A 143 21.01 18.62 36.99
N GLN A 144 19.95 19.25 36.49
CA GLN A 144 18.59 18.83 36.81
C GLN A 144 18.29 17.45 36.24
N GLU A 145 18.79 17.15 35.03
CA GLU A 145 18.50 15.88 34.38
C GLU A 145 19.37 14.74 34.88
N ILE A 146 20.54 15.07 35.47
CA ILE A 146 21.32 14.06 36.17
C ILE A 146 20.49 13.43 37.27
N GLU A 147 19.65 14.22 37.93
CA GLU A 147 18.83 13.64 38.99
C GLU A 147 17.82 12.66 38.42
N VAL A 148 17.07 13.08 37.38
CA VAL A 148 16.06 12.19 36.80
C VAL A 148 16.69 10.89 36.34
N ILE A 149 17.87 10.97 35.73
CA ILE A 149 18.49 9.76 35.20
C ILE A 149 18.98 8.86 36.33
N ASP A 150 19.62 9.43 37.37
CA ASP A 150 20.08 8.61 38.50
C ASP A 150 18.93 7.91 39.19
N ALA A 151 17.77 8.58 39.27
CA ALA A 151 16.57 7.90 39.73
C ALA A 151 16.12 6.81 38.75
N GLU A 152 16.22 7.07 37.44
CA GLU A 152 15.91 6.03 36.45
C GLU A 152 16.89 4.88 36.54
N TYR A 153 18.15 5.19 36.86
CA TYR A 153 19.14 4.16 37.10
C TYR A 153 18.74 3.26 38.26
N ARG A 154 18.46 3.84 39.43
CA ARG A 154 18.11 3.03 40.59
C ARG A 154 16.88 2.18 40.32
N LEU A 155 15.90 2.71 39.57
CA LEU A 155 14.73 1.92 39.24
C LEU A 155 15.07 0.76 38.29
N LEU A 156 15.95 1.02 37.31
CA LEU A 156 16.29 0.02 36.33
C LEU A 156 17.17 -1.09 36.89
N ARG A 157 17.85 -0.87 38.03
CA ARG A 157 18.55 -1.99 38.64
C ARG A 157 17.58 -3.03 39.17
N ALA A 158 16.27 -2.73 39.18
CA ALA A 158 15.24 -3.69 39.58
C ALA A 158 14.38 -4.16 38.43
N ASP A 159 14.73 -3.82 37.18
CA ASP A 159 13.93 -4.19 36.02
C ASP A 159 14.39 -5.55 35.48
N GLY A 160 13.45 -6.50 35.38
CA GLY A 160 13.81 -7.81 34.86
C GLY A 160 14.41 -7.76 33.47
N GLU A 161 13.76 -7.03 32.56
CA GLU A 161 14.24 -7.05 31.17
C GLU A 161 15.56 -6.31 31.02
N THR A 162 15.75 -5.20 31.72
CA THR A 162 17.06 -4.53 31.66
C THR A 162 18.17 -5.50 32.05
N ARG A 163 17.99 -6.19 33.17
CA ARG A 163 19.01 -7.12 33.63
C ARG A 163 19.15 -8.32 32.67
N CYS A 164 18.04 -8.87 32.19
CA CYS A 164 18.12 -9.91 31.16
C CYS A 164 18.95 -9.46 29.97
N GLU A 165 18.74 -8.23 29.49
CA GLU A 165 19.46 -7.82 28.29
C GLU A 165 20.94 -7.60 28.59
N ALA A 166 21.29 -7.31 29.85
CA ALA A 166 22.70 -7.25 30.22
C ALA A 166 23.30 -8.65 30.32
N ALA A 167 22.54 -9.63 30.82
CA ALA A 167 23.04 -11.00 30.87
C ALA A 167 23.30 -11.57 29.48
N GLN A 168 22.39 -11.32 28.52
CA GLN A 168 22.58 -11.83 27.15
C GLN A 168 23.89 -11.32 26.53
N ARG A 169 24.18 -10.02 26.68
CA ARG A 169 25.44 -9.49 26.17
C ARG A 169 26.63 -10.13 26.88
N GLN A 170 26.45 -10.53 28.14
CA GLN A 170 27.54 -11.16 28.86
C GLN A 170 27.93 -12.49 28.22
N MET A 171 27.00 -13.14 27.50
CA MET A 171 27.26 -14.37 26.76
C MET A 171 28.01 -14.13 25.43
N PHE A 172 28.47 -12.91 25.14
CA PHE A 172 29.17 -12.62 23.89
C PHE A 172 30.34 -11.67 24.17
N SER A 173 31.29 -11.65 23.24
CA SER A 173 32.44 -10.76 23.30
C SER A 173 32.77 -10.23 21.91
N GLY A 174 33.53 -9.13 21.89
CA GLY A 174 33.88 -8.55 20.60
C GLY A 174 34.41 -7.14 20.63
N PHE A 175 34.03 -6.35 21.63
CA PHE A 175 34.47 -4.97 21.74
C PHE A 175 33.98 -4.41 23.05
N ASP A 176 34.70 -3.40 23.55
CA ASP A 176 34.59 -3.04 24.96
C ASP A 176 33.19 -2.55 25.31
N ALA A 177 32.58 -1.74 24.44
CA ALA A 177 31.32 -1.09 24.80
C ALA A 177 30.21 -2.08 25.08
N LEU A 178 30.33 -3.31 24.56
CA LEU A 178 29.32 -4.34 24.76
C LEU A 178 29.02 -4.52 26.25
N HIS A 179 30.06 -4.57 27.09
CA HIS A 179 29.88 -4.78 28.53
C HIS A 179 30.14 -3.52 29.36
N ARG A 180 30.03 -2.34 28.77
CA ARG A 180 30.15 -1.12 29.56
C ARG A 180 28.83 -0.80 30.23
N PHE A 181 28.85 0.21 31.08
CA PHE A 181 27.65 0.74 31.70
C PHE A 181 27.18 1.92 30.86
N HIS A 182 25.88 1.95 30.56
CA HIS A 182 25.35 2.91 29.60
C HIS A 182 24.15 3.68 30.12
N ILE A 183 23.61 3.34 31.28
CA ILE A 183 22.43 4.05 31.78
C ILE A 183 22.83 5.44 32.27
N GLY A 184 23.95 5.54 32.98
CA GLY A 184 24.35 6.77 33.61
C GLY A 184 23.86 6.88 35.04
N SER A 185 24.48 7.80 35.78
CA SER A 185 24.32 7.89 37.23
C SER A 185 24.92 9.20 37.71
N ARG A 186 24.43 9.68 38.87
CA ARG A 186 25.09 10.79 39.56
C ARG A 186 26.59 10.56 39.65
N ALA A 187 26.99 9.33 40.00
CA ALA A 187 28.40 8.97 40.05
C ALA A 187 29.08 9.15 38.70
N ALA A 188 28.51 8.55 37.63
CA ALA A 188 29.20 8.51 36.35
C ALA A 188 29.27 9.89 35.72
N PHE A 189 28.19 10.67 35.82
CA PHE A 189 28.16 11.98 35.21
C PHE A 189 29.19 12.91 35.84
N GLY A 190 29.36 12.84 37.16
CA GLY A 190 30.41 13.58 37.83
C GLY A 190 29.95 14.91 38.33
N SER A 191 30.89 15.63 38.94
CA SER A 191 30.57 16.90 39.58
C SER A 191 30.91 18.11 38.71
N ASP A 192 31.77 17.94 37.71
CA ASP A 192 32.23 19.04 36.84
C ASP A 192 31.24 19.25 35.69
N ILE A 193 30.15 20.00 35.99
CA ILE A 193 29.03 20.10 35.06
C ILE A 193 29.43 20.79 33.77
N SER A 194 30.35 21.74 33.83
CA SER A 194 30.78 22.36 32.58
C SER A 194 31.58 21.40 31.71
N ALA A 195 32.22 20.40 32.30
CA ALA A 195 32.91 19.42 31.47
C ALA A 195 31.96 18.38 30.89
N LEU A 196 30.88 18.08 31.62
CA LEU A 196 29.81 17.23 31.08
C LEU A 196 29.18 17.89 29.86
N GLN A 197 28.88 19.18 29.96
CA GLN A 197 28.25 19.94 28.88
C GLN A 197 29.15 20.04 27.64
N GLN A 198 30.47 20.12 27.82
CA GLN A 198 31.31 20.08 26.63
C GLN A 198 31.28 18.71 25.98
N ALA A 199 31.07 17.66 26.78
CA ALA A 199 31.08 16.29 26.27
C ALA A 199 29.81 16.01 25.46
N LEU A 200 28.64 16.30 26.04
CA LEU A 200 27.40 16.31 25.29
C LEU A 200 27.59 16.98 23.93
N ARG A 201 28.02 18.23 23.97
CA ARG A 201 28.02 19.04 22.77
C ARG A 201 29.01 18.54 21.73
N GLN A 202 30.14 17.95 22.15
CA GLN A 202 30.96 17.26 21.16
C GLN A 202 30.23 16.04 20.61
N PHE A 203 29.48 15.34 21.47
CA PHE A 203 28.79 14.14 21.02
C PHE A 203 27.73 14.49 19.98
N HIS A 204 26.78 15.37 20.36
CA HIS A 204 25.83 15.97 19.43
C HIS A 204 26.52 16.49 18.17
N HIS A 205 27.46 17.43 18.31
CA HIS A 205 28.02 18.04 17.12
C HIS A 205 28.69 17.02 16.20
N HIS A 206 29.15 15.90 16.75
CA HIS A 206 29.81 14.88 15.93
C HIS A 206 28.80 13.98 15.21
N TYR A 207 27.78 13.46 15.93
CA TYR A 207 26.86 12.47 15.37
C TYR A 207 25.57 13.05 14.80
N TYR A 208 25.09 14.20 15.26
CA TYR A 208 23.80 14.75 14.82
C TYR A 208 23.98 15.68 13.60
N ARG A 209 24.41 15.07 12.49
CA ARG A 209 24.46 15.74 11.20
C ARG A 209 23.63 14.96 10.17
N ALA A 210 23.09 15.72 9.21
CA ALA A 210 22.21 15.16 8.17
C ALA A 210 22.76 13.92 7.48
N PRO A 211 24.02 13.86 7.04
CA PRO A 211 24.49 12.61 6.42
C PRO A 211 24.42 11.41 7.34
N ASN A 212 24.10 11.60 8.62
CA ASN A 212 24.00 10.53 9.59
C ASN A 212 22.57 10.30 10.06
N MET A 213 21.59 10.87 9.36
CA MET A 213 20.20 10.89 9.79
C MET A 213 19.29 10.40 8.65
N THR A 214 18.22 9.74 9.03
CA THR A 214 17.17 9.33 8.11
C THR A 214 15.86 9.85 8.64
N LEU A 215 15.08 10.48 7.78
CA LEU A 215 13.81 11.04 8.18
C LEU A 215 12.70 10.23 7.54
N TRP A 216 11.79 9.72 8.38
CA TRP A 216 10.57 9.06 7.93
C TRP A 216 9.39 9.99 8.19
N LEU A 217 8.53 10.16 7.18
CA LEU A 217 7.29 10.93 7.28
C LEU A 217 6.16 10.07 6.74
N GLN A 218 5.01 10.04 7.45
CA GLN A 218 3.87 9.26 7.01
C GLN A 218 2.58 9.99 7.35
N GLY A 219 1.78 10.33 6.35
CA GLY A 219 0.53 11.02 6.59
C GLY A 219 -0.42 10.98 5.41
N PRO A 220 -1.59 11.60 5.55
CA PRO A 220 -2.54 11.67 4.43
C PRO A 220 -2.11 12.63 3.34
N GLN A 221 -1.08 13.44 3.61
CA GLN A 221 -0.52 14.36 2.63
C GLN A 221 -0.09 13.63 1.37
N SER A 222 -0.16 14.34 0.25
CA SER A 222 0.37 13.83 -0.99
C SER A 222 1.89 13.66 -0.90
N LEU A 223 2.43 12.75 -1.70
CA LEU A 223 3.88 12.60 -1.78
C LEU A 223 4.55 13.93 -2.06
N GLU A 224 3.92 14.77 -2.88
CA GLU A 224 4.49 16.05 -3.24
C GLU A 224 4.51 16.99 -2.03
N GLN A 225 3.49 16.90 -1.18
CA GLN A 225 3.46 17.70 0.04
C GLN A 225 4.50 17.21 1.03
N LEU A 226 4.54 15.89 1.30
CA LEU A 226 5.56 15.32 2.16
C LEU A 226 6.97 15.64 1.67
N HIS A 227 7.18 15.59 0.35
CA HIS A 227 8.47 16.00 -0.21
C HIS A 227 8.77 17.46 0.10
N ALA A 228 7.77 18.32 -0.02
CA ALA A 228 7.99 19.73 0.25
C ALA A 228 8.35 19.95 1.72
N LEU A 229 7.61 19.29 2.64
CA LEU A 229 7.90 19.38 4.06
C LEU A 229 9.29 18.88 4.39
N ALA A 230 9.67 17.74 3.81
CA ALA A 230 11.00 17.19 4.05
C ALA A 230 12.09 18.15 3.61
N GLN A 231 11.87 18.83 2.49
CA GLN A 231 12.83 19.84 2.05
C GLN A 231 12.88 21.00 3.04
N ARG A 232 11.71 21.50 3.46
CA ARG A 232 11.64 22.69 4.30
C ARG A 232 12.35 22.48 5.62
N TYR A 233 11.98 21.42 6.35
CA TYR A 233 12.47 21.21 7.70
C TYR A 233 13.68 20.30 7.79
N GLY A 234 13.85 19.39 6.83
CA GLY A 234 15.00 18.50 6.88
C GLY A 234 16.24 19.14 6.31
N GLY A 235 16.06 20.12 5.45
CA GLY A 235 17.17 20.92 4.96
C GLY A 235 17.76 21.86 6.00
N GLY A 236 17.08 22.05 7.13
CA GLY A 236 17.64 22.87 8.18
C GLY A 236 18.39 22.06 9.23
N LEU A 237 19.06 20.98 8.81
CA LEU A 237 19.82 20.12 9.69
C LEU A 237 21.30 20.23 9.35
N PRO A 238 22.20 20.03 10.33
CA PRO A 238 23.63 20.31 10.12
C PRO A 238 24.23 19.45 9.01
N SER A 239 25.29 19.95 8.38
CA SER A 239 25.94 19.22 7.30
C SER A 239 27.40 18.90 7.63
N GLY A 240 28.10 18.32 6.65
CA GLY A 240 29.48 17.88 6.75
C GLY A 240 29.53 16.44 7.21
N SER A 241 30.37 15.59 6.63
CA SER A 241 30.36 14.17 7.02
C SER A 241 31.62 13.72 7.77
N GLU A 246 33.16 4.96 10.94
CA GLU A 246 33.16 4.15 12.16
C GLU A 246 32.61 2.72 11.94
N THR A 247 33.23 1.75 12.61
CA THR A 247 32.74 0.37 12.59
C THR A 247 32.96 -0.27 13.95
N LEU A 248 32.20 -1.33 14.20
CA LEU A 248 32.39 -2.18 15.35
C LEU A 248 32.53 -3.63 14.89
N PRO A 249 33.43 -4.39 15.50
CA PRO A 249 33.70 -5.77 15.04
C PRO A 249 32.58 -6.71 15.44
N PRO A 250 32.39 -7.81 14.71
CA PRO A 250 31.26 -8.70 15.00
C PRO A 250 31.46 -9.42 16.33
N LEU A 251 30.41 -10.14 16.75
CA LEU A 251 30.31 -10.69 18.09
C LEU A 251 30.64 -12.18 18.11
N ALA A 252 31.42 -12.60 19.10
CA ALA A 252 31.75 -14.01 19.34
C ALA A 252 30.93 -14.58 20.48
N ALA A 253 30.48 -15.82 20.30
CA ALA A 253 29.74 -16.51 21.35
C ALA A 253 30.69 -16.87 22.50
N GLY A 254 30.16 -16.81 23.72
CA GLY A 254 30.96 -17.10 24.91
C GLY A 254 30.39 -18.21 25.78
N GLN A 255 29.81 -17.85 26.93
CA GLN A 255 29.26 -18.80 27.88
C GLN A 255 27.74 -18.78 27.87
N ASP A 256 27.12 -19.94 28.12
CA ASP A 256 25.73 -19.95 28.54
C ASP A 256 25.63 -19.49 30.00
N TYR A 257 24.44 -19.07 30.43
CA TYR A 257 24.29 -18.59 31.80
C TYR A 257 22.91 -18.91 32.36
N THR A 258 22.84 -18.88 33.69
CA THR A 258 21.58 -18.83 34.42
C THR A 258 21.58 -17.51 35.18
N LEU A 259 20.53 -16.72 34.98
CA LEU A 259 20.36 -15.46 35.69
C LEU A 259 19.20 -15.64 36.65
N SER A 260 19.40 -15.20 37.90
CA SER A 260 18.43 -15.36 38.98
C SER A 260 17.64 -14.07 39.14
N LEU A 261 16.34 -14.14 38.87
CA LEU A 261 15.49 -12.98 39.02
C LEU A 261 14.12 -13.41 39.51
N PRO A 262 13.45 -12.56 40.28
CA PRO A 262 12.04 -12.82 40.58
C PRO A 262 11.20 -12.76 39.30
N GLY A 263 10.28 -13.69 39.18
CA GLY A 263 9.34 -13.69 38.07
C GLY A 263 9.26 -15.06 37.41
N ALA A 264 8.33 -15.16 36.48
CA ALA A 264 8.12 -16.44 35.84
C ALA A 264 9.40 -16.86 35.12
N PRO A 265 9.80 -18.12 35.18
CA PRO A 265 11.05 -18.52 34.54
C PRO A 265 10.97 -18.34 33.03
N GLN A 266 12.12 -18.02 32.44
CA GLN A 266 12.25 -17.87 31.01
C GLN A 266 13.38 -18.74 30.50
N LEU A 267 13.36 -19.01 29.21
CA LEU A 267 14.53 -19.47 28.47
C LEU A 267 14.72 -18.53 27.29
N ARG A 268 15.95 -18.06 27.08
CA ARG A 268 16.27 -17.12 26.02
C ARG A 268 17.39 -17.70 25.17
N LEU A 269 17.08 -18.04 23.91
CA LEU A 269 18.05 -18.57 22.96
C LEU A 269 18.51 -17.43 22.04
N VAL A 270 19.80 -17.10 22.08
CA VAL A 270 20.32 -15.89 21.45
C VAL A 270 21.33 -16.26 20.36
N PHE A 271 20.98 -15.92 19.13
CA PHE A 271 21.81 -16.16 17.96
C PHE A 271 22.54 -14.86 17.61
N THR A 272 23.86 -14.96 17.34
CA THR A 272 24.63 -13.81 16.87
C THR A 272 24.74 -13.89 15.36
N LEU A 273 24.23 -12.86 14.68
CA LEU A 273 23.98 -12.74 13.24
C LEU A 273 24.72 -11.55 12.63
N PRO A 274 25.08 -11.63 11.35
CA PRO A 274 25.36 -10.41 10.58
C PRO A 274 24.13 -9.51 10.54
N HIS A 275 24.36 -8.21 10.49
CA HIS A 275 23.28 -7.25 10.34
C HIS A 275 23.17 -6.90 8.86
N CYS A 276 22.26 -7.58 8.17
CA CYS A 276 21.98 -7.43 6.75
C CYS A 276 20.99 -6.29 6.50
N ARG A 277 20.92 -5.89 5.23
CA ARG A 277 20.09 -4.76 4.84
C ARG A 277 18.61 -5.13 4.71
N SER A 278 18.30 -6.33 4.28
CA SER A 278 16.91 -6.77 4.25
C SER A 278 16.67 -7.65 5.47
N ARG A 279 15.76 -7.21 6.32
CA ARG A 279 15.42 -7.87 7.56
C ARG A 279 13.93 -8.17 7.65
N GLY A 280 13.17 -7.88 6.59
CA GLY A 280 11.75 -8.17 6.58
C GLY A 280 11.44 -9.65 6.70
N TRP A 281 12.38 -10.51 6.33
CA TRP A 281 12.19 -11.93 6.54
C TRP A 281 12.03 -12.23 8.02
N LEU A 282 12.59 -11.39 8.89
CA LEU A 282 12.38 -11.55 10.32
C LEU A 282 10.94 -11.32 10.71
N ARG A 283 10.24 -10.38 10.07
CA ARG A 283 8.83 -10.23 10.37
C ARG A 283 8.03 -11.49 10.00
N ARG A 284 8.36 -12.18 8.89
CA ARG A 284 7.66 -13.41 8.53
C ARG A 284 7.93 -14.52 9.55
N LEU A 285 9.20 -14.72 9.90
CA LEU A 285 9.61 -15.59 11.00
C LEU A 285 8.81 -15.30 12.26
N GLU A 286 8.58 -14.02 12.57
CA GLU A 286 7.84 -13.71 13.78
C GLU A 286 6.39 -14.13 13.67
N ARG A 287 5.74 -13.85 12.53
CA ARG A 287 4.36 -14.29 12.35
C ARG A 287 4.25 -15.79 12.52
N LEU A 288 5.27 -16.53 12.07
CA LEU A 288 5.24 -17.98 12.20
C LEU A 288 5.52 -18.38 13.65
N LEU A 289 6.47 -17.70 14.28
CA LEU A 289 6.87 -18.00 15.65
C LEU A 289 5.71 -17.81 16.63
N LEU A 290 4.92 -16.77 16.43
CA LEU A 290 3.85 -16.42 17.36
C LEU A 290 2.53 -17.08 17.04
N ASP A 291 2.48 -17.88 15.97
CA ASP A 291 1.26 -18.52 15.52
C ASP A 291 0.82 -19.57 16.55
N ASP A 292 -0.44 -19.48 17.00
CA ASP A 292 -0.96 -20.40 17.99
C ASP A 292 -1.52 -21.69 17.39
N ALA A 293 -1.49 -21.87 16.07
CA ALA A 293 -2.16 -23.00 15.45
C ALA A 293 -1.56 -24.33 15.92
N PRO A 294 -2.39 -25.39 15.99
CA PRO A 294 -1.82 -26.72 16.18
C PRO A 294 -0.94 -27.07 15.00
N GLY A 295 0.13 -27.80 15.27
CA GLY A 295 1.14 -28.08 14.28
C GLY A 295 2.38 -27.20 14.36
N GLY A 296 2.31 -26.06 15.04
CA GLY A 296 3.41 -25.14 15.15
C GLY A 296 4.14 -25.24 16.48
N LEU A 297 4.89 -24.19 16.82
CA LEU A 297 5.83 -24.30 17.92
C LEU A 297 5.21 -24.03 19.28
N LEU A 298 4.41 -22.97 19.42
CA LEU A 298 3.74 -22.73 20.69
C LEU A 298 2.82 -23.89 21.07
N ALA A 299 2.01 -24.37 20.11
CA ALA A 299 1.09 -25.47 20.39
C ALA A 299 1.84 -26.69 20.93
N ARG A 300 3.04 -26.94 20.42
CA ARG A 300 3.82 -28.08 20.87
C ARG A 300 4.36 -27.85 22.29
N LEU A 301 4.83 -26.63 22.58
CA LEU A 301 5.29 -26.35 23.94
C LEU A 301 4.15 -26.46 24.93
N ARG A 302 2.95 -26.05 24.54
CA ARG A 302 1.83 -26.06 25.46
C ARG A 302 1.29 -27.48 25.65
N ALA A 303 1.28 -28.29 24.59
CA ALA A 303 0.81 -29.65 24.71
C ALA A 303 1.63 -30.48 25.67
N HIS A 304 2.90 -30.12 25.85
CA HIS A 304 3.81 -30.81 26.75
C HIS A 304 4.08 -30.03 28.02
N ALA A 305 3.43 -28.88 28.19
CA ALA A 305 3.65 -28.00 29.33
C ALA A 305 5.14 -27.75 29.53
N TRP A 306 5.82 -27.41 28.43
CA TRP A 306 7.18 -26.92 28.45
C TRP A 306 7.26 -25.40 28.57
N GLY A 307 6.22 -24.71 28.13
CA GLY A 307 6.16 -23.26 28.20
C GLY A 307 4.94 -22.77 27.47
N ASP A 308 4.75 -21.44 27.54
CA ASP A 308 3.47 -20.82 27.23
C ASP A 308 3.53 -19.59 26.35
N ALA A 309 4.70 -19.03 26.07
CA ALA A 309 4.74 -17.82 25.30
C ALA A 309 6.12 -17.75 24.66
N VAL A 310 6.24 -16.90 23.64
CA VAL A 310 7.53 -16.62 23.05
C VAL A 310 7.46 -15.23 22.43
N ARG A 311 8.62 -14.61 22.30
CA ARG A 311 8.71 -13.42 21.51
C ARG A 311 10.12 -13.30 20.94
N LEU A 312 10.23 -12.43 19.94
CA LEU A 312 11.42 -12.32 19.14
C LEU A 312 12.08 -11.00 19.49
N GLY A 313 13.35 -11.03 19.80
CA GLY A 313 14.12 -9.82 20.03
C GLY A 313 15.18 -9.69 18.96
N TYR A 314 15.40 -8.48 18.49
CA TYR A 314 16.44 -8.21 17.51
C TYR A 314 17.19 -6.95 17.92
N ALA A 315 18.51 -7.06 18.07
CA ALA A 315 19.31 -5.92 18.50
C ALA A 315 20.50 -5.74 17.58
N ARG A 316 20.48 -4.65 16.80
CA ARG A 316 21.67 -4.26 16.05
C ARG A 316 22.79 -3.98 17.04
N CYS A 317 23.99 -4.48 16.75
CA CYS A 317 25.14 -4.29 17.64
C CYS A 317 26.30 -3.57 16.97
N GLY A 318 26.22 -3.37 15.66
CA GLY A 318 27.28 -2.81 14.85
C GLY A 318 26.89 -2.99 13.40
N GLU A 319 27.79 -2.59 12.51
CA GLU A 319 27.44 -2.56 11.10
C GLU A 319 27.18 -3.96 10.56
N ASN A 320 27.94 -4.96 11.02
CA ASN A 320 27.69 -6.35 10.62
C ASN A 320 27.70 -7.25 11.85
N SER A 321 26.83 -6.89 12.81
CA SER A 321 26.66 -7.70 14.01
C SER A 321 25.29 -7.44 14.63
N ALA A 322 24.54 -8.52 14.84
CA ALA A 322 23.25 -8.43 15.50
C ALA A 322 23.07 -9.61 16.45
N LEU A 323 22.18 -9.42 17.43
CA LEU A 323 21.68 -10.51 18.25
C LEU A 323 20.19 -10.69 17.97
N LEU A 324 19.82 -11.92 17.61
CA LEU A 324 18.43 -12.33 17.46
C LEU A 324 18.14 -13.27 18.62
N SER A 325 17.13 -12.96 19.42
CA SER A 325 16.87 -13.74 20.62
C SER A 325 15.43 -14.24 20.64
N PHE A 326 15.27 -15.55 20.82
CA PHE A 326 13.97 -16.18 21.04
C PHE A 326 13.70 -16.29 22.54
N ILE A 327 12.66 -15.60 23.03
CA ILE A 327 12.46 -15.36 24.45
C ILE A 327 11.20 -16.11 24.90
N PHE A 328 11.41 -17.28 25.51
CA PHE A 328 10.33 -18.18 25.93
C PHE A 328 10.00 -17.96 27.40
N THR A 329 8.71 -17.81 27.71
CA THR A 329 8.20 -17.98 29.06
C THR A 329 8.02 -19.47 29.31
N VAL A 330 8.83 -20.06 30.18
CA VAL A 330 8.77 -21.51 30.36
C VAL A 330 7.91 -21.89 31.57
N ASN A 331 7.71 -23.18 31.78
CA ASN A 331 6.83 -23.67 32.86
C ASN A 331 7.65 -23.94 34.12
N HIS A 332 8.43 -25.03 34.09
CA HIS A 332 9.23 -25.44 35.24
C HIS A 332 10.63 -24.86 35.24
N GLY A 333 11.29 -24.78 34.09
CA GLY A 333 12.63 -24.24 34.11
C GLY A 333 13.67 -25.28 34.45
N SER A 334 13.33 -26.56 34.29
CA SER A 334 14.28 -27.63 34.50
C SER A 334 15.25 -27.73 33.33
N ALA A 335 16.38 -28.35 33.60
CA ALA A 335 17.33 -28.60 32.54
C ALA A 335 16.69 -29.41 31.43
N SER A 336 15.75 -30.29 31.80
CA SER A 336 15.11 -31.13 30.80
C SER A 336 14.12 -30.34 29.97
N GLU A 337 13.51 -29.31 30.57
CA GLU A 337 12.55 -28.51 29.83
C GLU A 337 13.26 -27.61 28.82
N ALA A 338 14.30 -26.92 29.28
CA ALA A 338 15.09 -26.08 28.39
C ALA A 338 15.60 -26.86 27.19
N ALA A 339 15.98 -28.13 27.39
CA ALA A 339 16.50 -28.88 26.26
C ALA A 339 15.40 -29.40 25.36
N HIS A 340 14.17 -29.54 25.86
CA HIS A 340 13.07 -29.86 24.97
C HIS A 340 12.72 -28.67 24.09
N ILE A 341 12.84 -27.45 24.64
CA ILE A 341 12.43 -26.25 23.91
C ILE A 341 13.42 -25.95 22.80
N GLU A 342 14.73 -26.06 23.10
CA GLU A 342 15.75 -25.92 22.07
C GLU A 342 15.61 -27.00 21.00
N SER A 343 15.36 -28.24 21.41
CA SER A 343 15.17 -29.31 20.42
C SER A 343 13.99 -29.00 19.52
N ALA A 344 12.91 -28.44 20.08
CA ALA A 344 11.75 -28.07 19.28
C ALA A 344 12.07 -26.90 18.34
N LEU A 345 12.79 -25.88 18.83
CA LEU A 345 13.05 -24.70 18.01
C LEU A 345 13.88 -25.05 16.78
N LEU A 346 14.98 -25.77 16.99
CA LEU A 346 15.83 -26.22 15.89
C LEU A 346 15.04 -27.07 14.88
N ALA A 347 14.22 -28.00 15.37
CA ALA A 347 13.40 -28.80 14.47
C ALA A 347 12.44 -27.93 13.68
N TRP A 348 11.85 -26.93 14.37
CA TRP A 348 10.87 -26.04 13.75
C TRP A 348 11.53 -25.15 12.69
N LEU A 349 12.72 -24.60 13.01
CA LEU A 349 13.47 -23.82 12.01
C LEU A 349 13.76 -24.67 10.77
N GLN A 350 14.11 -25.94 10.97
CA GLN A 350 14.23 -26.87 9.85
C GLN A 350 12.90 -27.05 9.13
N ALA A 351 11.78 -27.00 9.86
CA ALA A 351 10.47 -27.15 9.23
C ALA A 351 10.18 -26.00 8.27
N LEU A 352 10.47 -24.76 8.69
CA LEU A 352 10.26 -23.57 7.88
C LEU A 352 11.01 -23.63 6.55
N ASN A 353 12.06 -24.45 6.47
CA ASN A 353 12.74 -24.70 5.20
C ASN A 353 11.78 -25.19 4.13
N ALA A 354 10.80 -25.98 4.53
CA ALA A 354 9.94 -26.63 3.56
C ALA A 354 8.80 -25.74 3.11
N LEU A 355 8.60 -24.58 3.71
CA LEU A 355 7.45 -23.76 3.33
C LEU A 355 7.45 -23.50 1.82
N THR A 356 6.31 -23.76 1.18
CA THR A 356 6.18 -23.52 -0.25
C THR A 356 6.08 -22.03 -0.56
N PRO A 357 6.31 -21.66 -1.82
CA PRO A 357 6.13 -20.24 -2.16
C PRO A 357 4.76 -19.70 -1.80
N GLY A 358 3.71 -20.52 -1.90
CA GLY A 358 2.39 -20.09 -1.45
C GLY A 358 2.32 -19.87 0.05
N GLN A 359 2.99 -20.71 0.82
CA GLN A 359 3.01 -20.53 2.27
C GLN A 359 3.85 -19.31 2.64
N LEU A 360 4.98 -19.12 1.96
CA LEU A 360 5.77 -17.92 2.21
C LEU A 360 4.99 -16.67 1.86
N ALA A 361 4.15 -16.75 0.82
CA ALA A 361 3.41 -15.55 0.43
C ALA A 361 2.22 -15.32 1.35
N HIS A 362 1.59 -16.40 1.81
CA HIS A 362 0.51 -16.30 2.76
C HIS A 362 0.97 -15.76 4.12
N PHE A 363 2.08 -16.30 4.65
CA PHE A 363 2.50 -15.82 5.97
C PHE A 363 3.16 -14.45 5.90
N GLY A 364 3.92 -14.18 4.82
CA GLY A 364 4.53 -12.87 4.68
C GLY A 364 3.52 -11.76 4.60
N GLN A 365 2.40 -12.00 3.89
CA GLN A 365 1.38 -10.98 3.74
C GLN A 365 0.46 -10.90 4.96
N LEU A 366 0.21 -12.04 5.59
CA LEU A 366 -0.39 -12.03 6.92
C LEU A 366 0.45 -11.20 7.88
N ALA A 367 1.77 -11.39 7.85
CA ALA A 367 2.68 -10.61 8.68
C ALA A 367 2.54 -9.12 8.40
N ASN A 368 2.55 -8.73 7.13
CA ASN A 368 2.46 -7.31 6.77
C ASN A 368 1.12 -6.74 7.16
N ARG A 369 0.10 -7.56 7.25
CA ARG A 369 -1.19 -7.05 7.65
C ARG A 369 -1.20 -6.68 9.13
N ASP A 370 -0.49 -7.44 9.96
CA ASP A 370 -0.34 -7.03 11.35
C ASP A 370 0.52 -5.77 11.45
N PHE A 371 1.49 -5.61 10.55
CA PHE A 371 2.24 -4.37 10.49
C PHE A 371 1.32 -3.19 10.18
N HIS A 372 0.40 -3.38 9.24
CA HIS A 372 -0.44 -2.28 8.78
C HIS A 372 -1.58 -1.98 9.73
N ARG A 373 -1.85 -2.83 10.73
CA ARG A 373 -2.79 -2.51 11.79
C ARG A 373 -2.20 -1.57 12.82
N LEU A 374 -0.87 -1.52 12.92
CA LEU A 374 -0.21 -0.58 13.82
C LEU A 374 -0.56 0.86 13.47
N ALA A 375 -0.46 1.72 14.48
CA ALA A 375 -0.59 3.15 14.27
C ALA A 375 0.65 3.68 13.54
N PRO A 376 0.51 4.79 12.82
CA PRO A 376 1.64 5.36 12.08
C PRO A 376 2.92 5.37 12.87
N LEU A 377 2.85 5.91 14.10
CA LEU A 377 4.04 6.02 14.94
C LEU A 377 4.77 4.69 15.05
N ASP A 378 4.02 3.60 15.27
CA ASP A 378 4.63 2.31 15.50
C ASP A 378 5.11 1.63 14.23
N GLN A 379 4.49 1.93 13.07
CA GLN A 379 5.06 1.47 11.79
C GLN A 379 6.42 2.09 11.55
N LEU A 380 6.53 3.40 11.79
CA LEU A 380 7.81 4.08 11.62
C LEU A 380 8.85 3.53 12.60
N ARG A 381 8.45 3.22 13.84
CA ARG A 381 9.39 2.62 14.79
C ARG A 381 9.91 1.28 14.26
N ALA A 382 9.00 0.43 13.76
CA ALA A 382 9.35 -0.85 13.16
C ALA A 382 10.30 -0.66 11.99
N ARG A 383 9.95 0.22 11.04
CA ARG A 383 10.85 0.45 9.91
C ARG A 383 12.23 0.85 10.38
N ALA A 384 12.31 1.79 11.33
CA ALA A 384 13.60 2.39 11.66
C ALA A 384 14.42 1.52 12.59
N LEU A 385 13.77 0.93 13.61
CA LEU A 385 14.47 0.21 14.69
C LEU A 385 14.02 -1.23 14.90
N GLY A 386 12.91 -1.67 14.31
CA GLY A 386 12.37 -2.99 14.53
C GLY A 386 12.30 -3.85 13.28
N LEU A 387 11.22 -4.62 13.13
CA LEU A 387 11.08 -5.54 12.00
C LEU A 387 10.36 -4.85 10.84
N PRO A 388 11.06 -4.58 9.73
CA PRO A 388 10.43 -3.96 8.54
C PRO A 388 9.34 -4.83 7.92
N PRO A 389 8.60 -4.29 6.94
CA PRO A 389 7.60 -5.12 6.26
C PRO A 389 8.24 -6.20 5.40
N THR A 390 7.51 -7.27 5.25
CA THR A 390 7.97 -8.42 4.48
C THR A 390 7.93 -8.14 2.97
N GLU A 391 8.93 -8.67 2.25
CA GLU A 391 8.95 -8.71 0.80
C GLU A 391 8.83 -10.15 0.31
N GLN A 392 8.07 -10.36 -0.78
CA GLN A 392 7.71 -11.71 -1.15
C GLN A 392 8.81 -12.48 -1.92
N HIS A 393 9.98 -11.87 -2.23
CA HIS A 393 11.10 -12.60 -2.85
C HIS A 393 12.42 -12.30 -2.09
N ASP A 394 12.61 -12.92 -0.91
CA ASP A 394 13.70 -12.52 -0.01
C ASP A 394 14.65 -13.64 0.36
N ASP A 395 14.82 -14.66 -0.49
CA ASP A 395 15.82 -15.73 -0.26
C ASP A 395 15.65 -16.37 1.13
N TRP A 396 14.39 -16.55 1.51
CA TRP A 396 13.98 -17.19 2.75
C TRP A 396 14.94 -18.26 3.22
N THR A 397 15.18 -19.27 2.38
CA THR A 397 16.02 -20.36 2.85
C THR A 397 17.47 -19.94 3.03
N ARG A 398 17.93 -18.89 2.37
CA ARG A 398 19.31 -18.52 2.62
C ARG A 398 19.44 -17.85 3.98
N GLN A 399 18.41 -17.11 4.38
CA GLN A 399 18.47 -16.42 5.66
C GLN A 399 18.17 -17.39 6.82
N LEU A 400 17.30 -18.36 6.59
CA LEU A 400 17.14 -19.46 7.53
C LEU A 400 18.41 -20.29 7.65
N ALA A 401 19.10 -20.48 6.53
CA ALA A 401 20.35 -21.20 6.60
C ALA A 401 21.42 -20.38 7.32
N MET A 402 21.39 -19.06 7.15
CA MET A 402 22.26 -18.16 7.92
C MET A 402 21.96 -18.26 9.41
N LEU A 403 20.68 -18.38 9.78
CA LEU A 403 20.34 -18.43 11.20
C LEU A 403 20.71 -19.76 11.83
N MET A 404 20.37 -20.88 11.17
CA MET A 404 20.64 -22.21 11.72
C MET A 404 22.15 -22.50 11.80
N ALA A 405 22.96 -21.78 11.06
CA ALA A 405 24.40 -21.94 11.16
C ALA A 405 25.04 -20.94 12.11
N ALA A 406 24.24 -20.06 12.77
CA ALA A 406 24.83 -19.03 13.62
C ALA A 406 25.20 -19.58 15.00
N PRO A 407 26.25 -19.05 15.62
CA PRO A 407 26.51 -19.41 17.03
C PRO A 407 25.40 -18.92 17.92
N ARG A 408 25.12 -19.71 18.95
CA ARG A 408 23.97 -19.48 19.81
C ARG A 408 24.35 -19.83 21.24
N ARG A 409 23.76 -19.08 22.18
CA ARG A 409 24.00 -19.21 23.61
C ARG A 409 22.66 -19.17 24.33
N ARG A 410 22.60 -19.79 25.51
CA ARG A 410 21.36 -19.97 26.28
C ARG A 410 21.41 -19.22 27.59
N LEU A 411 20.34 -18.49 27.88
CA LEU A 411 20.14 -17.77 29.14
C LEU A 411 18.86 -18.33 29.76
N ALA A 412 19.01 -19.20 30.76
CA ALA A 412 17.89 -19.54 31.62
C ALA A 412 17.71 -18.45 32.66
N VAL A 413 16.47 -18.07 32.91
CA VAL A 413 16.14 -17.08 33.92
C VAL A 413 15.23 -17.76 34.96
N LEU A 414 15.73 -17.90 36.17
CA LEU A 414 14.99 -18.63 37.19
C LEU A 414 14.86 -17.81 38.46
N PRO A 415 13.81 -18.06 39.24
CA PRO A 415 13.67 -17.37 40.54
C PRO A 415 14.81 -17.63 41.52
N GLU A 416 15.41 -18.82 41.51
CA GLU A 416 16.61 -19.13 42.29
C GLU A 416 17.51 -20.00 41.42
N GLY A 417 18.66 -19.47 41.01
CA GLY A 417 19.53 -20.21 40.10
C GLY A 417 20.98 -20.38 40.54
N GLY A 418 21.33 -19.92 41.74
CA GLY A 418 22.68 -20.10 42.22
C GLY A 418 23.58 -18.96 41.82
N GLY A 419 24.86 -19.10 42.18
CA GLY A 419 25.80 -18.00 42.08
C GLY A 419 25.44 -16.88 43.04
N GLU A 420 26.25 -15.82 42.98
CA GLU A 420 26.00 -14.66 43.81
C GLU A 420 26.17 -13.38 43.02
N THR A 421 25.38 -12.38 43.41
CA THR A 421 25.31 -11.12 42.70
C THR A 421 26.69 -10.53 42.47
N ARG A 422 26.78 -9.72 41.41
CA ARG A 422 28.01 -9.13 40.91
C ARG A 422 27.61 -7.94 40.06
N GLU A 423 28.49 -6.94 40.01
CA GLU A 423 28.19 -5.69 39.32
C GLU A 423 28.73 -5.79 37.90
N ILE A 424 27.81 -5.82 36.94
CA ILE A 424 28.09 -6.10 35.55
C ILE A 424 27.26 -5.11 34.74
N GLN A 425 27.93 -4.29 33.93
CA GLN A 425 27.28 -3.18 33.22
C GLN A 425 26.51 -2.27 34.19
N GLY A 426 27.11 -2.03 35.36
CA GLY A 426 26.49 -1.17 36.36
C GLY A 426 25.18 -1.71 36.90
N LEU A 427 24.94 -3.01 36.74
CA LEU A 427 23.69 -3.65 37.13
C LEU A 427 23.96 -4.84 38.04
N PRO A 428 23.10 -5.10 39.02
CA PRO A 428 23.27 -6.29 39.86
C PRO A 428 22.80 -7.52 39.11
N LEU A 429 23.71 -8.46 38.86
CA LEU A 429 23.37 -9.68 38.14
C LEU A 429 23.90 -10.90 38.87
N THR A 430 23.02 -11.86 39.15
CA THR A 430 23.39 -13.11 39.82
C THR A 430 23.48 -14.17 38.73
N LEU A 431 24.67 -14.33 38.18
CA LEU A 431 24.87 -15.24 37.08
C LEU A 431 25.27 -16.62 37.61
N GLY A 432 24.65 -17.65 37.06
CA GLY A 432 25.02 -18.99 37.40
C GLY A 432 25.37 -19.77 36.16
N PRO A 433 26.00 -20.92 36.32
CA PRO A 433 26.26 -21.78 35.16
C PRO A 433 24.95 -22.31 34.60
N PHE A 434 24.96 -22.58 33.28
CA PHE A 434 23.77 -23.14 32.65
C PHE A 434 23.77 -24.65 32.82
N VAL A 435 22.70 -25.17 33.42
CA VAL A 435 22.55 -26.62 33.58
C VAL A 435 21.96 -27.15 32.27
N GLY A 436 22.75 -27.94 31.54
CA GLY A 436 22.39 -28.30 30.20
C GLY A 436 22.20 -29.79 29.97
N ALA A 437 20.99 -30.19 29.60
CA ALA A 437 20.72 -31.58 29.26
C ALA A 437 21.10 -31.82 27.81
N ALA A 438 20.76 -33.00 27.28
CA ALA A 438 21.06 -33.34 25.90
C ALA A 438 19.81 -33.18 25.05
N LEU A 439 20.01 -32.82 23.78
CA LEU A 439 18.89 -32.66 22.88
C LEU A 439 18.21 -34.00 22.65
N THR A 440 16.93 -33.95 22.32
CA THR A 440 16.18 -35.16 22.07
C THR A 440 16.38 -35.49 20.59
N PRO A 441 17.04 -36.61 20.25
CA PRO A 441 17.73 -36.69 18.93
C PRO A 441 16.82 -36.50 17.72
N THR A 442 15.66 -37.12 17.70
CA THR A 442 14.63 -36.84 16.70
C THR A 442 13.34 -36.55 17.44
N VAL A 443 12.46 -35.78 16.81
CA VAL A 443 11.25 -35.33 17.48
C VAL A 443 10.20 -35.04 16.40
N GLU A 444 8.94 -34.86 16.81
CA GLU A 444 7.82 -34.92 15.88
C GLU A 444 7.79 -33.75 14.89
N PRO A 445 7.25 -33.99 13.67
CA PRO A 445 7.27 -32.96 12.62
C PRO A 445 6.22 -31.87 12.81
N PHE A 446 6.63 -30.63 12.51
CA PHE A 446 5.71 -29.51 12.48
C PHE A 446 4.96 -29.45 11.14
N ARG A 447 3.79 -28.82 11.16
CA ARG A 447 3.00 -28.63 9.95
C ARG A 447 2.39 -27.23 9.97
N PHE A 448 2.18 -26.67 8.79
CA PHE A 448 1.74 -25.31 8.66
C PHE A 448 0.56 -25.22 7.71
N PHE A 449 -0.31 -24.26 7.97
CA PHE A 449 -1.42 -23.93 7.08
C PHE A 449 -0.95 -23.85 5.61
N SER A 450 -1.75 -24.43 4.72
CA SER A 450 -1.45 -24.29 3.29
C SER A 450 -2.72 -23.94 2.52
N ALA A 451 -3.61 -24.90 2.38
CA ALA A 451 -4.86 -24.69 1.66
C ALA A 451 -5.97 -24.34 2.64
N SER A 452 -6.89 -23.48 2.20
CA SER A 452 -8.10 -23.20 2.97
C SER A 452 -9.25 -23.99 2.37
N ALA A 453 -9.80 -24.90 3.16
CA ALA A 453 -11.03 -25.56 2.75
C ALA A 453 -12.21 -24.66 3.08
N ALA A 454 -13.36 -24.98 2.51
CA ALA A 454 -14.58 -24.24 2.77
C ALA A 454 -14.97 -24.35 4.25
N LEU A 455 -15.78 -23.43 4.67
CA LEU A 455 -15.97 -23.43 6.10
C LEU A 455 -17.21 -24.25 6.46
N PRO A 456 -17.10 -25.15 7.43
CA PRO A 456 -18.27 -25.96 7.83
C PRO A 456 -19.47 -25.09 8.17
N ILE A 457 -20.65 -25.56 7.82
CA ILE A 457 -21.90 -24.91 8.19
C ILE A 457 -22.41 -25.57 9.48
N PRO A 458 -22.54 -24.83 10.57
CA PRO A 458 -22.91 -25.46 11.83
C PRO A 458 -24.41 -25.69 11.90
N PRO A 459 -24.86 -26.70 12.62
CA PRO A 459 -26.30 -26.87 12.84
C PRO A 459 -26.82 -26.05 14.01
N LEU A 460 -28.08 -25.63 13.87
CA LEU A 460 -28.71 -24.79 14.88
C LEU A 460 -29.18 -25.65 16.04
N PRO A 461 -29.25 -25.10 17.24
CA PRO A 461 -30.04 -25.73 18.28
C PRO A 461 -31.48 -25.25 18.21
N ALA A 462 -32.36 -26.06 18.80
CA ALA A 462 -33.78 -25.70 18.83
C ALA A 462 -34.02 -24.49 19.70
N GLY A 463 -33.29 -24.39 20.82
CA GLY A 463 -33.35 -23.24 21.70
C GLY A 463 -32.95 -21.92 21.08
N GLN A 464 -32.93 -20.85 21.86
CA GLN A 464 -32.71 -19.53 21.30
C GLN A 464 -32.33 -18.60 22.45
N ALA A 465 -31.52 -17.60 22.14
CA ALA A 465 -31.04 -16.64 23.13
C ALA A 465 -31.31 -15.23 22.64
N PRO A 466 -31.31 -14.25 23.53
CA PRO A 466 -31.45 -12.85 23.12
C PRO A 466 -30.14 -12.28 22.55
N LEU A 467 -30.29 -11.21 21.78
CA LEU A 467 -29.22 -10.71 20.93
C LEU A 467 -29.57 -9.36 20.31
N ARG A 468 -29.00 -8.24 20.77
CA ARG A 468 -29.32 -7.01 20.07
C ARG A 468 -28.65 -6.98 18.71
N HIS A 469 -29.07 -5.99 17.95
CA HIS A 469 -28.69 -6.00 16.58
C HIS A 469 -28.62 -4.54 16.15
N LEU A 470 -27.49 -3.91 16.39
CA LEU A 470 -27.32 -2.55 15.91
C LEU A 470 -26.76 -2.56 14.51
N HIS A 471 -26.94 -1.45 13.82
CA HIS A 471 -26.64 -1.24 12.40
C HIS A 471 -27.06 -2.42 11.50
N PRO A 472 -28.34 -2.92 11.57
CA PRO A 472 -28.73 -4.07 10.71
C PRO A 472 -28.33 -3.96 9.25
N ASP A 473 -28.24 -5.12 8.59
CA ASP A 473 -28.06 -5.25 7.13
C ASP A 473 -26.93 -4.37 6.61
N GLU A 474 -25.94 -4.09 7.46
CA GLU A 474 -24.74 -3.36 7.11
C GLU A 474 -23.55 -4.31 7.10
N ALA A 475 -22.59 -4.04 6.23
CA ALA A 475 -21.55 -5.02 5.97
C ALA A 475 -20.46 -5.01 7.03
N GLN A 476 -19.72 -6.13 7.09
CA GLN A 476 -18.61 -6.44 7.98
C GLN A 476 -19.10 -6.72 9.39
N PRO A 477 -20.05 -7.64 9.57
CA PRO A 477 -20.65 -7.83 10.89
C PRO A 477 -19.62 -8.24 11.93
N VAL A 478 -19.93 -7.93 13.19
CA VAL A 478 -19.10 -8.27 14.33
C VAL A 478 -20.01 -8.75 15.44
N LEU A 479 -19.67 -9.88 16.04
CA LEU A 479 -20.42 -10.40 17.18
C LEU A 479 -19.61 -10.15 18.45
N LEU A 480 -20.19 -9.38 19.38
CA LEU A 480 -19.59 -9.10 20.67
C LEU A 480 -20.40 -9.78 21.77
N LEU A 481 -19.77 -10.73 22.46
CA LEU A 481 -20.29 -11.33 23.69
C LEU A 481 -19.49 -10.76 24.87
N ARG A 482 -20.19 -10.19 25.86
CA ARG A 482 -19.49 -9.74 27.05
C ARG A 482 -20.20 -10.16 28.32
N PRO A 483 -19.45 -10.48 29.37
CA PRO A 483 -20.07 -10.82 30.66
C PRO A 483 -20.81 -9.63 31.24
N SER A 484 -21.73 -9.93 32.17
CA SER A 484 -22.68 -8.92 32.64
C SER A 484 -22.00 -7.78 33.37
N SER A 485 -21.06 -8.11 34.24
CA SER A 485 -20.35 -7.10 35.01
C SER A 485 -18.87 -7.47 35.00
N HIS A 486 -18.15 -7.00 36.02
CA HIS A 486 -16.74 -7.34 36.18
C HIS A 486 -16.57 -8.69 36.90
N GLY A 487 -17.48 -9.03 37.79
CA GLY A 487 -17.43 -10.30 38.50
C GLY A 487 -18.24 -11.41 37.89
N ALA A 488 -18.76 -11.20 36.68
CA ALA A 488 -19.51 -12.25 35.99
C ALA A 488 -18.62 -13.34 35.42
N LEU A 489 -17.31 -13.10 35.35
CA LEU A 489 -16.33 -14.04 34.81
C LEU A 489 -15.03 -13.86 35.57
N SER A 490 -14.51 -14.93 36.16
CA SER A 490 -13.32 -14.79 36.98
C SER A 490 -12.06 -14.70 36.11
N GLU A 491 -11.04 -14.04 36.66
CA GLU A 491 -9.72 -13.95 36.06
C GLU A 491 -9.10 -15.34 35.94
N GLU A 492 -9.83 -16.36 36.36
CA GLU A 492 -9.47 -17.75 36.17
C GLU A 492 -10.12 -18.31 34.91
N GLN A 493 -11.44 -18.17 34.81
CA GLN A 493 -12.16 -18.59 33.61
C GLN A 493 -11.70 -17.81 32.39
N ALA A 494 -11.46 -16.52 32.55
CA ALA A 494 -10.95 -15.72 31.44
C ALA A 494 -9.66 -16.31 30.90
N CYS A 495 -8.75 -16.71 31.79
CA CYS A 495 -7.51 -17.32 31.32
C CYS A 495 -7.76 -18.70 30.74
N GLY A 496 -8.89 -19.32 31.04
CA GLY A 496 -9.24 -20.63 30.50
C GLY A 496 -9.94 -20.53 29.16
N LEU A 497 -10.66 -19.42 28.97
CA LEU A 497 -11.25 -19.14 27.68
C LEU A 497 -10.17 -18.90 26.63
N GLN A 498 -9.17 -18.11 26.99
CA GLN A 498 -8.08 -17.82 26.08
C GLN A 498 -7.34 -19.10 25.67
N ALA A 499 -7.09 -19.99 26.62
CA ALA A 499 -6.34 -21.20 26.32
C ALA A 499 -7.11 -22.16 25.44
N ALA A 500 -8.44 -22.10 25.42
CA ALA A 500 -9.19 -23.06 24.62
C ALA A 500 -9.49 -22.53 23.24
N LEU A 501 -9.51 -21.21 23.08
CA LEU A 501 -9.85 -20.68 21.79
C LEU A 501 -8.60 -20.37 20.97
N ARG A 502 -7.48 -20.04 21.64
CA ARG A 502 -6.22 -19.63 20.98
C ARG A 502 -5.86 -20.53 19.80
N PRO A 503 -5.86 -21.86 19.93
CA PRO A 503 -5.79 -22.70 18.72
C PRO A 503 -6.82 -22.36 17.66
N GLU A 504 -8.10 -22.28 18.04
CA GLU A 504 -9.16 -22.08 17.05
C GLU A 504 -9.16 -20.67 16.48
N ALA A 505 -8.68 -19.69 17.25
CA ALA A 505 -8.60 -18.33 16.76
C ALA A 505 -7.52 -18.18 15.71
N ALA A 506 -6.43 -18.95 15.83
CA ALA A 506 -5.37 -18.83 14.83
C ALA A 506 -5.83 -19.40 13.50
N GLU A 507 -6.63 -20.46 13.53
CA GLU A 507 -7.05 -21.04 12.26
C GLU A 507 -8.05 -20.14 11.55
N LEU A 508 -8.90 -19.43 12.30
CA LEU A 508 -9.80 -18.48 11.65
C LEU A 508 -9.06 -17.26 11.10
N ALA A 509 -7.88 -16.98 11.65
CA ALA A 509 -7.06 -15.87 11.14
C ALA A 509 -6.54 -16.15 9.74
N HIS A 510 -6.25 -17.40 9.41
CA HIS A 510 -5.81 -17.71 8.06
C HIS A 510 -6.93 -17.49 7.06
N ARG A 511 -8.16 -17.90 7.41
CA ARG A 511 -9.36 -17.63 6.64
C ARG A 511 -9.84 -16.20 6.79
N GLU A 512 -9.11 -15.36 7.51
CA GLU A 512 -9.31 -13.91 7.55
C GLU A 512 -10.45 -13.47 8.45
N GLY A 513 -11.08 -14.38 9.24
CA GLY A 513 -11.91 -13.95 10.34
C GLY A 513 -11.12 -13.74 11.64
N HIS A 514 -11.78 -13.15 12.63
CA HIS A 514 -11.19 -12.81 13.92
C HIS A 514 -11.95 -13.50 15.04
N LEU A 515 -11.21 -14.02 16.02
CA LEU A 515 -11.79 -14.55 17.25
C LEU A 515 -10.85 -14.18 18.39
N SER A 516 -11.37 -13.47 19.40
CA SER A 516 -10.54 -13.06 20.52
C SER A 516 -11.37 -13.04 21.79
N VAL A 517 -10.70 -13.38 22.89
CA VAL A 517 -11.19 -13.16 24.24
C VAL A 517 -10.12 -12.31 24.91
N GLU A 518 -10.37 -11.00 25.03
CA GLU A 518 -9.41 -10.01 25.51
C GLU A 518 -10.12 -9.01 26.42
N ARG A 519 -9.35 -8.38 27.31
CA ARG A 519 -9.89 -7.33 28.16
C ARG A 519 -9.78 -5.99 27.45
N HIS A 520 -10.91 -5.35 27.21
CA HIS A 520 -10.92 -4.08 26.52
C HIS A 520 -11.34 -2.99 27.49
N GLN A 521 -10.35 -2.27 28.02
CA GLN A 521 -10.59 -1.20 28.98
C GLN A 521 -11.40 -1.72 30.17
N GLY A 522 -10.90 -2.79 30.78
CA GLY A 522 -11.54 -3.41 31.92
C GLY A 522 -12.66 -4.39 31.61
N VAL A 523 -13.17 -4.42 30.38
CA VAL A 523 -14.31 -5.27 30.01
C VAL A 523 -13.80 -6.50 29.28
N TRP A 524 -13.96 -7.70 29.86
CA TRP A 524 -13.77 -8.90 29.06
C TRP A 524 -14.77 -8.94 27.92
N LEU A 525 -14.29 -9.32 26.74
CA LEU A 525 -15.09 -9.27 25.52
C LEU A 525 -14.67 -10.43 24.64
N LEU A 526 -15.64 -11.23 24.24
CA LEU A 526 -15.44 -12.21 23.17
C LEU A 526 -15.85 -11.54 21.88
N GLN A 527 -14.91 -11.43 20.93
CA GLN A 527 -15.19 -10.82 19.63
C GLN A 527 -15.07 -11.87 18.52
N LEU A 528 -16.02 -11.83 17.57
CA LEU A 528 -16.02 -12.66 16.37
C LEU A 528 -16.38 -11.79 15.19
N ALA A 529 -15.58 -11.86 14.14
CA ALA A 529 -15.85 -11.03 12.97
C ALA A 529 -15.42 -11.76 11.72
N GLY A 530 -16.14 -11.51 10.65
CA GLY A 530 -15.80 -12.07 9.36
C GLY A 530 -17.03 -12.09 8.48
N SER A 531 -17.01 -13.00 7.52
CA SER A 531 -18.20 -13.28 6.74
C SER A 531 -19.29 -13.83 7.66
N HIS A 532 -20.52 -13.92 7.14
CA HIS A 532 -21.59 -14.51 7.95
C HIS A 532 -21.35 -15.99 8.20
N GLY A 533 -20.86 -16.70 7.18
CA GLY A 533 -20.47 -18.09 7.40
C GLY A 533 -19.43 -18.23 8.49
N LEU A 534 -18.49 -17.29 8.54
CA LEU A 534 -17.38 -17.40 9.50
C LEU A 534 -17.85 -17.20 10.94
N ILE A 535 -18.66 -16.17 11.19
CA ILE A 535 -19.14 -15.96 12.56
C ILE A 535 -19.89 -17.20 13.05
N CYS A 536 -20.76 -17.78 12.21
CA CYS A 536 -21.51 -18.97 12.60
C CYS A 536 -20.58 -20.14 12.90
N HIS A 537 -19.61 -20.37 12.03
CA HIS A 537 -18.66 -21.44 12.29
C HIS A 537 -17.88 -21.17 13.58
N GLY A 538 -17.28 -19.98 13.68
CA GLY A 538 -16.52 -19.64 14.88
C GLY A 538 -17.35 -19.72 16.15
N LEU A 539 -18.59 -19.18 16.11
CA LEU A 539 -19.45 -19.25 17.30
C LEU A 539 -19.71 -20.70 17.69
N ASN A 540 -19.97 -21.56 16.71
CA ASN A 540 -20.13 -22.99 17.00
C ASN A 540 -18.87 -23.58 17.60
N VAL A 541 -17.69 -23.22 17.09
CA VAL A 541 -16.42 -23.72 17.64
C VAL A 541 -16.20 -23.18 19.05
N VAL A 542 -16.55 -21.91 19.29
CA VAL A 542 -16.42 -21.35 20.64
C VAL A 542 -17.17 -22.21 21.64
N ASN A 543 -18.41 -22.58 21.32
CA ASN A 543 -19.24 -23.36 22.23
C ASN A 543 -18.61 -24.72 22.51
N ARG A 544 -18.23 -25.45 21.46
CA ARG A 544 -17.64 -26.77 21.62
C ARG A 544 -16.32 -26.74 22.38
N ALA A 545 -15.41 -25.86 21.96
CA ALA A 545 -14.12 -25.76 22.64
C ALA A 545 -14.26 -25.31 24.11
N LEU A 546 -15.25 -24.46 24.41
CA LEU A 546 -15.34 -23.90 25.75
C LEU A 546 -16.22 -24.70 26.69
N THR A 547 -17.09 -25.59 26.18
CA THR A 547 -17.94 -26.42 27.06
C THR A 547 -17.15 -27.20 28.10
N ALA A 548 -16.40 -28.19 27.62
CA ALA A 548 -15.64 -29.08 28.48
C ALA A 548 -14.17 -28.79 28.25
N GLN A 549 -13.49 -28.38 29.30
CA GLN A 549 -12.07 -28.08 29.17
C GLN A 549 -11.24 -29.18 29.82
N PRO A 550 -10.42 -29.89 29.05
CA PRO A 550 -9.54 -30.93 29.61
C PRO A 550 -8.56 -30.33 30.59
N PRO A 551 -8.12 -31.10 31.61
CA PRO A 551 -7.19 -30.54 32.60
C PRO A 551 -6.00 -29.84 31.98
N ALA A 552 -5.52 -30.32 30.83
CA ALA A 552 -4.50 -29.62 30.07
C ALA A 552 -4.83 -28.13 29.97
N ILE A 553 -6.00 -27.83 29.40
CA ILE A 553 -6.40 -26.45 29.23
C ILE A 553 -6.53 -25.72 30.56
N ILE A 554 -7.01 -26.39 31.62
CA ILE A 554 -7.12 -25.64 32.89
C ILE A 554 -5.74 -25.45 33.53
N ASN A 555 -4.83 -26.39 33.33
CA ASN A 555 -3.44 -26.18 33.76
C ASN A 555 -2.82 -24.99 33.01
N GLU A 556 -2.87 -25.03 31.68
CA GLU A 556 -2.41 -23.92 30.85
C GLU A 556 -2.96 -22.59 31.36
N ALA A 557 -4.27 -22.54 31.67
CA ALA A 557 -4.86 -21.34 32.26
C ALA A 557 -4.23 -21.01 33.61
N ALA A 558 -3.97 -22.03 34.42
CA ALA A 558 -3.34 -21.79 35.72
C ALA A 558 -1.92 -21.28 35.56
N ARG A 559 -1.15 -21.89 34.65
CA ARG A 559 0.18 -21.35 34.39
C ARG A 559 0.07 -19.90 33.90
N ASN A 560 -0.88 -19.63 33.00
CA ASN A 560 -1.02 -18.28 32.47
C ASN A 560 -1.47 -17.30 33.53
N LEU A 561 -2.32 -17.74 34.46
CA LEU A 561 -2.74 -16.87 35.55
C LEU A 561 -1.58 -16.57 36.50
N ARG A 562 -0.83 -17.59 36.93
CA ARG A 562 0.34 -17.33 37.75
C ARG A 562 1.34 -16.42 37.03
N HIS A 563 1.53 -16.62 35.72
CA HIS A 563 2.42 -15.73 34.97
C HIS A 563 1.91 -14.30 34.99
N ALA A 564 0.59 -14.11 34.84
CA ALA A 564 0.02 -12.77 34.93
C ALA A 564 0.28 -12.15 36.30
N GLN A 565 0.11 -12.96 37.35
CA GLN A 565 0.31 -12.48 38.72
C GLN A 565 1.75 -12.06 38.95
N LEU A 566 2.70 -12.92 38.55
CA LEU A 566 4.09 -12.61 38.78
C LEU A 566 4.56 -11.43 37.93
N LYS A 567 4.03 -11.30 36.71
CA LYS A 567 4.38 -10.12 35.92
C LYS A 567 3.86 -8.86 36.59
N GLN A 568 2.65 -8.93 37.15
CA GLN A 568 2.05 -7.77 37.80
C GLN A 568 2.85 -7.34 39.03
N GLN A 569 3.16 -8.28 39.92
CA GLN A 569 3.85 -7.91 41.15
C GLN A 569 5.34 -7.72 40.96
N ASN A 570 5.82 -7.68 39.72
CA ASN A 570 7.20 -7.29 39.42
C ASN A 570 7.26 -6.10 38.50
N ASP A 571 6.12 -5.55 38.11
CA ASP A 571 6.08 -4.36 37.28
C ASP A 571 6.42 -3.11 38.10
N ILE A 572 6.53 -1.95 37.44
CA ILE A 572 6.63 -0.71 38.20
C ILE A 572 5.33 -0.44 38.92
N ALA A 573 5.45 0.12 40.14
CA ALA A 573 4.31 0.35 41.02
C ALA A 573 3.11 0.99 40.33
N ILE A 574 3.33 2.09 39.62
CA ILE A 574 2.23 2.82 38.99
C ILE A 574 1.49 1.93 38.01
N ARG A 575 2.17 0.96 37.38
CA ARG A 575 1.48 0.04 36.50
C ARG A 575 0.67 -0.99 37.28
N ARG A 576 1.19 -1.45 38.41
CA ARG A 576 0.43 -2.38 39.23
C ARG A 576 -0.85 -1.74 39.76
N LEU A 577 -0.80 -0.43 40.04
CA LEU A 577 -1.98 0.29 40.52
C LEU A 577 -3.01 0.48 39.42
N LEU A 578 -2.56 0.75 38.21
CA LEU A 578 -3.49 0.78 37.09
C LEU A 578 -4.18 -0.57 36.92
N ALA A 579 -3.46 -1.67 37.18
CA ALA A 579 -4.07 -3.00 37.09
C ALA A 579 -5.13 -3.24 38.16
N GLN A 580 -5.03 -2.54 39.29
CA GLN A 580 -6.00 -2.65 40.36
C GLN A 580 -7.19 -1.73 40.18
N LEU A 581 -7.13 -0.78 39.26
CA LEU A 581 -8.24 0.17 39.15
C LEU A 581 -9.57 -0.51 38.85
N PRO A 582 -9.67 -1.49 37.93
CA PRO A 582 -11.00 -2.10 37.68
C PRO A 582 -11.60 -2.77 38.90
N ALA A 583 -10.81 -3.58 39.62
CA ALA A 583 -11.28 -4.16 40.87
C ALA A 583 -11.83 -3.09 41.80
N ALA A 584 -11.05 -2.02 42.01
CA ALA A 584 -11.43 -0.96 42.93
C ALA A 584 -12.68 -0.23 42.51
N LEU A 585 -13.17 -0.41 41.28
CA LEU A 585 -14.36 0.30 40.84
C LEU A 585 -15.64 -0.50 40.99
N ASN A 586 -15.57 -1.78 41.37
CA ASN A 586 -16.77 -2.62 41.33
C ASN A 586 -17.10 -3.37 42.64
N PRO A 593 -23.99 -13.66 37.13
CA PRO A 593 -23.04 -14.11 36.10
C PRO A 593 -23.75 -14.54 34.81
N TYR A 594 -24.06 -13.57 33.95
CA TYR A 594 -24.63 -13.82 32.63
C TYR A 594 -23.94 -12.92 31.61
N TRP A 595 -24.34 -13.06 30.35
CA TRP A 595 -23.69 -12.36 29.26
C TRP A 595 -24.73 -11.64 28.41
N HIS A 596 -24.26 -10.62 27.69
CA HIS A 596 -25.09 -9.83 26.80
C HIS A 596 -24.52 -9.93 25.40
N ALA A 597 -25.40 -10.09 24.42
CA ALA A 597 -25.01 -10.39 23.06
C ALA A 597 -25.39 -9.24 22.15
N THR A 598 -24.43 -8.72 21.39
CA THR A 598 -24.64 -7.69 20.39
C THR A 598 -24.12 -8.14 19.04
N LEU A 599 -24.81 -7.74 17.96
CA LEU A 599 -24.32 -7.93 16.61
C LEU A 599 -24.37 -6.61 15.88
N VAL A 600 -23.29 -6.26 15.18
CA VAL A 600 -23.11 -4.92 14.63
C VAL A 600 -22.88 -5.01 13.13
N GLY A 601 -23.97 -5.10 12.39
CA GLY A 601 -23.96 -5.43 10.98
C GLY A 601 -24.64 -6.77 10.72
N GLY A 602 -24.99 -6.99 9.45
CA GLY A 602 -25.43 -8.28 9.00
C GLY A 602 -26.94 -8.41 8.90
N ASP A 603 -27.37 -9.52 8.28
CA ASP A 603 -28.76 -9.73 7.92
C ASP A 603 -29.64 -9.94 9.14
N GLY A 604 -30.94 -9.89 8.90
CA GLY A 604 -31.88 -10.43 9.87
C GLY A 604 -31.72 -11.93 10.03
N GLU A 605 -31.31 -12.61 8.95
CA GLU A 605 -31.14 -14.05 8.99
C GLU A 605 -29.85 -14.43 9.71
N LEU A 606 -28.81 -13.60 9.55
CA LEU A 606 -27.65 -13.74 10.41
C LEU A 606 -28.02 -13.59 11.87
N LYS A 607 -28.69 -12.49 12.21
CA LYS A 607 -29.12 -12.28 13.60
C LYS A 607 -29.91 -13.45 14.15
N ARG A 608 -30.81 -14.03 13.32
CA ARG A 608 -31.75 -15.03 13.83
C ARG A 608 -31.10 -16.39 13.96
N ARG A 609 -30.13 -16.69 13.10
CA ARG A 609 -29.44 -17.96 13.24
C ARG A 609 -28.37 -17.87 14.31
N LEU A 610 -27.66 -16.75 14.34
CA LEU A 610 -26.84 -16.44 15.51
C LEU A 610 -27.67 -16.54 16.79
N SER A 611 -28.87 -15.97 16.76
CA SER A 611 -29.80 -16.10 17.87
C SER A 611 -29.95 -17.57 18.32
N HIS A 612 -30.14 -18.49 17.37
CA HIS A 612 -30.32 -19.88 17.78
C HIS A 612 -29.00 -20.50 18.27
N LEU A 613 -27.88 -20.17 17.61
CA LEU A 613 -26.60 -20.78 17.97
C LEU A 613 -26.05 -20.29 19.30
N LEU A 614 -26.50 -19.12 19.78
CA LEU A 614 -26.10 -18.63 21.09
C LEU A 614 -26.75 -19.42 22.23
N TYR A 615 -27.89 -20.08 21.99
CA TYR A 615 -28.54 -20.86 23.05
C TYR A 615 -27.58 -21.87 23.66
N ASP A 616 -26.62 -22.37 22.89
CA ASP A 616 -25.70 -23.37 23.39
C ASP A 616 -24.35 -22.78 23.78
N PHE A 617 -24.28 -21.45 23.94
CA PHE A 617 -23.15 -20.86 24.65
C PHE A 617 -23.20 -21.37 26.09
N PRO A 618 -22.13 -21.99 26.59
CA PRO A 618 -22.17 -22.63 27.93
C PRO A 618 -22.50 -21.68 29.09
N TYR A 619 -22.53 -20.38 28.87
CA TYR A 619 -22.99 -19.42 29.87
C TYR A 619 -24.34 -18.87 29.43
N ALA A 620 -25.26 -18.78 30.37
CA ALA A 620 -26.55 -18.15 30.10
C ALA A 620 -26.36 -16.76 29.51
N ILE A 621 -26.90 -16.55 28.28
CA ILE A 621 -27.04 -15.20 27.74
C ILE A 621 -28.39 -14.67 28.16
N THR A 622 -28.43 -13.39 28.51
CA THR A 622 -29.65 -12.66 28.83
C THR A 622 -29.67 -11.38 27.99
N ALA A 623 -30.71 -10.59 28.17
CA ALA A 623 -30.86 -9.30 27.51
C ALA A 623 -30.14 -8.24 28.30
N GLU A 624 -29.66 -7.21 27.61
CA GLU A 624 -28.87 -6.19 28.29
C GLU A 624 -29.76 -5.30 29.17
N PRO A 625 -29.57 -5.24 30.52
CA PRO A 625 -30.35 -4.32 31.36
C PRO A 625 -30.12 -2.86 31.02
N GLN A 626 -30.74 -1.97 31.79
CA GLN A 626 -30.37 -0.54 31.79
C GLN A 626 -30.27 0.06 33.20
N ARG A 630 -25.18 3.61 38.45
CA ARG A 630 -24.91 4.21 39.75
C ARG A 630 -23.73 5.17 39.67
N LEU A 631 -23.40 5.80 40.79
CA LEU A 631 -22.30 6.76 40.86
C LEU A 631 -21.16 6.19 41.69
N HIS A 632 -19.94 6.63 41.38
CA HIS A 632 -18.72 6.12 42.01
C HIS A 632 -17.93 7.30 42.56
N PRO A 633 -17.57 7.28 43.84
CA PRO A 633 -16.63 8.29 44.38
C PRO A 633 -15.29 8.19 43.69
N PRO A 634 -14.43 9.19 43.83
CA PRO A 634 -13.09 9.10 43.24
C PRO A 634 -12.32 7.92 43.81
N VAL A 635 -11.36 7.43 43.03
CA VAL A 635 -10.50 6.34 43.44
C VAL A 635 -9.10 6.88 43.67
N THR A 636 -8.51 6.54 44.82
CA THR A 636 -7.12 6.83 45.11
C THR A 636 -6.42 5.52 45.40
N LEU A 637 -5.41 5.22 44.60
CA LEU A 637 -4.54 4.08 44.81
C LEU A 637 -3.14 4.62 45.03
N THR A 638 -2.37 3.94 45.89
CA THR A 638 -1.11 4.47 46.38
C THR A 638 -0.13 3.34 46.65
N GLU A 639 1.15 3.64 46.50
CA GLU A 639 2.20 2.71 46.86
C GLU A 639 3.31 3.44 47.60
N SER A 640 3.79 2.83 48.68
CA SER A 640 4.92 3.36 49.43
C SER A 640 5.92 2.25 49.67
N GLY A 641 7.20 2.64 49.72
CA GLY A 641 8.29 1.71 49.65
C GLY A 641 9.42 2.33 48.85
N ALA A 642 10.13 1.53 48.05
CA ALA A 642 11.26 2.07 47.29
C ALA A 642 10.78 2.94 46.13
N GLU A 643 9.63 2.63 45.55
CA GLU A 643 8.94 3.53 44.65
C GLU A 643 7.73 4.08 45.38
N HIS A 644 7.40 5.34 45.13
CA HIS A 644 6.18 5.93 45.64
C HIS A 644 5.32 6.31 44.46
N ALA A 645 4.08 5.82 44.45
CA ALA A 645 3.20 6.04 43.32
C ALA A 645 1.81 6.37 43.82
N LEU A 646 1.17 7.28 43.12
CA LEU A 646 -0.20 7.64 43.34
C LEU A 646 -0.96 7.47 42.04
N LEU A 647 -2.22 7.03 42.11
CA LEU A 647 -3.07 6.91 40.92
C LEU A 647 -4.50 7.30 41.29
N GLN A 648 -4.97 8.43 40.75
CA GLN A 648 -6.30 8.94 41.07
C GLN A 648 -7.18 8.99 39.83
N PHE A 649 -8.37 8.42 39.94
CA PHE A 649 -9.36 8.40 38.87
C PHE A 649 -10.58 9.15 39.37
N TYR A 650 -10.83 10.33 38.82
CA TYR A 650 -12.03 11.06 39.22
C TYR A 650 -13.15 10.71 38.25
N PRO A 651 -14.07 9.81 38.62
CA PRO A 651 -15.10 9.40 37.66
C PRO A 651 -16.12 10.51 37.48
N LEU A 652 -16.60 10.64 36.24
CA LEU A 652 -17.82 11.38 35.98
C LEU A 652 -18.98 10.52 36.46
N GLN A 653 -19.89 11.11 37.24
CA GLN A 653 -20.90 10.27 37.89
C GLN A 653 -22.21 10.20 37.11
N SER A 654 -22.51 11.17 36.26
CA SER A 654 -23.69 11.09 35.41
C SER A 654 -23.37 10.24 34.17
N ASP A 655 -24.15 10.39 33.10
CA ASP A 655 -23.74 9.88 31.79
C ASP A 655 -24.32 10.75 30.66
N GLU A 656 -24.57 12.03 30.96
CA GLU A 656 -25.01 13.03 29.99
C GLU A 656 -23.95 13.28 28.92
N ALA A 657 -24.39 13.80 27.77
CA ALA A 657 -23.43 14.02 26.68
C ALA A 657 -22.50 15.18 26.98
N GLU A 658 -23.05 16.38 27.17
CA GLU A 658 -22.33 17.58 27.57
C GLU A 658 -21.29 17.29 28.65
N GLY A 659 -21.65 16.45 29.60
CA GLY A 659 -20.70 15.94 30.58
C GLY A 659 -19.54 15.19 29.97
N ARG A 660 -19.81 14.03 29.38
CA ARG A 660 -18.76 13.23 28.75
C ARG A 660 -18.04 13.98 27.62
N TRP A 661 -18.52 15.14 27.20
CA TRP A 661 -17.72 16.01 26.33
C TRP A 661 -16.81 16.89 27.18
N ALA A 662 -17.39 17.64 28.11
CA ALA A 662 -16.61 18.54 28.97
C ALA A 662 -15.41 17.84 29.58
N LEU A 663 -15.61 16.60 30.04
CA LEU A 663 -14.52 15.81 30.59
C LEU A 663 -13.35 15.72 29.61
N ARG A 664 -13.65 15.51 28.33
CA ARG A 664 -12.59 15.38 27.33
C ARG A 664 -11.94 16.72 27.01
N VAL A 665 -12.68 17.81 27.14
CA VAL A 665 -12.06 19.13 26.96
C VAL A 665 -11.11 19.42 28.11
N LEU A 666 -11.59 19.25 29.35
CA LEU A 666 -10.73 19.45 30.52
C LEU A 666 -9.44 18.66 30.40
N ALA A 667 -9.56 17.35 30.18
CA ALA A 667 -8.38 16.50 30.11
C ALA A 667 -7.38 17.02 29.09
N ARG A 668 -7.88 17.44 27.92
CA ARG A 668 -7.03 18.03 26.90
C ARG A 668 -6.38 19.31 27.41
N LEU A 669 -7.15 20.15 28.10
CA LEU A 669 -6.58 21.36 28.71
C LEU A 669 -5.63 21.02 29.85
N TYR A 670 -5.99 20.04 30.70
CA TYR A 670 -5.14 19.71 31.85
C TYR A 670 -3.83 19.05 31.43
N ALA A 671 -3.86 18.20 30.41
CA ALA A 671 -2.75 17.25 30.22
C ALA A 671 -1.38 17.92 30.11
N PRO A 672 -1.14 18.89 29.22
CA PRO A 672 0.20 19.48 29.21
C PRO A 672 0.50 20.29 30.47
N ARG A 673 -0.51 20.97 31.03
CA ARG A 673 -0.32 21.70 32.29
C ARG A 673 0.16 20.77 33.40
N TYR A 674 -0.56 19.66 33.63
CA TYR A 674 -0.07 18.67 34.59
C TYR A 674 1.38 18.29 34.29
N PHE A 675 1.73 18.14 33.00
CA PHE A 675 3.07 17.65 32.65
C PHE A 675 4.12 18.73 32.84
N GLN A 676 3.85 19.95 32.35
CA GLN A 676 4.85 21.01 32.43
C GLN A 676 5.19 21.37 33.87
N ARG A 677 4.22 21.30 34.78
CA ARG A 677 4.49 21.69 36.16
C ARG A 677 5.16 20.59 36.95
N LEU A 678 4.73 19.34 36.77
CA LEU A 678 5.18 18.28 37.65
C LEU A 678 6.37 17.50 37.11
N ARG A 679 6.44 17.25 35.78
CA ARG A 679 7.61 16.53 35.26
C ARG A 679 8.79 17.47 35.04
N VAL A 680 8.54 18.60 34.40
CA VAL A 680 9.59 19.47 33.88
C VAL A 680 10.00 20.48 34.93
N GLU A 681 9.04 21.25 35.43
CA GLU A 681 9.35 22.36 36.33
C GLU A 681 9.74 21.90 37.72
N ARG A 682 9.47 20.64 38.07
CA ARG A 682 9.78 20.20 39.42
C ARG A 682 10.22 18.73 39.52
N ASN A 683 10.57 18.05 38.41
CA ASN A 683 11.15 16.71 38.48
C ASN A 683 10.41 15.81 39.47
N VAL A 684 9.12 16.05 39.73
CA VAL A 684 8.51 15.36 40.85
C VAL A 684 8.54 13.86 40.65
N GLY A 685 8.83 13.39 39.45
CA GLY A 685 9.07 11.98 39.25
C GLY A 685 9.28 11.69 37.78
N TYR A 686 9.58 10.43 37.51
CA TYR A 686 9.83 9.96 36.15
C TYR A 686 8.59 9.40 35.48
N VAL A 687 7.45 9.37 36.18
CA VAL A 687 6.15 9.11 35.58
C VAL A 687 5.21 10.21 36.06
N VAL A 688 4.56 10.90 35.11
CA VAL A 688 3.68 12.04 35.33
C VAL A 688 2.70 12.11 34.18
N GLN A 689 1.40 11.99 34.46
CA GLN A 689 0.43 11.96 33.38
C GLN A 689 -0.99 12.24 33.87
N CYS A 690 -1.65 13.17 33.20
CA CYS A 690 -3.07 13.43 33.32
C CYS A 690 -3.74 13.09 31.99
N THR A 691 -4.72 12.20 32.02
CA THR A 691 -5.37 11.75 30.79
C THR A 691 -6.81 11.31 31.08
N PHE A 692 -7.73 11.64 30.17
CA PHE A 692 -9.02 10.97 30.14
C PHE A 692 -8.78 9.47 30.09
N HIS A 693 -9.61 8.72 30.81
CA HIS A 693 -9.47 7.28 30.91
C HIS A 693 -10.86 6.69 31.09
N ARG A 694 -10.99 5.44 30.67
CA ARG A 694 -12.27 4.74 30.58
C ARG A 694 -12.04 3.33 31.08
N CYS A 695 -12.74 2.95 32.16
CA CYS A 695 -12.42 1.73 32.87
C CYS A 695 -13.73 1.11 33.31
N THR A 696 -13.89 -0.18 33.01
CA THR A 696 -15.12 -0.94 33.20
C THR A 696 -16.37 -0.09 33.00
N HIS A 697 -16.41 0.65 31.89
CA HIS A 697 -17.52 1.48 31.42
C HIS A 697 -17.59 2.83 32.12
N VAL A 698 -16.78 3.08 33.16
CA VAL A 698 -16.76 4.35 33.85
C VAL A 698 -15.74 5.27 33.16
N GLU A 699 -16.21 6.41 32.66
CA GLU A 699 -15.34 7.44 32.12
C GLU A 699 -14.96 8.43 33.22
N GLY A 700 -13.76 8.98 33.11
CA GLY A 700 -13.31 9.95 34.09
C GLY A 700 -11.96 10.50 33.72
N LEU A 701 -11.36 11.21 34.67
CA LEU A 701 -10.03 11.76 34.49
C LEU A 701 -9.08 11.04 35.43
N LEU A 702 -7.90 10.70 34.93
CA LEU A 702 -6.94 9.84 35.61
C LEU A 702 -5.65 10.61 35.84
N PHE A 703 -5.12 10.53 37.06
CA PHE A 703 -3.85 11.15 37.40
C PHE A 703 -2.90 10.05 37.82
N ALA A 704 -1.67 10.09 37.31
CA ALA A 704 -0.69 9.07 37.64
C ALA A 704 0.65 9.74 37.88
N LEU A 705 1.30 9.36 38.99
CA LEU A 705 2.59 9.90 39.38
C LEU A 705 3.37 8.79 40.06
N GLN A 706 4.68 8.77 39.83
CA GLN A 706 5.56 7.90 40.58
C GLN A 706 6.89 8.64 40.79
N SER A 707 7.40 8.58 42.01
CA SER A 707 8.56 9.36 42.39
C SER A 707 9.46 8.51 43.25
N PRO A 708 10.78 8.73 43.15
CA PRO A 708 11.72 8.12 44.10
C PRO A 708 11.96 8.92 45.38
N THR A 709 11.38 10.11 45.52
CA THR A 709 11.54 10.90 46.73
C THR A 709 10.22 11.27 47.40
N PHE A 710 9.24 11.81 46.67
CA PHE A 710 8.00 12.20 47.32
C PHE A 710 7.17 10.98 47.69
N THR A 711 6.28 11.14 48.68
CA THR A 711 5.44 10.02 49.05
C THR A 711 4.11 10.08 48.30
N ALA A 712 3.38 8.98 48.39
CA ALA A 712 2.09 8.93 47.71
C ALA A 712 1.19 10.06 48.20
N GLU A 713 1.24 10.35 49.49
CA GLU A 713 0.38 11.39 50.02
C GLU A 713 0.90 12.77 49.63
N GLN A 714 2.22 12.94 49.51
CA GLN A 714 2.75 14.18 48.97
C GLN A 714 2.39 14.35 47.50
N LEU A 715 2.37 13.25 46.73
CA LEU A 715 1.98 13.33 45.33
C LEU A 715 0.49 13.65 45.21
N ARG A 716 -0.33 13.05 46.09
CA ARG A 716 -1.74 13.42 46.18
C ARG A 716 -1.90 14.92 46.41
N GLN A 717 -0.97 15.50 47.16
CA GLN A 717 -1.04 16.93 47.51
C GLN A 717 -0.83 17.80 46.28
N LEU A 718 0.18 17.50 45.47
CA LEU A 718 0.39 18.25 44.23
C LEU A 718 -0.78 18.09 43.28
N THR A 719 -1.41 16.91 43.23
CA THR A 719 -2.58 16.79 42.36
C THR A 719 -3.75 17.57 42.93
N ASP A 720 -3.95 17.48 44.25
CA ASP A 720 -4.89 18.37 44.95
C ASP A 720 -4.59 19.83 44.64
N GLU A 721 -3.33 20.23 44.78
CA GLU A 721 -2.91 21.59 44.46
C GLU A 721 -3.20 21.90 43.01
N PHE A 722 -2.87 20.97 42.11
CA PHE A 722 -3.06 21.21 40.68
C PHE A 722 -4.52 21.43 40.34
N LEU A 723 -5.42 20.67 40.96
CA LEU A 723 -6.84 20.87 40.68
C LEU A 723 -7.33 22.25 41.09
N GLN A 724 -6.67 22.89 42.07
CA GLN A 724 -7.08 24.23 42.45
C GLN A 724 -6.59 25.27 41.45
N GLN A 725 -5.37 25.09 40.94
CA GLN A 725 -4.86 25.99 39.91
C GLN A 725 -5.83 26.04 38.71
N MET A 726 -6.21 24.88 38.17
CA MET A 726 -7.19 24.87 37.09
C MET A 726 -8.57 25.33 37.56
N HIS A 727 -8.89 25.17 38.85
CA HIS A 727 -10.14 25.73 39.34
C HIS A 727 -10.23 27.23 39.09
N HIS A 728 -9.11 27.94 39.28
CA HIS A 728 -9.02 29.37 39.00
C HIS A 728 -8.54 29.65 37.58
N GLU A 729 -7.39 29.11 37.18
CA GLU A 729 -6.80 29.43 35.88
C GLU A 729 -7.74 29.16 34.71
N LEU A 730 -8.68 28.22 34.84
CA LEU A 730 -9.48 27.78 33.69
C LEU A 730 -10.36 28.90 33.17
N THR A 731 -10.91 29.72 34.06
CA THR A 731 -11.69 30.87 33.62
C THR A 731 -10.88 31.76 32.68
N HIS A 732 -9.57 31.88 32.91
CA HIS A 732 -8.71 32.79 32.15
C HIS A 732 -8.13 32.21 30.86
N VAL A 733 -8.78 31.25 30.20
CA VAL A 733 -8.21 30.63 29.01
C VAL A 733 -8.71 31.36 27.76
N SER A 734 -7.76 31.75 26.90
CA SER A 734 -8.08 32.48 25.68
C SER A 734 -9.12 31.73 24.89
N VAL A 735 -10.23 32.41 24.60
CA VAL A 735 -11.38 31.81 23.92
C VAL A 735 -10.93 31.15 22.63
N GLY A 736 -9.80 31.59 22.08
CA GLY A 736 -9.25 30.96 20.90
C GLY A 736 -8.64 29.61 21.19
N GLU A 737 -7.91 29.49 22.30
CA GLU A 737 -7.41 28.19 22.71
C GLU A 737 -8.54 27.21 23.03
N LEU A 738 -9.67 27.70 23.57
CA LEU A 738 -10.78 26.79 23.85
C LEU A 738 -11.53 26.41 22.58
N GLU A 739 -11.82 27.41 21.73
CA GLU A 739 -12.42 27.11 20.43
C GLU A 739 -11.52 26.17 19.64
N GLN A 740 -10.22 26.44 19.63
CA GLN A 740 -9.27 25.53 18.97
C GLN A 740 -9.31 24.15 19.59
N THR A 741 -9.36 24.07 20.93
CA THR A 741 -9.28 22.77 21.60
C THR A 741 -10.53 21.95 21.34
N GLN A 742 -11.69 22.60 21.25
CA GLN A 742 -12.92 21.89 20.90
C GLN A 742 -13.03 21.54 19.42
N GLN A 743 -12.38 22.30 18.52
CA GLN A 743 -12.42 21.97 17.10
C GLN A 743 -11.48 20.81 16.75
N ALA A 744 -10.34 20.68 17.42
CA ALA A 744 -9.49 19.51 17.22
C ALA A 744 -10.09 18.28 17.89
N LEU A 745 -10.71 18.48 19.05
CA LEU A 745 -11.41 17.39 19.73
C LEU A 745 -12.53 16.84 18.86
N GLN A 746 -13.34 17.74 18.28
CA GLN A 746 -14.52 17.33 17.54
C GLN A 746 -14.20 16.66 16.22
N GLN A 747 -13.20 17.17 15.50
CA GLN A 747 -12.76 16.52 14.26
C GLN A 747 -12.31 15.09 14.53
N ASN A 748 -11.34 14.92 15.44
CA ASN A 748 -10.85 13.58 15.76
C ASN A 748 -11.97 12.67 16.22
N LEU A 749 -12.85 13.19 17.08
CA LEU A 749 -13.76 12.28 17.76
C LEU A 749 -14.87 11.81 16.83
N GLN A 750 -15.35 12.67 15.92
CA GLN A 750 -16.51 12.28 15.12
C GLN A 750 -16.19 11.12 14.18
N ARG A 751 -14.92 10.89 13.88
CA ARG A 751 -14.55 9.80 13.00
C ARG A 751 -14.57 8.47 13.75
N LEU A 752 -15.23 7.49 13.13
CA LEU A 752 -15.29 6.11 13.62
C LEU A 752 -14.13 5.32 13.04
N SER A 753 -13.66 4.33 13.78
CA SER A 753 -12.40 3.68 13.44
C SER A 753 -12.48 2.98 12.10
N ALA A 754 -11.30 2.77 11.52
CA ALA A 754 -11.18 2.01 10.29
C ALA A 754 -11.54 0.54 10.53
N GLU A 755 -10.74 -0.16 11.33
CA GLU A 755 -10.96 -1.57 11.57
C GLU A 755 -12.37 -1.80 12.10
N PRO A 756 -13.01 -2.90 11.74
CA PRO A 756 -14.42 -3.08 12.12
C PRO A 756 -14.63 -3.55 13.55
N LEU A 757 -13.58 -4.06 14.21
CA LEU A 757 -13.72 -4.45 15.61
C LEU A 757 -13.76 -3.23 16.52
N GLN A 758 -12.71 -2.40 16.50
CA GLN A 758 -12.74 -1.13 17.21
C GLN A 758 -14.02 -0.38 16.88
N ARG A 759 -14.35 -0.30 15.58
CA ARG A 759 -15.58 0.35 15.13
C ARG A 759 -16.81 -0.29 15.73
N ALA A 760 -16.76 -1.60 16.03
CA ALA A 760 -17.88 -2.28 16.65
C ALA A 760 -18.00 -1.90 18.12
N ARG A 761 -16.89 -1.93 18.85
CA ARG A 761 -16.88 -1.50 20.25
C ARG A 761 -17.33 -0.04 20.38
N GLU A 762 -16.76 0.85 19.55
CA GLU A 762 -17.11 2.27 19.63
C GLU A 762 -18.61 2.48 19.43
N ILE A 763 -19.23 1.70 18.54
CA ILE A 763 -20.66 1.81 18.31
C ILE A 763 -21.40 1.26 19.51
N ALA A 764 -21.24 -0.04 19.76
CA ALA A 764 -22.10 -0.75 20.70
C ALA A 764 -21.72 -0.55 22.17
N LEU A 765 -20.58 0.06 22.49
CA LEU A 765 -20.22 0.26 23.89
C LEU A 765 -19.89 1.72 24.20
N GLU A 766 -18.81 2.24 23.62
CA GLU A 766 -18.33 3.59 23.94
C GLU A 766 -19.38 4.66 23.67
N ASN A 767 -20.14 4.52 22.58
CA ASN A 767 -21.14 5.51 22.15
C ASN A 767 -20.50 6.80 21.61
N ARG A 768 -19.50 6.63 20.74
CA ARG A 768 -18.68 7.79 20.36
C ARG A 768 -19.50 8.88 19.68
N ALA A 769 -20.45 8.50 18.81
CA ALA A 769 -21.28 9.50 18.14
C ALA A 769 -21.89 10.48 19.14
N THR A 770 -22.45 9.97 20.25
CA THR A 770 -23.20 10.83 21.15
C THR A 770 -22.32 11.87 21.82
N ILE A 771 -21.07 11.50 22.16
CA ILE A 771 -20.19 12.36 22.93
C ILE A 771 -20.01 13.72 22.28
N ALA A 772 -20.01 13.78 20.94
CA ALA A 772 -19.83 15.03 20.19
C ALA A 772 -21.14 15.69 19.76
N ALA A 773 -22.30 15.06 20.01
CA ALA A 773 -23.57 15.75 19.82
C ALA A 773 -23.61 17.06 20.59
N ALA A 774 -23.05 17.06 21.80
CA ALA A 774 -23.10 18.23 22.67
C ALA A 774 -22.15 19.35 22.23
N ALA A 775 -21.17 19.07 21.37
CA ALA A 775 -20.10 20.05 21.07
C ALA A 775 -20.50 21.13 20.06
N PRO A 776 -19.99 22.36 20.24
CA PRO A 776 -19.15 22.86 21.33
C PRO A 776 -19.92 23.29 22.57
N ILE A 777 -19.18 23.79 23.55
CA ILE A 777 -19.65 24.15 24.89
C ILE A 777 -19.10 25.53 25.23
N THR A 778 -19.81 26.28 26.06
CA THR A 778 -19.27 27.55 26.54
C THR A 778 -18.61 27.35 27.90
N LEU A 779 -17.81 28.35 28.29
CA LEU A 779 -16.99 28.23 29.49
C LEU A 779 -17.86 28.01 30.72
N THR A 780 -19.09 28.53 30.71
CA THR A 780 -19.93 28.47 31.91
C THR A 780 -20.29 27.03 32.26
N GLN A 781 -20.53 26.17 31.27
CA GLN A 781 -20.78 24.80 31.67
C GLN A 781 -19.56 23.89 31.52
N LEU A 782 -18.49 24.33 30.85
CA LEU A 782 -17.21 23.64 31.05
C LEU A 782 -16.80 23.70 32.52
N LEU A 783 -16.78 24.90 33.10
CA LEU A 783 -16.50 25.03 34.53
C LEU A 783 -17.62 24.48 35.38
N HIS A 784 -18.86 24.51 34.91
CA HIS A 784 -19.92 23.82 35.64
C HIS A 784 -19.57 22.34 35.79
N TRP A 785 -19.09 21.73 34.71
CA TRP A 785 -18.74 20.32 34.74
C TRP A 785 -17.46 20.07 35.52
N GLN A 786 -16.52 21.02 35.46
CA GLN A 786 -15.31 20.89 36.28
C GLN A 786 -15.65 20.87 37.77
N GLN A 787 -16.68 21.61 38.18
CA GLN A 787 -17.07 21.57 39.58
C GLN A 787 -17.52 20.17 39.98
N ARG A 788 -18.59 19.66 39.35
CA ARG A 788 -19.12 18.35 39.69
C ARG A 788 -18.05 17.26 39.74
N LEU A 789 -17.02 17.39 38.89
CA LEU A 789 -16.01 16.33 38.80
C LEU A 789 -15.12 16.28 40.03
N PHE A 790 -14.79 17.44 40.59
CA PHE A 790 -13.74 17.50 41.59
C PHE A 790 -14.13 18.07 42.96
N VAL A 791 -15.25 18.76 43.10
CA VAL A 791 -15.69 19.21 44.43
C VAL A 791 -16.63 18.19 45.07
N ALA A 792 -17.70 17.80 44.36
CA ALA A 792 -18.78 16.94 44.89
C ALA A 792 -19.11 17.17 46.38
N HIS B 10 13.71 8.75 30.15
CA HIS B 10 12.68 7.77 29.85
C HIS B 10 11.28 8.35 29.94
N SER B 11 10.38 7.78 29.13
CA SER B 11 9.03 8.30 28.99
C SER B 11 8.30 8.37 30.32
N SER B 12 7.50 9.42 30.48
CA SER B 12 6.69 9.65 31.68
C SER B 12 5.22 9.29 31.46
N GLY B 13 4.86 8.77 30.28
CA GLY B 13 3.51 8.29 30.08
C GLY B 13 3.32 6.93 30.72
N LEU B 14 2.09 6.70 31.20
CA LEU B 14 1.66 5.43 31.78
C LEU B 14 0.67 4.67 30.90
N VAL B 15 -0.38 5.33 30.45
CA VAL B 15 -1.44 4.71 29.67
C VAL B 15 -1.34 5.27 28.24
N PRO B 16 -1.44 4.42 27.21
CA PRO B 16 -1.25 4.88 25.83
C PRO B 16 -2.49 5.56 25.27
N ARG B 17 -2.27 6.66 24.56
CA ARG B 17 -3.39 7.38 23.94
C ARG B 17 -4.10 6.48 22.93
N GLY B 18 -5.41 6.67 22.81
CA GLY B 18 -6.19 6.01 21.77
C GLY B 18 -5.56 6.21 20.41
N SER B 19 -5.49 5.16 19.61
CA SER B 19 -4.76 5.20 18.35
C SER B 19 -5.63 4.61 17.26
N HIS B 20 -5.68 5.29 16.11
CA HIS B 20 -6.48 4.86 14.97
C HIS B 20 -5.58 4.52 13.80
N MET B 21 -5.71 3.30 13.28
CA MET B 21 -4.84 2.77 12.24
C MET B 21 -5.00 3.54 10.94
N ALA B 22 -3.94 3.48 10.11
CA ALA B 22 -3.87 4.28 8.89
C ALA B 22 -4.89 3.85 7.83
N SER B 23 -5.28 2.57 7.80
CA SER B 23 -6.26 2.05 6.84
C SER B 23 -5.72 2.09 5.41
N MET B 24 -4.63 1.37 5.17
CA MET B 24 -3.87 1.46 3.93
C MET B 24 -4.33 0.34 2.97
N THR B 25 -3.57 0.15 1.90
CA THR B 25 -3.70 -1.02 1.06
C THR B 25 -3.23 -2.27 1.81
N LEU B 26 -3.92 -3.41 1.60
CA LEU B 26 -3.55 -4.69 2.23
C LEU B 26 -3.58 -5.82 1.22
N ALA B 27 -2.62 -6.73 1.32
CA ALA B 27 -2.59 -7.88 0.46
C ALA B 27 -2.83 -9.15 1.28
N ALA B 28 -3.21 -10.24 0.58
CA ALA B 28 -3.36 -11.57 1.17
C ALA B 28 -3.29 -12.63 0.09
N SER B 29 -2.66 -13.77 0.42
CA SER B 29 -2.56 -14.89 -0.50
C SER B 29 -3.12 -16.17 0.09
N TRP B 30 -3.79 -16.96 -0.77
CA TRP B 30 -4.34 -18.27 -0.42
C TRP B 30 -4.20 -19.27 -1.55
N GLN B 31 -4.33 -20.53 -1.14
CA GLN B 31 -4.50 -21.65 -2.05
C GLN B 31 -5.82 -22.29 -1.67
N LEU B 32 -6.77 -22.37 -2.61
CA LEU B 32 -7.98 -23.09 -2.30
C LEU B 32 -7.68 -24.59 -2.23
N ASP B 33 -8.59 -25.32 -1.61
CA ASP B 33 -8.47 -26.78 -1.50
C ASP B 33 -8.47 -27.45 -2.87
N ASN B 34 -9.04 -26.80 -3.90
CA ASN B 34 -9.04 -27.30 -5.28
C ASN B 34 -7.72 -27.05 -6.00
N GLY B 35 -6.83 -26.23 -5.42
CA GLY B 35 -5.55 -25.90 -5.99
C GLY B 35 -5.44 -24.53 -6.60
N LEU B 36 -6.52 -23.74 -6.67
CA LEU B 36 -6.43 -22.36 -7.15
C LEU B 36 -5.59 -21.46 -6.23
N ALA B 37 -4.58 -20.80 -6.80
CA ALA B 37 -3.89 -19.70 -6.12
C ALA B 37 -4.70 -18.41 -6.21
N VAL B 38 -4.74 -17.67 -5.11
CA VAL B 38 -5.53 -16.46 -4.97
C VAL B 38 -4.65 -15.35 -4.39
N ARG B 39 -4.78 -14.16 -4.96
CA ARG B 39 -4.05 -12.99 -4.53
C ARG B 39 -5.08 -11.88 -4.40
N ALA B 40 -5.38 -11.45 -3.18
CA ALA B 40 -6.32 -10.36 -2.98
C ALA B 40 -5.58 -9.10 -2.55
N ILE B 41 -6.05 -7.96 -3.05
CA ILE B 41 -5.51 -6.65 -2.79
C ILE B 41 -6.67 -5.75 -2.39
N SER B 42 -6.71 -5.35 -1.13
CA SER B 42 -7.79 -4.51 -0.63
C SER B 42 -7.35 -3.05 -0.65
N THR B 43 -8.10 -2.20 -1.37
CA THR B 43 -7.78 -0.79 -1.57
C THR B 43 -8.94 0.03 -1.05
N PRO B 44 -8.99 0.30 0.26
CA PRO B 44 -10.17 0.94 0.85
C PRO B 44 -10.49 2.28 0.17
N GLY B 45 -11.78 2.52 -0.04
CA GLY B 45 -12.27 3.73 -0.66
C GLY B 45 -12.28 3.73 -2.18
N ALA B 46 -11.61 2.77 -2.83
CA ALA B 46 -11.49 2.77 -4.27
C ALA B 46 -12.86 2.80 -4.96
N GLU B 47 -12.88 3.39 -6.15
CA GLU B 47 -14.08 3.38 -6.97
C GLU B 47 -14.28 2.04 -7.69
N ALA B 48 -13.21 1.47 -8.24
CA ALA B 48 -13.31 0.29 -9.09
C ALA B 48 -12.88 -0.98 -8.36
N ALA B 49 -13.41 -2.10 -8.83
CA ALA B 49 -12.94 -3.43 -8.48
C ALA B 49 -12.60 -4.20 -9.76
N ALA B 50 -11.66 -5.13 -9.68
CA ALA B 50 -11.23 -5.83 -10.89
C ALA B 50 -10.73 -7.22 -10.54
N ALA B 51 -10.75 -8.10 -11.53
CA ALA B 51 -10.40 -9.49 -11.30
C ALA B 51 -9.75 -10.07 -12.54
N LEU B 52 -8.87 -11.04 -12.36
CA LEU B 52 -8.12 -11.57 -13.48
C LEU B 52 -7.78 -12.99 -13.13
N VAL B 53 -8.12 -13.92 -14.03
CA VAL B 53 -7.71 -15.31 -13.93
C VAL B 53 -6.67 -15.57 -15.00
N ARG B 54 -5.52 -16.12 -14.59
CA ARG B 54 -4.45 -16.48 -15.51
C ARG B 54 -4.32 -18.00 -15.55
N ILE B 55 -4.23 -18.55 -16.76
CA ILE B 55 -4.13 -19.99 -16.96
C ILE B 55 -2.73 -20.27 -17.49
N GLU B 56 -2.07 -21.30 -16.94
CA GLU B 56 -0.77 -21.72 -17.46
C GLU B 56 -0.91 -22.57 -18.74
N ALA B 57 -1.43 -21.94 -19.81
CA ALA B 57 -1.36 -22.50 -21.15
C ALA B 57 -1.54 -21.37 -22.17
N GLY B 58 -0.73 -21.40 -23.24
CA GLY B 58 -0.86 -20.47 -24.36
C GLY B 58 -0.81 -21.15 -25.73
N SER B 59 -0.55 -20.34 -26.78
CA SER B 59 -0.33 -20.81 -28.16
C SER B 59 0.57 -22.04 -28.22
N PHE B 60 1.74 -21.97 -27.57
CA PHE B 60 2.71 -23.05 -27.61
C PHE B 60 2.14 -24.39 -27.11
N GLN B 61 1.05 -24.37 -26.36
CA GLN B 61 0.49 -25.62 -25.85
C GLN B 61 -0.61 -26.17 -26.75
N ALA B 62 -1.04 -25.43 -27.75
CA ALA B 62 -1.94 -25.98 -28.74
C ALA B 62 -1.29 -27.17 -29.43
N PRO B 63 -2.07 -28.18 -29.82
CA PRO B 63 -1.50 -29.32 -30.56
C PRO B 63 -1.02 -28.87 -31.93
N ALA B 64 0.10 -29.44 -32.39
CA ALA B 64 0.68 -28.98 -33.65
C ALA B 64 -0.33 -29.01 -34.78
N ALA B 65 -1.35 -29.87 -34.69
CA ALA B 65 -2.31 -30.01 -35.78
C ALA B 65 -3.42 -28.97 -35.75
N TRP B 66 -3.49 -28.08 -34.76
CA TRP B 66 -4.58 -27.11 -34.67
C TRP B 66 -4.04 -25.70 -34.44
N PRO B 67 -3.47 -25.08 -35.47
CA PRO B 67 -3.01 -23.70 -35.35
C PRO B 67 -4.11 -22.76 -34.84
N GLY B 68 -3.74 -21.93 -33.86
CA GLY B 68 -4.67 -20.98 -33.29
C GLY B 68 -5.77 -21.58 -32.45
N LEU B 69 -5.72 -22.88 -32.15
CA LEU B 69 -6.67 -23.47 -31.20
C LEU B 69 -6.86 -22.56 -29.97
N ALA B 70 -5.74 -22.15 -29.32
CA ALA B 70 -5.86 -21.34 -28.10
C ALA B 70 -6.54 -19.99 -28.38
N HIS B 71 -6.13 -19.32 -29.46
CA HIS B 71 -6.81 -18.09 -29.85
C HIS B 71 -8.31 -18.31 -29.99
N LEU B 72 -8.69 -19.40 -30.68
CA LEU B 72 -10.11 -19.70 -30.88
C LEU B 72 -10.80 -19.96 -29.55
N LEU B 73 -10.17 -20.75 -28.68
CA LEU B 73 -10.74 -21.00 -27.35
C LEU B 73 -11.04 -19.70 -26.62
N GLU B 74 -10.12 -18.71 -26.72
CA GLU B 74 -10.33 -17.44 -26.04
C GLU B 74 -11.62 -16.76 -26.51
N HIS B 75 -11.80 -16.65 -27.84
CA HIS B 75 -13.04 -16.12 -28.40
C HIS B 75 -14.25 -16.89 -27.89
N MET B 76 -14.17 -18.22 -27.94
CA MET B 76 -15.32 -19.06 -27.64
C MET B 76 -15.72 -19.00 -26.17
N LEU B 77 -14.78 -18.76 -25.25
CA LEU B 77 -15.19 -18.63 -23.85
C LEU B 77 -16.17 -17.48 -23.62
N PHE B 78 -16.16 -16.46 -24.47
CA PHE B 78 -17.10 -15.34 -24.40
C PHE B 78 -18.41 -15.61 -25.11
N ARG B 79 -18.68 -16.85 -25.51
CA ARG B 79 -19.81 -17.19 -26.37
C ARG B 79 -20.88 -17.99 -25.64
N GLY B 80 -20.81 -18.06 -24.31
CA GLY B 80 -21.83 -18.75 -23.53
C GLY B 80 -21.35 -19.91 -22.70
N SER B 81 -21.91 -20.03 -21.50
CA SER B 81 -21.51 -21.06 -20.55
C SER B 81 -22.73 -21.68 -19.90
N ALA B 82 -22.48 -22.77 -19.16
CA ALA B 82 -23.54 -23.57 -18.57
C ALA B 82 -24.63 -22.77 -17.86
N ASN B 83 -24.31 -21.62 -17.30
CA ASN B 83 -25.32 -20.86 -16.56
C ASN B 83 -25.54 -19.45 -17.10
N PHE B 84 -24.92 -19.08 -18.22
CA PHE B 84 -25.11 -17.76 -18.79
C PHE B 84 -24.97 -17.86 -20.30
N SER B 85 -25.98 -17.38 -21.03
CA SER B 85 -25.83 -17.19 -22.47
C SER B 85 -24.78 -16.11 -22.75
N ALA B 86 -24.39 -15.97 -24.02
CA ALA B 86 -23.36 -15.01 -24.37
C ALA B 86 -23.79 -13.59 -24.03
N GLN B 87 -25.09 -13.28 -24.14
CA GLN B 87 -25.57 -11.94 -23.82
C GLN B 87 -25.56 -11.72 -22.31
N ASP B 88 -26.07 -12.69 -21.55
CA ASP B 88 -26.05 -12.59 -20.11
C ASP B 88 -24.69 -12.95 -19.51
N GLY B 89 -23.74 -13.40 -20.33
CA GLY B 89 -22.41 -13.75 -19.87
C GLY B 89 -21.58 -12.53 -19.50
N LEU B 90 -20.28 -12.76 -19.29
CA LEU B 90 -19.41 -11.69 -18.80
C LEU B 90 -19.27 -10.56 -19.80
N MET B 91 -19.22 -10.88 -21.10
CA MET B 91 -19.16 -9.83 -22.12
C MET B 91 -20.36 -8.89 -22.00
N GLY B 92 -21.56 -9.44 -22.11
CA GLY B 92 -22.74 -8.59 -22.16
C GLY B 92 -23.02 -7.88 -20.86
N TRP B 93 -22.69 -8.53 -19.74
CA TRP B 93 -22.88 -7.94 -18.42
C TRP B 93 -21.92 -6.77 -18.19
N THR B 94 -20.66 -6.94 -18.57
CA THR B 94 -19.70 -5.84 -18.46
C THR B 94 -20.15 -4.63 -19.27
N GLN B 95 -20.65 -4.88 -20.50
CA GLN B 95 -21.03 -3.79 -21.40
C GLN B 95 -22.21 -3.01 -20.86
N ALA B 96 -23.26 -3.70 -20.45
CA ALA B 96 -24.37 -3.03 -19.77
C ALA B 96 -23.86 -2.21 -18.61
N ALA B 97 -22.83 -2.70 -17.92
CA ALA B 97 -22.34 -2.08 -16.69
C ALA B 97 -21.38 -0.93 -16.94
N GLY B 98 -21.00 -0.68 -18.19
CA GLY B 98 -19.97 0.32 -18.42
C GLY B 98 -18.62 -0.07 -17.84
N GLY B 99 -18.33 -1.37 -17.79
CA GLY B 99 -17.05 -1.85 -17.30
C GLY B 99 -16.02 -1.97 -18.40
N ARG B 100 -14.87 -2.54 -18.03
CA ARG B 100 -13.86 -2.95 -18.98
C ARG B 100 -13.73 -4.47 -18.95
N LEU B 101 -13.18 -5.01 -20.02
CA LEU B 101 -13.08 -6.46 -20.15
C LEU B 101 -12.13 -6.76 -21.29
N ASN B 102 -11.19 -7.68 -21.07
CA ASN B 102 -10.33 -8.10 -22.16
C ASN B 102 -9.71 -9.44 -21.81
N ALA B 103 -9.02 -10.02 -22.78
CA ALA B 103 -8.34 -11.30 -22.57
C ALA B 103 -7.17 -11.38 -23.52
N THR B 104 -6.17 -12.19 -23.17
CA THR B 104 -4.96 -12.32 -23.98
C THR B 104 -4.48 -13.75 -23.93
N THR B 105 -4.23 -14.33 -25.09
CA THR B 105 -3.53 -15.61 -25.21
C THR B 105 -2.10 -15.27 -25.62
N GLN B 106 -1.14 -15.65 -24.79
CA GLN B 106 0.26 -15.42 -25.08
C GLN B 106 0.92 -16.77 -25.37
N ALA B 107 2.24 -16.78 -25.45
CA ALA B 107 2.90 -18.00 -25.89
C ALA B 107 2.63 -19.15 -24.92
N THR B 108 2.70 -18.88 -23.60
CA THR B 108 2.63 -19.94 -22.60
C THR B 108 1.57 -19.69 -21.53
N GLN B 109 0.90 -18.55 -21.55
CA GLN B 109 -0.08 -18.23 -20.52
C GLN B 109 -1.22 -17.47 -21.17
N THR B 110 -2.39 -17.55 -20.54
CA THR B 110 -3.60 -16.91 -21.03
C THR B 110 -4.27 -16.25 -19.85
N ALA B 111 -4.95 -15.11 -20.08
CA ALA B 111 -5.57 -14.38 -18.98
C ALA B 111 -6.87 -13.74 -19.43
N PHE B 112 -7.83 -13.69 -18.50
CA PHE B 112 -9.15 -13.08 -18.66
C PHE B 112 -9.37 -12.13 -17.49
N PHE B 113 -9.94 -10.95 -17.75
CA PHE B 113 -9.97 -9.95 -16.68
C PHE B 113 -11.01 -8.87 -16.95
N PHE B 114 -11.54 -8.27 -15.88
CA PHE B 114 -12.53 -7.20 -16.07
C PHE B 114 -12.42 -6.16 -14.98
N GLU B 115 -13.06 -5.01 -15.21
CA GLU B 115 -13.08 -3.93 -14.23
C GLU B 115 -14.48 -3.35 -14.17
N VAL B 116 -15.06 -3.28 -12.97
CA VAL B 116 -16.39 -2.73 -12.77
C VAL B 116 -16.38 -1.86 -11.52
N GLY B 117 -17.54 -1.28 -11.21
CA GLY B 117 -17.73 -0.68 -9.91
C GLY B 117 -17.69 -1.72 -8.81
N ALA B 118 -17.45 -1.25 -7.58
CA ALA B 118 -17.21 -2.12 -6.43
C ALA B 118 -18.30 -3.17 -6.24
N ASP B 119 -19.54 -2.73 -6.07
CA ASP B 119 -20.62 -3.64 -5.65
C ASP B 119 -20.84 -4.81 -6.60
N PRO B 120 -21.07 -4.62 -7.90
CA PRO B 120 -21.41 -5.77 -8.73
C PRO B 120 -20.25 -6.75 -8.96
N LEU B 121 -19.24 -6.74 -8.11
CA LEU B 121 -18.11 -7.64 -8.30
C LEU B 121 -18.55 -9.11 -8.24
N ALA B 122 -19.40 -9.49 -7.28
CA ALA B 122 -19.76 -10.90 -7.18
C ALA B 122 -20.44 -11.39 -8.45
N GLU B 123 -21.29 -10.57 -9.05
CA GLU B 123 -21.95 -11.00 -10.27
C GLU B 123 -20.93 -11.21 -11.39
N GLY B 124 -19.90 -10.37 -11.44
CA GLY B 124 -18.88 -10.52 -12.46
C GLY B 124 -18.06 -11.78 -12.31
N LEU B 125 -17.62 -12.06 -11.08
CA LEU B 125 -16.88 -13.28 -10.81
C LEU B 125 -17.75 -14.52 -11.01
N ALA B 126 -19.03 -14.41 -10.67
CA ALA B 126 -19.97 -15.46 -11.01
C ALA B 126 -19.85 -15.83 -12.49
N ARG B 127 -19.77 -14.82 -13.36
CA ARG B 127 -19.71 -15.09 -14.79
C ARG B 127 -18.30 -15.43 -15.25
N LEU B 128 -17.26 -14.81 -14.67
CA LEU B 128 -15.91 -15.22 -15.03
C LEU B 128 -15.66 -16.66 -14.63
N SER B 129 -16.10 -17.03 -13.44
CA SER B 129 -15.98 -18.41 -13.00
C SER B 129 -16.74 -19.36 -13.94
N ASP B 130 -17.92 -18.96 -14.41
CA ASP B 130 -18.72 -19.89 -15.21
C ASP B 130 -18.12 -20.11 -16.60
N MET B 131 -17.77 -19.04 -17.32
CA MET B 131 -17.18 -19.20 -18.64
C MET B 131 -15.86 -19.95 -18.59
N LEU B 132 -15.12 -19.86 -17.49
CA LEU B 132 -13.85 -20.58 -17.41
C LEU B 132 -14.09 -22.06 -17.17
N ALA B 133 -15.13 -22.39 -16.39
CA ALA B 133 -15.36 -23.77 -15.98
C ALA B 133 -16.14 -24.58 -17.00
N ALA B 134 -17.13 -23.98 -17.68
CA ALA B 134 -18.13 -24.74 -18.44
C ALA B 134 -18.61 -23.93 -19.63
N PRO B 135 -17.76 -23.70 -20.62
CA PRO B 135 -18.21 -23.01 -21.83
C PRO B 135 -19.04 -23.93 -22.72
N GLN B 136 -20.07 -23.36 -23.35
CA GLN B 136 -20.89 -24.16 -24.26
C GLN B 136 -20.05 -24.77 -25.37
N LEU B 137 -19.28 -23.93 -26.07
CA LEU B 137 -18.49 -24.34 -27.23
C LEU B 137 -19.42 -24.86 -28.34
N ALA B 138 -20.52 -24.12 -28.57
CA ALA B 138 -21.50 -24.52 -29.58
C ALA B 138 -20.89 -24.47 -30.96
N ALA B 139 -20.95 -25.61 -31.68
CA ALA B 139 -20.53 -25.70 -33.08
C ALA B 139 -20.95 -24.46 -33.88
N GLU B 140 -22.20 -24.02 -33.68
CA GLU B 140 -22.69 -22.82 -34.34
C GLU B 140 -21.82 -21.59 -34.02
N ALA B 141 -21.37 -21.47 -32.77
CA ALA B 141 -20.51 -20.33 -32.40
C ALA B 141 -19.12 -20.49 -32.98
N ILE B 142 -18.57 -21.70 -32.94
CA ILE B 142 -17.29 -21.98 -33.59
C ILE B 142 -17.32 -21.52 -35.03
N ALA B 143 -18.35 -21.92 -35.77
CA ALA B 143 -18.49 -21.51 -37.17
C ALA B 143 -18.35 -20.01 -37.32
N GLN B 144 -19.08 -19.24 -36.50
CA GLN B 144 -18.97 -17.79 -36.55
C GLN B 144 -17.54 -17.30 -36.30
N GLU B 145 -16.90 -17.81 -35.24
CA GLU B 145 -15.63 -17.25 -34.80
C GLU B 145 -14.46 -17.69 -35.66
N ILE B 146 -14.61 -18.79 -36.40
CA ILE B 146 -13.65 -19.10 -37.46
C ILE B 146 -13.55 -17.93 -38.42
N GLU B 147 -14.70 -17.31 -38.73
CA GLU B 147 -14.67 -16.19 -39.66
C GLU B 147 -14.08 -14.96 -39.01
N VAL B 148 -14.38 -14.74 -37.72
CA VAL B 148 -13.88 -13.56 -37.03
C VAL B 148 -12.37 -13.62 -36.92
N ILE B 149 -11.82 -14.80 -36.69
CA ILE B 149 -10.38 -14.90 -36.53
C ILE B 149 -9.67 -14.76 -37.88
N ASP B 150 -10.19 -15.41 -38.93
CA ASP B 150 -9.63 -15.24 -40.27
C ASP B 150 -9.56 -13.77 -40.63
N ALA B 151 -10.60 -13.01 -40.28
CA ALA B 151 -10.56 -11.56 -40.51
C ALA B 151 -9.42 -10.92 -39.72
N GLU B 152 -9.40 -11.14 -38.40
CA GLU B 152 -8.28 -10.69 -37.57
C GLU B 152 -6.95 -11.18 -38.12
N TYR B 153 -6.92 -12.40 -38.66
CA TYR B 153 -5.70 -12.91 -39.28
C TYR B 153 -5.30 -12.10 -40.51
N ARG B 154 -6.25 -11.77 -41.40
CA ARG B 154 -5.88 -10.99 -42.59
C ARG B 154 -5.37 -9.62 -42.18
N LEU B 155 -5.98 -9.05 -41.14
CA LEU B 155 -5.59 -7.75 -40.65
C LEU B 155 -4.24 -7.81 -39.94
N LEU B 156 -3.96 -8.91 -39.24
CA LEU B 156 -2.70 -9.06 -38.53
C LEU B 156 -1.53 -9.32 -39.48
N ARG B 157 -1.79 -9.85 -40.69
CA ARG B 157 -0.73 -10.01 -41.67
C ARG B 157 -0.11 -8.67 -42.06
N ALA B 158 -0.75 -7.54 -41.75
CA ALA B 158 -0.26 -6.22 -42.10
C ALA B 158 0.16 -5.38 -40.88
N ASP B 159 0.23 -5.97 -39.70
CA ASP B 159 0.52 -5.21 -38.50
C ASP B 159 2.03 -5.23 -38.22
N GLY B 160 2.60 -4.04 -37.99
CA GLY B 160 4.04 -3.97 -37.73
C GLY B 160 4.47 -4.79 -36.52
N GLU B 161 3.83 -4.56 -35.37
CA GLU B 161 4.24 -5.26 -34.15
C GLU B 161 4.15 -6.77 -34.31
N THR B 162 3.03 -7.26 -34.84
CA THR B 162 2.87 -8.70 -35.03
C THR B 162 4.02 -9.26 -35.86
N ARG B 163 4.40 -8.57 -36.92
CA ARG B 163 5.48 -9.08 -37.77
C ARG B 163 6.85 -8.90 -37.12
N CYS B 164 7.05 -7.80 -36.38
CA CYS B 164 8.28 -7.65 -35.60
C CYS B 164 8.43 -8.79 -34.58
N GLU B 165 7.35 -9.16 -33.89
CA GLU B 165 7.47 -10.20 -32.88
C GLU B 165 7.78 -11.55 -33.51
N ALA B 166 7.14 -11.88 -34.64
CA ALA B 166 7.51 -13.08 -35.38
C ALA B 166 8.97 -13.04 -35.81
N ALA B 167 9.44 -11.88 -36.29
CA ALA B 167 10.82 -11.79 -36.71
C ALA B 167 11.77 -12.04 -35.55
N GLN B 168 11.48 -11.46 -34.36
CA GLN B 168 12.32 -11.67 -33.18
C GLN B 168 12.42 -13.15 -32.81
N ARG B 169 11.29 -13.85 -32.78
CA ARG B 169 11.32 -15.29 -32.52
C ARG B 169 12.18 -16.03 -33.53
N GLN B 170 12.25 -15.54 -34.79
CA GLN B 170 13.08 -16.13 -35.85
C GLN B 170 14.58 -16.02 -35.52
N MET B 171 14.97 -15.12 -34.61
CA MET B 171 16.36 -14.98 -34.21
C MET B 171 16.78 -16.04 -33.19
N PHE B 172 15.87 -16.91 -32.76
CA PHE B 172 16.15 -17.93 -31.75
C PHE B 172 15.58 -19.27 -32.19
N SER B 173 16.05 -20.33 -31.54
CA SER B 173 15.59 -21.68 -31.80
C SER B 173 15.44 -22.39 -30.47
N GLY B 174 14.91 -23.62 -30.53
CA GLY B 174 14.71 -24.37 -29.31
C GLY B 174 13.66 -25.46 -29.43
N PHE B 175 12.50 -25.10 -29.95
CA PHE B 175 11.41 -26.05 -30.11
C PHE B 175 10.51 -25.57 -31.23
N ASP B 176 9.75 -26.52 -31.79
CA ASP B 176 8.93 -26.29 -32.98
C ASP B 176 7.92 -25.16 -32.81
N ALA B 177 7.24 -25.10 -31.66
CA ALA B 177 6.13 -24.17 -31.51
C ALA B 177 6.60 -22.72 -31.62
N LEU B 178 7.90 -22.49 -31.42
CA LEU B 178 8.41 -21.13 -31.45
C LEU B 178 8.21 -20.51 -32.82
N HIS B 179 8.28 -21.32 -33.88
CA HIS B 179 8.18 -20.84 -35.25
C HIS B 179 6.92 -21.34 -35.95
N ARG B 180 5.88 -21.66 -35.20
CA ARG B 180 4.62 -22.08 -35.78
C ARG B 180 3.68 -20.90 -36.04
N PHE B 181 2.66 -21.16 -36.83
CA PHE B 181 1.52 -20.26 -36.97
C PHE B 181 0.61 -20.40 -35.75
N HIS B 182 0.11 -19.28 -35.23
CA HIS B 182 -0.68 -19.34 -34.00
C HIS B 182 -1.91 -18.45 -34.02
N ILE B 183 -2.10 -17.61 -35.03
CA ILE B 183 -3.27 -16.74 -35.01
C ILE B 183 -4.52 -17.54 -35.32
N GLY B 184 -4.40 -18.52 -36.23
CA GLY B 184 -5.54 -19.24 -36.76
C GLY B 184 -6.05 -18.61 -38.05
N SER B 185 -6.95 -19.34 -38.72
CA SER B 185 -7.41 -19.00 -40.06
C SER B 185 -8.43 -20.01 -40.55
N ARG B 186 -9.22 -19.58 -41.54
CA ARG B 186 -10.15 -20.50 -42.18
C ARG B 186 -9.43 -21.73 -42.71
N ALA B 187 -8.32 -21.53 -43.40
CA ALA B 187 -7.53 -22.67 -43.84
C ALA B 187 -7.21 -23.58 -42.67
N ALA B 188 -6.70 -23.01 -41.58
CA ALA B 188 -6.09 -23.85 -40.54
C ALA B 188 -7.13 -24.50 -39.64
N PHE B 189 -8.28 -23.85 -39.43
CA PHE B 189 -9.27 -24.39 -38.51
C PHE B 189 -9.95 -25.64 -39.09
N GLY B 190 -10.31 -25.62 -40.37
CA GLY B 190 -10.72 -26.81 -41.09
C GLY B 190 -12.16 -26.76 -41.54
N SER B 191 -12.56 -27.83 -42.24
CA SER B 191 -13.94 -27.98 -42.70
C SER B 191 -14.78 -28.79 -41.72
N ASP B 192 -14.15 -29.76 -41.08
CA ASP B 192 -14.74 -30.57 -40.03
C ASP B 192 -14.98 -29.74 -38.76
N ILE B 193 -16.13 -29.07 -38.67
CA ILE B 193 -16.42 -28.30 -37.46
C ILE B 193 -16.61 -29.21 -36.25
N SER B 194 -16.87 -30.49 -36.47
CA SER B 194 -17.04 -31.43 -35.36
C SER B 194 -15.71 -31.81 -34.74
N ALA B 195 -14.65 -31.95 -35.55
CA ALA B 195 -13.35 -32.32 -34.99
C ALA B 195 -12.62 -31.12 -34.37
N LEU B 196 -12.92 -29.90 -34.85
CA LEU B 196 -12.41 -28.69 -34.24
C LEU B 196 -12.95 -28.51 -32.84
N GLN B 197 -14.21 -28.92 -32.63
CA GLN B 197 -14.92 -28.71 -31.39
C GLN B 197 -14.50 -29.72 -30.35
N GLN B 198 -14.00 -30.86 -30.74
CA GLN B 198 -13.45 -31.74 -29.73
C GLN B 198 -11.99 -31.44 -29.44
N ALA B 199 -11.27 -30.85 -30.40
CA ALA B 199 -9.94 -30.32 -30.10
C ALA B 199 -10.04 -29.22 -29.03
N LEU B 200 -10.98 -28.28 -29.21
CA LEU B 200 -11.26 -27.28 -28.19
C LEU B 200 -11.52 -27.92 -26.84
N ARG B 201 -12.48 -28.86 -26.79
CA ARG B 201 -12.85 -29.47 -25.53
C ARG B 201 -11.68 -30.16 -24.86
N GLN B 202 -10.76 -30.73 -25.64
CA GLN B 202 -9.65 -31.44 -25.00
C GLN B 202 -8.61 -30.47 -24.46
N PHE B 203 -8.36 -29.39 -25.19
CA PHE B 203 -7.48 -28.36 -24.72
C PHE B 203 -8.01 -27.76 -23.44
N HIS B 204 -9.27 -27.32 -23.47
CA HIS B 204 -9.87 -26.73 -22.28
C HIS B 204 -9.87 -27.71 -21.14
N HIS B 205 -10.30 -28.95 -21.38
CA HIS B 205 -10.34 -29.93 -20.31
C HIS B 205 -8.97 -30.18 -19.72
N HIS B 206 -7.93 -30.14 -20.56
CA HIS B 206 -6.62 -30.50 -20.02
C HIS B 206 -5.96 -29.36 -19.24
N TYR B 207 -6.19 -28.10 -19.64
CA TYR B 207 -5.47 -26.96 -19.09
C TYR B 207 -6.28 -26.07 -18.16
N TYR B 208 -7.59 -25.92 -18.38
CA TYR B 208 -8.41 -25.07 -17.50
C TYR B 208 -8.85 -25.82 -16.25
N ARG B 209 -7.86 -26.23 -15.46
CA ARG B 209 -8.03 -26.75 -14.11
C ARG B 209 -7.54 -25.76 -13.05
N ALA B 210 -8.14 -25.85 -11.87
CA ALA B 210 -7.78 -25.00 -10.75
C ALA B 210 -6.30 -25.11 -10.36
N PRO B 211 -5.70 -26.29 -10.22
CA PRO B 211 -4.25 -26.36 -9.93
C PRO B 211 -3.37 -25.66 -10.96
N ASN B 212 -3.93 -25.29 -12.12
CA ASN B 212 -3.21 -24.67 -13.24
C ASN B 212 -3.60 -23.21 -13.43
N MET B 213 -4.29 -22.61 -12.46
CA MET B 213 -4.84 -21.26 -12.61
C MET B 213 -4.45 -20.43 -11.38
N THR B 214 -4.51 -19.11 -11.57
CA THR B 214 -4.33 -18.13 -10.52
C THR B 214 -5.40 -17.06 -10.67
N LEU B 215 -6.04 -16.70 -9.56
CA LEU B 215 -7.05 -15.63 -9.54
C LEU B 215 -6.53 -14.47 -8.69
N TRP B 216 -6.42 -13.28 -9.30
CA TRP B 216 -6.22 -12.01 -8.60
C TRP B 216 -7.54 -11.28 -8.42
N LEU B 217 -7.73 -10.72 -7.23
CA LEU B 217 -8.91 -9.94 -6.86
C LEU B 217 -8.45 -8.62 -6.26
N GLN B 218 -8.97 -7.50 -6.76
CA GLN B 218 -8.61 -6.17 -6.26
C GLN B 218 -9.84 -5.29 -6.23
N GLY B 219 -10.20 -4.81 -5.04
CA GLY B 219 -11.32 -3.92 -4.88
C GLY B 219 -11.30 -3.22 -3.54
N PRO B 220 -12.28 -2.34 -3.32
CA PRO B 220 -12.41 -1.69 -2.01
C PRO B 220 -12.89 -2.64 -0.93
N GLN B 221 -13.35 -3.83 -1.32
CA GLN B 221 -13.79 -4.83 -0.36
C GLN B 221 -12.67 -5.18 0.60
N SER B 222 -13.05 -5.60 1.80
CA SER B 222 -12.02 -6.01 2.75
C SER B 222 -11.41 -7.34 2.32
N LEU B 223 -10.27 -7.66 2.93
CA LEU B 223 -9.65 -8.96 2.68
C LEU B 223 -10.60 -10.11 3.01
N GLU B 224 -11.50 -9.91 3.97
CA GLU B 224 -12.42 -10.95 4.36
C GLU B 224 -13.51 -11.14 3.32
N GLN B 225 -14.01 -10.03 2.77
CA GLN B 225 -14.98 -10.08 1.68
C GLN B 225 -14.34 -10.62 0.41
N LEU B 226 -13.07 -10.30 0.18
CA LEU B 226 -12.38 -10.80 -1.00
C LEU B 226 -12.06 -12.28 -0.85
N HIS B 227 -11.76 -12.73 0.37
CA HIS B 227 -11.56 -14.14 0.62
C HIS B 227 -12.83 -14.92 0.35
N ALA B 228 -13.96 -14.39 0.79
CA ALA B 228 -15.22 -15.11 0.61
C ALA B 228 -15.59 -15.21 -0.86
N LEU B 229 -15.43 -14.12 -1.61
CA LEU B 229 -15.67 -14.16 -3.04
C LEU B 229 -14.76 -15.18 -3.73
N ALA B 230 -13.50 -15.26 -3.29
CA ALA B 230 -12.59 -16.27 -3.83
C ALA B 230 -13.09 -17.67 -3.54
N GLN B 231 -13.50 -17.91 -2.30
CA GLN B 231 -13.97 -19.23 -1.91
C GLN B 231 -15.21 -19.59 -2.71
N ARG B 232 -16.12 -18.63 -2.83
CA ARG B 232 -17.40 -18.86 -3.47
C ARG B 232 -17.24 -19.14 -4.96
N TYR B 233 -16.68 -18.18 -5.70
CA TYR B 233 -16.58 -18.28 -7.14
C TYR B 233 -15.32 -19.01 -7.60
N GLY B 234 -14.24 -18.96 -6.81
CA GLY B 234 -13.05 -19.70 -7.18
C GLY B 234 -13.16 -21.16 -6.87
N GLY B 235 -13.95 -21.52 -5.86
CA GLY B 235 -14.17 -22.91 -5.53
C GLY B 235 -14.95 -23.69 -6.58
N GLY B 236 -15.62 -22.99 -7.50
CA GLY B 236 -16.37 -23.69 -8.52
C GLY B 236 -15.65 -23.89 -9.83
N LEU B 237 -14.29 -24.08 -9.80
CA LEU B 237 -13.46 -24.39 -10.95
C LEU B 237 -12.96 -25.84 -10.86
N PRO B 238 -12.78 -26.50 -12.01
CA PRO B 238 -12.53 -27.96 -12.00
C PRO B 238 -11.22 -28.30 -11.30
N SER B 239 -11.12 -29.52 -10.76
CA SER B 239 -9.88 -29.91 -10.09
C SER B 239 -9.15 -31.00 -10.87
N GLY B 240 -7.96 -31.34 -10.39
CA GLY B 240 -7.14 -32.36 -11.03
C GLY B 240 -5.64 -32.18 -10.90
N GLU B 246 5.44 -31.58 -18.08
CA GLU B 246 5.24 -30.81 -19.32
C GLU B 246 6.08 -29.51 -19.40
N THR B 247 7.19 -29.57 -20.14
CA THR B 247 8.22 -28.54 -20.10
C THR B 247 8.62 -28.13 -21.50
N LEU B 248 8.92 -26.86 -21.66
CA LEU B 248 9.50 -26.36 -22.90
C LEU B 248 10.99 -26.15 -22.72
N PRO B 249 11.80 -26.46 -23.72
CA PRO B 249 13.23 -26.18 -23.61
C PRO B 249 13.48 -24.69 -23.72
N PRO B 250 14.69 -24.23 -23.41
CA PRO B 250 14.95 -22.79 -23.43
C PRO B 250 15.54 -22.31 -24.75
N LEU B 251 15.37 -21.01 -25.00
CA LEU B 251 15.72 -20.43 -26.29
C LEU B 251 17.22 -20.34 -26.51
N ALA B 252 17.66 -20.68 -27.71
CA ALA B 252 19.05 -20.56 -28.11
C ALA B 252 19.20 -19.48 -29.18
N ALA B 253 20.28 -18.72 -29.11
CA ALA B 253 20.40 -17.59 -30.02
C ALA B 253 20.76 -18.06 -31.42
N GLY B 254 20.10 -17.45 -32.43
CA GLY B 254 20.36 -17.76 -33.82
C GLY B 254 21.01 -16.63 -34.58
N GLN B 255 20.35 -16.15 -35.65
CA GLN B 255 20.84 -15.10 -36.53
C GLN B 255 20.25 -13.76 -36.12
N ASP B 256 21.06 -12.70 -36.28
CA ASP B 256 20.51 -11.37 -36.42
C ASP B 256 19.81 -11.24 -37.77
N TYR B 257 18.92 -10.26 -37.90
CA TYR B 257 18.19 -10.08 -39.15
C TYR B 257 17.90 -8.60 -39.39
N THR B 258 17.44 -8.33 -40.61
CA THR B 258 16.77 -7.08 -40.94
C THR B 258 15.39 -7.45 -41.45
N LEU B 259 14.41 -6.67 -41.03
CA LEU B 259 13.04 -6.85 -41.47
C LEU B 259 12.62 -5.60 -42.22
N SER B 260 12.07 -5.79 -43.42
CA SER B 260 11.59 -4.68 -44.23
C SER B 260 10.13 -4.41 -43.91
N LEU B 261 9.84 -3.20 -43.43
CA LEU B 261 8.48 -2.84 -43.08
C LEU B 261 8.29 -1.37 -43.36
N PRO B 262 7.10 -0.97 -43.81
CA PRO B 262 6.78 0.46 -43.85
C PRO B 262 6.79 1.03 -42.43
N GLY B 263 7.39 2.21 -42.29
CA GLY B 263 7.33 2.91 -41.02
C GLY B 263 8.66 3.51 -40.60
N ALA B 264 8.66 4.14 -39.43
CA ALA B 264 9.88 4.62 -38.81
C ALA B 264 10.80 3.43 -38.50
N PRO B 265 12.10 3.56 -38.72
CA PRO B 265 13.00 2.43 -38.49
C PRO B 265 13.23 2.17 -37.01
N GLN B 266 13.51 0.90 -36.70
CA GLN B 266 13.74 0.44 -35.35
C GLN B 266 15.05 -0.32 -35.24
N LEU B 267 15.60 -0.34 -34.03
CA LEU B 267 16.59 -1.32 -33.60
C LEU B 267 16.03 -2.01 -32.37
N ARG B 268 15.91 -3.34 -32.42
CA ARG B 268 15.37 -4.13 -31.34
C ARG B 268 16.48 -5.09 -30.92
N LEU B 269 17.03 -4.86 -29.72
CA LEU B 269 18.02 -5.76 -29.14
C LEU B 269 17.29 -6.70 -28.18
N VAL B 270 17.44 -8.01 -28.44
CA VAL B 270 16.63 -9.05 -27.81
C VAL B 270 17.56 -10.01 -27.09
N PHE B 271 17.42 -10.06 -25.76
CA PHE B 271 18.20 -10.95 -24.90
C PHE B 271 17.33 -12.15 -24.51
N THR B 272 17.92 -13.33 -24.55
CA THR B 272 17.27 -14.53 -24.06
C THR B 272 17.74 -14.78 -22.63
N LEU B 273 16.78 -14.83 -21.70
CA LEU B 273 16.94 -14.86 -20.26
C LEU B 273 16.17 -16.04 -19.68
N PRO B 274 16.57 -16.55 -18.52
CA PRO B 274 15.68 -17.44 -17.77
C PRO B 274 14.50 -16.66 -17.21
N HIS B 275 13.42 -17.38 -16.91
CA HIS B 275 12.17 -16.78 -16.38
C HIS B 275 12.15 -16.97 -14.87
N CYS B 276 12.53 -15.94 -14.14
CA CYS B 276 12.66 -16.01 -12.70
C CYS B 276 11.34 -15.64 -12.03
N ARG B 277 11.20 -16.02 -10.76
CA ARG B 277 10.01 -15.65 -10.00
C ARG B 277 10.05 -14.17 -9.66
N SER B 278 11.23 -13.63 -9.42
CA SER B 278 11.38 -12.22 -9.02
C SER B 278 11.68 -11.40 -10.28
N ARG B 279 10.66 -10.70 -10.77
CA ARG B 279 10.74 -9.92 -12.00
C ARG B 279 10.48 -8.43 -11.74
N GLY B 280 10.35 -8.01 -10.48
CA GLY B 280 10.15 -6.60 -10.20
C GLY B 280 11.36 -5.74 -10.56
N TRP B 281 12.55 -6.31 -10.52
CA TRP B 281 13.73 -5.55 -10.92
C TRP B 281 13.54 -4.97 -12.31
N LEU B 282 12.90 -5.72 -13.22
CA LEU B 282 12.63 -5.24 -14.58
C LEU B 282 11.76 -3.99 -14.59
N ARG B 283 10.87 -3.81 -13.62
CA ARG B 283 10.13 -2.55 -13.60
C ARG B 283 11.03 -1.39 -13.22
N ARG B 284 11.97 -1.60 -12.30
CA ARG B 284 12.91 -0.54 -11.97
C ARG B 284 13.82 -0.24 -13.14
N LEU B 285 14.27 -1.30 -13.82
CA LEU B 285 15.02 -1.14 -15.05
C LEU B 285 14.23 -0.34 -16.07
N GLU B 286 12.92 -0.65 -16.20
CA GLU B 286 12.10 0.08 -17.16
C GLU B 286 12.05 1.57 -16.83
N ARG B 287 11.94 1.89 -15.53
CA ARG B 287 11.80 3.29 -15.15
C ARG B 287 13.08 4.06 -15.43
N LEU B 288 14.24 3.40 -15.30
CA LEU B 288 15.51 4.02 -15.66
C LEU B 288 15.67 4.11 -17.17
N LEU B 289 15.32 3.04 -17.89
CA LEU B 289 15.39 3.01 -19.35
C LEU B 289 14.55 4.11 -19.98
N LEU B 290 13.35 4.37 -19.42
CA LEU B 290 12.44 5.36 -19.97
C LEU B 290 12.68 6.77 -19.43
N ASP B 291 13.67 6.95 -18.55
CA ASP B 291 13.91 8.27 -17.96
C ASP B 291 14.50 9.21 -19.01
N ASP B 292 13.87 10.37 -19.21
CA ASP B 292 14.36 11.33 -20.19
C ASP B 292 15.45 12.27 -19.64
N ALA B 293 15.81 12.19 -18.36
CA ALA B 293 16.71 13.17 -17.78
C ALA B 293 18.07 13.22 -18.50
N PRO B 294 18.74 14.37 -18.47
CA PRO B 294 20.14 14.43 -18.93
C PRO B 294 21.01 13.48 -18.13
N GLY B 295 21.94 12.85 -18.82
CA GLY B 295 22.78 11.82 -18.25
C GLY B 295 22.30 10.43 -18.58
N GLY B 296 21.05 10.27 -18.99
CA GLY B 296 20.46 8.98 -19.21
C GLY B 296 20.66 8.46 -20.61
N LEU B 297 19.98 7.36 -20.91
CA LEU B 297 20.18 6.66 -22.17
C LEU B 297 19.49 7.38 -23.32
N LEU B 298 18.24 7.80 -23.11
CA LEU B 298 17.52 8.53 -24.16
C LEU B 298 18.18 9.87 -24.46
N ALA B 299 18.60 10.62 -23.42
CA ALA B 299 19.21 11.92 -23.66
C ALA B 299 20.43 11.77 -24.57
N ARG B 300 21.20 10.70 -24.36
CA ARG B 300 22.41 10.46 -25.14
C ARG B 300 22.07 10.14 -26.60
N LEU B 301 21.09 9.24 -26.81
CA LEU B 301 20.67 8.87 -28.17
C LEU B 301 20.13 10.07 -28.95
N ARG B 302 19.32 10.91 -28.30
CA ARG B 302 18.79 12.09 -28.96
C ARG B 302 19.89 13.11 -29.22
N ALA B 303 20.78 13.33 -28.25
CA ALA B 303 21.84 14.35 -28.39
C ALA B 303 22.69 14.08 -29.63
N HIS B 304 22.97 12.81 -29.91
CA HIS B 304 23.74 12.40 -31.08
C HIS B 304 22.83 12.07 -32.26
N ALA B 305 21.52 12.27 -32.11
CA ALA B 305 20.55 11.95 -33.17
C ALA B 305 20.68 10.50 -33.64
N TRP B 306 20.98 9.59 -32.70
CA TRP B 306 20.92 8.17 -33.02
C TRP B 306 19.50 7.63 -32.91
N GLY B 307 18.71 8.15 -31.97
CA GLY B 307 17.39 7.58 -31.82
C GLY B 307 16.55 8.50 -30.96
N ASP B 308 15.29 8.11 -30.78
CA ASP B 308 14.31 8.99 -30.17
C ASP B 308 13.42 8.34 -29.11
N ALA B 309 13.22 7.03 -29.13
CA ALA B 309 12.38 6.44 -28.11
C ALA B 309 12.81 5.01 -27.85
N VAL B 310 12.36 4.47 -26.72
CA VAL B 310 12.60 3.07 -26.42
C VAL B 310 11.44 2.54 -25.60
N ARG B 311 11.18 1.24 -25.72
CA ARG B 311 10.34 0.56 -24.75
C ARG B 311 10.92 -0.83 -24.48
N LEU B 312 10.38 -1.45 -23.43
CA LEU B 312 10.85 -2.73 -22.94
C LEU B 312 9.77 -3.78 -23.21
N GLY B 313 10.14 -4.83 -23.92
CA GLY B 313 9.28 -5.98 -24.11
C GLY B 313 9.80 -7.15 -23.30
N TYR B 314 8.89 -7.81 -22.61
CA TYR B 314 9.21 -9.03 -21.88
C TYR B 314 8.20 -10.11 -22.26
N ALA B 315 8.70 -11.24 -22.73
CA ALA B 315 7.81 -12.30 -23.18
C ALA B 315 8.34 -13.61 -22.66
N ARG B 316 7.54 -14.26 -21.84
CA ARG B 316 7.90 -15.58 -21.37
C ARG B 316 7.73 -16.61 -22.48
N CYS B 317 8.73 -17.45 -22.72
CA CYS B 317 8.65 -18.45 -23.76
C CYS B 317 8.65 -19.86 -23.21
N GLY B 318 8.42 -20.02 -21.92
CA GLY B 318 8.56 -21.32 -21.29
C GLY B 318 8.76 -21.15 -19.81
N GLU B 319 8.80 -22.29 -19.11
CA GLU B 319 8.95 -22.25 -17.66
C GLU B 319 10.25 -21.59 -17.26
N ASN B 320 11.33 -21.81 -18.01
CA ASN B 320 12.59 -21.17 -17.63
C ASN B 320 13.26 -20.43 -18.79
N SER B 321 12.48 -19.68 -19.56
CA SER B 321 13.04 -19.07 -20.76
C SER B 321 12.16 -17.88 -21.17
N ALA B 322 12.83 -16.79 -21.51
CA ALA B 322 12.12 -15.54 -21.76
C ALA B 322 12.96 -14.68 -22.71
N LEU B 323 12.27 -13.82 -23.46
CA LEU B 323 12.94 -12.85 -24.30
C LEU B 323 12.65 -11.44 -23.76
N LEU B 324 13.72 -10.70 -23.50
CA LEU B 324 13.65 -9.29 -23.08
C LEU B 324 14.16 -8.42 -24.23
N SER B 325 13.32 -7.49 -24.69
CA SER B 325 13.60 -6.75 -25.91
C SER B 325 13.62 -5.25 -25.64
N PHE B 326 14.70 -4.60 -26.02
CA PHE B 326 14.83 -3.15 -25.99
C PHE B 326 14.52 -2.61 -27.39
N ILE B 327 13.42 -1.89 -27.51
CA ILE B 327 12.81 -1.55 -28.78
C ILE B 327 13.03 -0.06 -29.03
N PHE B 328 14.04 0.27 -29.83
CA PHE B 328 14.37 1.65 -30.16
C PHE B 328 13.70 2.06 -31.47
N THR B 329 13.09 3.24 -31.46
CA THR B 329 12.90 4.03 -32.67
C THR B 329 14.20 4.75 -32.98
N VAL B 330 14.73 4.57 -34.19
CA VAL B 330 16.03 5.09 -34.55
C VAL B 330 15.88 6.15 -35.64
N ASN B 331 16.98 6.82 -35.96
CA ASN B 331 16.95 7.94 -36.90
C ASN B 331 17.20 7.47 -38.33
N HIS B 332 18.46 7.21 -38.68
CA HIS B 332 18.82 6.83 -40.03
C HIS B 332 18.64 5.34 -40.29
N GLY B 333 18.73 4.49 -39.27
CA GLY B 333 18.70 3.07 -39.52
C GLY B 333 19.97 2.50 -40.11
N SER B 334 21.06 3.27 -40.08
CA SER B 334 22.33 2.85 -40.65
C SER B 334 23.03 1.85 -39.72
N ALA B 335 24.06 1.21 -40.26
CA ALA B 335 24.78 0.20 -39.51
C ALA B 335 25.55 0.81 -38.33
N SER B 336 26.16 1.97 -38.54
CA SER B 336 26.91 2.63 -37.46
C SER B 336 25.98 3.22 -36.43
N GLU B 337 24.75 3.59 -36.83
CA GLU B 337 23.77 4.02 -35.86
C GLU B 337 23.47 2.88 -34.88
N ALA B 338 23.17 1.68 -35.42
CA ALA B 338 22.85 0.53 -34.59
C ALA B 338 24.02 0.16 -33.66
N ALA B 339 25.25 0.16 -34.16
CA ALA B 339 26.36 -0.18 -33.30
C ALA B 339 26.55 0.86 -32.19
N HIS B 340 26.32 2.15 -32.49
CA HIS B 340 26.41 3.14 -31.44
C HIS B 340 25.34 2.93 -30.39
N ILE B 341 24.13 2.60 -30.84
CA ILE B 341 23.02 2.40 -29.91
C ILE B 341 23.27 1.21 -29.01
N GLU B 342 23.70 0.08 -29.61
CA GLU B 342 23.93 -1.11 -28.80
C GLU B 342 25.09 -0.91 -27.85
N SER B 343 26.15 -0.25 -28.33
CA SER B 343 27.29 0.08 -27.48
C SER B 343 26.87 0.99 -26.33
N ALA B 344 25.93 1.91 -26.58
CA ALA B 344 25.44 2.79 -25.51
C ALA B 344 24.63 2.03 -24.46
N LEU B 345 23.78 1.10 -24.91
CA LEU B 345 22.95 0.31 -24.00
C LEU B 345 23.82 -0.56 -23.10
N LEU B 346 24.83 -1.24 -23.67
CA LEU B 346 25.68 -2.10 -22.84
C LEU B 346 26.44 -1.27 -21.78
N ALA B 347 26.94 -0.08 -22.13
CA ALA B 347 27.60 0.79 -21.14
C ALA B 347 26.62 1.36 -20.12
N TRP B 348 25.41 1.71 -20.55
CA TRP B 348 24.40 2.20 -19.60
C TRP B 348 24.04 1.09 -18.60
N LEU B 349 23.83 -0.15 -19.08
CA LEU B 349 23.62 -1.26 -18.16
C LEU B 349 24.79 -1.41 -17.19
N GLN B 350 26.02 -1.22 -17.66
CA GLN B 350 27.16 -1.24 -16.75
C GLN B 350 27.03 -0.14 -15.70
N ALA B 351 26.81 1.11 -16.15
CA ALA B 351 26.58 2.23 -15.24
C ALA B 351 25.59 1.91 -14.13
N LEU B 352 24.53 1.13 -14.43
CA LEU B 352 23.47 0.88 -13.45
C LEU B 352 23.98 0.06 -12.27
N ASN B 353 25.18 -0.54 -12.41
CA ASN B 353 25.78 -1.27 -11.29
C ASN B 353 26.16 -0.35 -10.16
N ALA B 354 26.44 0.91 -10.46
CA ALA B 354 26.93 1.84 -9.47
C ALA B 354 25.80 2.54 -8.73
N LEU B 355 24.55 2.28 -9.08
CA LEU B 355 23.47 2.91 -8.35
C LEU B 355 23.56 2.56 -6.86
N THR B 356 23.48 3.56 -6.00
CA THR B 356 23.55 3.37 -4.56
C THR B 356 22.22 2.82 -4.02
N PRO B 357 22.21 2.27 -2.79
CA PRO B 357 20.92 1.82 -2.23
C PRO B 357 19.85 2.88 -2.32
N GLY B 358 20.22 4.14 -2.07
CA GLY B 358 19.25 5.22 -2.10
C GLY B 358 18.72 5.46 -3.49
N GLN B 359 19.59 5.35 -4.50
CA GLN B 359 19.13 5.48 -5.88
C GLN B 359 18.21 4.32 -6.28
N LEU B 360 18.56 3.07 -5.89
CA LEU B 360 17.67 1.94 -6.19
C LEU B 360 16.30 2.14 -5.54
N ALA B 361 16.29 2.65 -4.32
CA ALA B 361 15.02 2.87 -3.63
C ALA B 361 14.24 3.96 -4.33
N HIS B 362 14.91 5.07 -4.63
CA HIS B 362 14.27 6.21 -5.28
C HIS B 362 13.66 5.80 -6.62
N PHE B 363 14.47 5.22 -7.50
CA PHE B 363 13.93 4.79 -8.80
C PHE B 363 12.97 3.64 -8.63
N GLY B 364 13.24 2.73 -7.70
CA GLY B 364 12.32 1.62 -7.45
C GLY B 364 10.94 2.07 -7.04
N GLN B 365 10.87 3.04 -6.11
CA GLN B 365 9.56 3.51 -5.67
C GLN B 365 8.94 4.49 -6.65
N LEU B 366 9.77 5.22 -7.41
CA LEU B 366 9.28 5.94 -8.57
C LEU B 366 8.59 4.99 -9.55
N ALA B 367 9.23 3.86 -9.86
CA ALA B 367 8.63 2.89 -10.76
C ALA B 367 7.31 2.34 -10.20
N ASN B 368 7.23 2.13 -8.87
CA ASN B 368 6.01 1.54 -8.30
C ASN B 368 4.87 2.54 -8.21
N ARG B 369 5.16 3.83 -8.20
CA ARG B 369 4.04 4.76 -8.18
C ARG B 369 3.52 5.03 -9.58
N ASP B 370 4.36 4.88 -10.60
CA ASP B 370 3.85 4.74 -11.96
C ASP B 370 2.87 3.56 -12.03
N PHE B 371 3.18 2.48 -11.30
CA PHE B 371 2.33 1.30 -11.33
C PHE B 371 1.02 1.54 -10.58
N HIS B 372 1.10 2.12 -9.36
CA HIS B 372 -0.11 2.35 -8.57
C HIS B 372 -1.04 3.38 -9.22
N ARG B 373 -0.53 4.13 -10.17
CA ARG B 373 -1.33 5.07 -10.93
C ARG B 373 -2.04 4.42 -12.12
N LEU B 374 -1.70 3.18 -12.48
CA LEU B 374 -2.53 2.46 -13.44
C LEU B 374 -3.89 2.11 -12.85
N ALA B 375 -4.84 1.77 -13.75
CA ALA B 375 -6.14 1.36 -13.29
C ALA B 375 -6.07 -0.08 -12.74
N PRO B 376 -6.99 -0.45 -11.83
CA PRO B 376 -7.00 -1.84 -11.32
C PRO B 376 -6.80 -2.88 -12.41
N LEU B 377 -7.60 -2.84 -13.48
CA LEU B 377 -7.45 -3.83 -14.55
C LEU B 377 -6.00 -3.92 -15.01
N ASP B 378 -5.34 -2.77 -15.18
CA ASP B 378 -4.00 -2.75 -15.72
C ASP B 378 -2.94 -3.13 -14.69
N GLN B 379 -3.15 -2.80 -13.41
CA GLN B 379 -2.29 -3.35 -12.35
C GLN B 379 -2.34 -4.88 -12.31
N LEU B 380 -3.55 -5.45 -12.36
CA LEU B 380 -3.66 -6.91 -12.32
C LEU B 380 -3.02 -7.55 -13.55
N ARG B 381 -3.20 -6.91 -14.70
CA ARG B 381 -2.51 -7.36 -15.92
C ARG B 381 -1.00 -7.37 -15.72
N ALA B 382 -0.43 -6.28 -15.19
CA ALA B 382 1.01 -6.22 -14.96
C ALA B 382 1.48 -7.30 -13.97
N ARG B 383 0.72 -7.54 -12.91
CA ARG B 383 1.17 -8.58 -11.99
C ARG B 383 1.17 -9.96 -12.66
N ALA B 384 0.18 -10.22 -13.51
CA ALA B 384 -0.05 -11.58 -14.04
C ALA B 384 0.80 -11.87 -15.26
N LEU B 385 0.94 -10.90 -16.17
CA LEU B 385 1.61 -11.06 -17.45
C LEU B 385 2.68 -10.01 -17.73
N GLY B 386 2.64 -8.85 -17.08
CA GLY B 386 3.64 -7.83 -17.28
C GLY B 386 4.68 -7.70 -16.19
N LEU B 387 5.12 -6.47 -15.90
CA LEU B 387 6.15 -6.23 -14.90
C LEU B 387 5.53 -6.00 -13.52
N PRO B 388 5.81 -6.87 -12.55
CA PRO B 388 5.32 -6.68 -11.15
C PRO B 388 5.80 -5.39 -10.51
N PRO B 389 5.24 -5.04 -9.35
CA PRO B 389 5.83 -3.95 -8.55
C PRO B 389 7.25 -4.24 -8.10
N THR B 390 8.02 -3.18 -7.93
CA THR B 390 9.38 -3.34 -7.46
C THR B 390 9.45 -3.61 -5.94
N GLU B 391 10.49 -4.34 -5.54
CA GLU B 391 10.85 -4.65 -4.17
C GLU B 391 12.27 -4.17 -3.94
N GLN B 392 12.51 -3.46 -2.83
CA GLN B 392 13.82 -2.82 -2.68
C GLN B 392 14.94 -3.81 -2.39
N HIS B 393 14.64 -5.01 -1.92
CA HIS B 393 15.76 -5.92 -1.71
C HIS B 393 15.76 -7.06 -2.72
N ASP B 394 15.73 -6.72 -4.00
CA ASP B 394 16.05 -7.72 -5.01
C ASP B 394 17.56 -7.75 -5.16
N ASP B 395 18.05 -8.65 -5.99
CA ASP B 395 19.48 -8.85 -6.06
C ASP B 395 20.03 -8.09 -7.28
N TRP B 396 19.90 -6.77 -7.20
CA TRP B 396 20.01 -5.91 -8.39
C TRP B 396 21.22 -6.25 -9.25
N THR B 397 22.41 -6.26 -8.66
CA THR B 397 23.61 -6.45 -9.46
C THR B 397 23.68 -7.87 -9.99
N ARG B 398 23.07 -8.83 -9.30
CA ARG B 398 23.02 -10.18 -9.82
C ARG B 398 22.10 -10.26 -11.04
N GLN B 399 20.95 -9.57 -11.00
CA GLN B 399 20.11 -9.39 -12.18
C GLN B 399 20.89 -8.76 -13.34
N LEU B 400 21.51 -7.60 -13.07
CA LEU B 400 22.29 -6.90 -14.08
C LEU B 400 23.31 -7.83 -14.74
N ALA B 401 24.00 -8.62 -13.94
CA ALA B 401 25.09 -9.42 -14.48
C ALA B 401 24.56 -10.60 -15.27
N MET B 402 23.35 -11.07 -14.92
CA MET B 402 22.67 -12.10 -15.70
C MET B 402 22.36 -11.57 -17.11
N LEU B 403 21.82 -10.35 -17.19
CA LEU B 403 21.33 -9.81 -18.44
C LEU B 403 22.46 -9.42 -19.39
N MET B 404 23.48 -8.70 -18.88
CA MET B 404 24.59 -8.28 -19.71
C MET B 404 25.33 -9.48 -20.29
N ALA B 405 25.29 -10.61 -19.60
CA ALA B 405 25.91 -11.81 -20.13
C ALA B 405 24.96 -12.65 -20.98
N ALA B 406 23.66 -12.33 -21.00
CA ALA B 406 22.72 -13.16 -21.75
C ALA B 406 22.94 -13.05 -23.27
N PRO B 407 22.69 -14.14 -24.01
CA PRO B 407 22.80 -14.06 -25.48
C PRO B 407 21.81 -13.08 -26.05
N ARG B 408 22.28 -12.29 -27.00
CA ARG B 408 21.46 -11.23 -27.54
C ARG B 408 21.59 -11.21 -29.05
N ARG B 409 20.49 -10.89 -29.72
CA ARG B 409 20.47 -10.77 -31.17
C ARG B 409 19.85 -9.43 -31.53
N ARG B 410 20.04 -9.01 -32.77
CA ARG B 410 19.61 -7.69 -33.23
C ARG B 410 18.62 -7.83 -34.38
N LEU B 411 17.51 -7.12 -34.27
CA LEU B 411 16.55 -6.98 -35.37
C LEU B 411 16.52 -5.52 -35.78
N ALA B 412 17.06 -5.21 -36.95
CA ALA B 412 16.87 -3.91 -37.60
C ALA B 412 15.58 -3.97 -38.40
N VAL B 413 14.69 -3.02 -38.16
CA VAL B 413 13.47 -2.88 -38.96
C VAL B 413 13.64 -1.63 -39.81
N LEU B 414 13.39 -1.76 -41.12
CA LEU B 414 13.71 -0.69 -42.07
C LEU B 414 12.70 -0.72 -43.22
N PRO B 415 12.44 0.43 -43.86
CA PRO B 415 11.53 0.46 -45.01
C PRO B 415 12.10 -0.25 -46.23
N GLU B 416 13.37 0.00 -46.57
CA GLU B 416 14.12 -0.81 -47.53
C GLU B 416 15.16 -1.65 -46.79
N GLY B 417 15.06 -2.97 -46.89
CA GLY B 417 15.96 -3.82 -46.15
C GLY B 417 16.57 -5.00 -46.89
N GLY B 418 15.96 -5.44 -48.00
CA GLY B 418 16.51 -6.53 -48.74
C GLY B 418 15.95 -7.88 -48.30
N GLY B 419 16.30 -8.92 -49.07
CA GLY B 419 15.55 -10.16 -49.04
C GLY B 419 14.26 -10.02 -49.82
N GLU B 420 13.54 -11.14 -49.94
CA GLU B 420 12.22 -11.15 -50.52
C GLU B 420 11.25 -11.74 -49.52
N THR B 421 9.99 -11.36 -49.65
CA THR B 421 8.96 -11.77 -48.70
C THR B 421 8.84 -13.30 -48.62
N ARG B 422 8.55 -13.79 -47.42
CA ARG B 422 8.51 -15.23 -47.15
C ARG B 422 7.45 -15.47 -46.08
N GLU B 423 6.78 -16.62 -46.17
CA GLU B 423 5.72 -16.96 -45.22
C GLU B 423 6.35 -17.60 -44.00
N ILE B 424 6.36 -16.86 -42.89
CA ILE B 424 6.99 -17.33 -41.66
C ILE B 424 5.99 -17.14 -40.52
N GLN B 425 5.70 -18.24 -39.81
CA GLN B 425 4.70 -18.23 -38.76
C GLN B 425 3.37 -17.70 -39.29
N GLY B 426 3.09 -17.99 -40.56
CA GLY B 426 1.85 -17.57 -41.19
C GLY B 426 1.75 -16.10 -41.53
N LEU B 427 2.84 -15.36 -41.50
CA LEU B 427 2.82 -13.94 -41.80
C LEU B 427 3.85 -13.60 -42.90
N PRO B 428 3.66 -12.52 -43.65
CA PRO B 428 4.63 -12.20 -44.71
C PRO B 428 5.82 -11.44 -44.15
N LEU B 429 6.96 -12.11 -44.08
CA LEU B 429 8.17 -11.56 -43.51
C LEU B 429 9.22 -11.47 -44.60
N THR B 430 9.67 -10.25 -44.87
CA THR B 430 10.85 -9.99 -45.69
C THR B 430 12.06 -9.85 -44.78
N LEU B 431 12.87 -10.90 -44.71
CA LEU B 431 14.02 -10.98 -43.81
C LEU B 431 15.32 -10.99 -44.60
N GLY B 432 16.23 -10.08 -44.25
CA GLY B 432 17.53 -9.99 -44.88
C GLY B 432 18.63 -9.88 -43.85
N PRO B 433 19.89 -10.09 -44.26
CA PRO B 433 20.95 -10.21 -43.25
C PRO B 433 21.21 -8.90 -42.51
N PHE B 434 21.68 -9.04 -41.27
CA PHE B 434 22.00 -7.86 -40.46
C PHE B 434 23.42 -7.41 -40.80
N VAL B 435 23.54 -6.17 -41.29
CA VAL B 435 24.80 -5.58 -41.73
C VAL B 435 25.31 -4.71 -40.59
N GLY B 436 26.03 -5.31 -39.66
CA GLY B 436 26.41 -4.62 -38.44
C GLY B 436 27.83 -4.08 -38.53
N ALA B 437 28.07 -2.97 -37.85
CA ALA B 437 29.42 -2.48 -37.72
C ALA B 437 29.97 -2.89 -36.36
N ALA B 438 31.25 -2.65 -36.15
CA ALA B 438 31.88 -3.08 -34.91
C ALA B 438 31.45 -2.20 -33.74
N LEU B 439 31.29 -2.81 -32.57
CA LEU B 439 30.96 -2.03 -31.39
C LEU B 439 32.14 -1.18 -31.00
N THR B 440 31.88 0.10 -30.71
CA THR B 440 32.94 0.95 -30.21
C THR B 440 32.63 1.33 -28.78
N PRO B 441 33.42 0.88 -27.81
CA PRO B 441 33.19 1.23 -26.39
C PRO B 441 32.65 2.64 -26.18
N THR B 442 31.61 2.73 -25.36
CA THR B 442 31.09 4.02 -24.91
C THR B 442 31.80 4.35 -23.61
N VAL B 443 32.79 5.24 -23.68
CA VAL B 443 33.54 5.63 -22.48
C VAL B 443 32.94 6.82 -21.75
N GLU B 444 32.09 7.61 -22.39
CA GLU B 444 31.54 8.78 -21.71
C GLU B 444 30.57 8.34 -20.63
N PRO B 445 30.68 8.89 -19.41
CA PRO B 445 29.92 8.35 -18.29
C PRO B 445 28.44 8.74 -18.33
N PHE B 446 27.59 7.77 -18.02
CA PHE B 446 26.19 8.09 -17.76
C PHE B 446 26.06 8.57 -16.33
N ARG B 447 25.02 9.35 -16.07
CA ARG B 447 24.81 9.83 -14.72
C ARG B 447 23.32 9.83 -14.42
N PHE B 448 22.99 9.65 -13.14
CA PHE B 448 21.64 9.48 -12.67
C PHE B 448 21.38 10.33 -11.45
N PHE B 449 20.12 10.72 -11.29
CA PHE B 449 19.68 11.49 -10.13
C PHE B 449 20.11 10.83 -8.83
N SER B 450 20.40 11.67 -7.82
CA SER B 450 20.73 11.16 -6.49
C SER B 450 20.21 12.12 -5.42
N ALA B 451 20.82 13.29 -5.28
CA ALA B 451 20.34 14.25 -4.30
C ALA B 451 19.42 15.26 -4.98
N SER B 452 18.35 15.65 -4.31
CA SER B 452 17.50 16.72 -4.81
C SER B 452 17.81 17.99 -4.02
N ALA B 453 18.15 19.06 -4.73
CA ALA B 453 18.52 20.31 -4.11
C ALA B 453 17.26 21.12 -3.83
N ALA B 454 17.45 22.26 -3.17
CA ALA B 454 16.35 23.19 -3.00
C ALA B 454 15.93 23.77 -4.34
N LEU B 455 14.62 23.95 -4.51
CA LEU B 455 14.08 24.46 -5.76
C LEU B 455 14.44 25.93 -5.90
N PRO B 456 15.03 26.36 -7.01
CA PRO B 456 15.30 27.79 -7.21
C PRO B 456 14.02 28.60 -7.07
N ILE B 457 14.18 29.87 -6.71
CA ILE B 457 13.09 30.83 -6.57
C ILE B 457 13.19 31.74 -7.79
N PRO B 458 12.30 31.63 -8.78
CA PRO B 458 12.47 32.42 -9.99
C PRO B 458 12.27 33.92 -9.74
N PRO B 459 12.97 34.79 -10.46
CA PRO B 459 12.59 36.21 -10.53
C PRO B 459 11.27 36.37 -11.25
N LEU B 460 10.47 37.36 -10.75
CA LEU B 460 9.22 37.71 -11.40
C LEU B 460 9.41 38.81 -12.47
N PRO B 461 8.83 38.68 -13.67
CA PRO B 461 8.78 39.82 -14.59
C PRO B 461 7.89 40.93 -14.04
N ALA B 462 8.10 42.13 -14.56
CA ALA B 462 7.22 43.24 -14.21
C ALA B 462 5.89 43.15 -14.95
N GLY B 463 5.94 42.82 -16.24
CA GLY B 463 4.71 42.57 -16.98
C GLY B 463 3.88 41.45 -16.37
N GLN B 464 2.71 41.20 -16.93
CA GLN B 464 1.76 40.32 -16.28
C GLN B 464 0.67 39.92 -17.26
N ALA B 465 0.36 38.62 -17.34
CA ALA B 465 -0.63 38.07 -18.26
C ALA B 465 -1.90 37.63 -17.54
N PRO B 466 -3.03 37.52 -18.23
CA PRO B 466 -4.28 37.13 -17.56
C PRO B 466 -4.31 35.65 -17.19
N LEU B 467 -4.99 35.38 -16.08
CA LEU B 467 -4.94 34.07 -15.45
C LEU B 467 -6.28 33.80 -14.79
N ARG B 468 -6.92 32.71 -15.20
CA ARG B 468 -8.10 32.23 -14.51
C ARG B 468 -7.67 31.43 -13.29
N HIS B 469 -8.41 31.58 -12.21
CA HIS B 469 -8.08 30.94 -10.94
C HIS B 469 -9.34 30.27 -10.42
N LEU B 470 -9.32 28.95 -10.33
CA LEU B 470 -10.46 28.16 -9.91
C LEU B 470 -10.12 27.47 -8.59
N HIS B 471 -11.17 27.09 -7.85
CA HIS B 471 -11.07 26.46 -6.53
C HIS B 471 -10.00 27.11 -5.67
N PRO B 472 -10.02 28.44 -5.48
CA PRO B 472 -8.90 29.11 -4.82
C PRO B 472 -8.60 28.55 -3.43
N ASP B 473 -7.32 28.62 -3.08
CA ASP B 473 -6.80 28.26 -1.76
C ASP B 473 -7.06 26.80 -1.39
N GLU B 474 -7.37 25.97 -2.37
CA GLU B 474 -7.39 24.53 -2.16
C GLU B 474 -6.02 23.92 -2.50
N ALA B 475 -5.78 22.74 -1.93
CA ALA B 475 -4.45 22.13 -1.98
C ALA B 475 -4.24 21.37 -3.29
N GLN B 476 -2.96 21.19 -3.62
CA GLN B 476 -2.49 20.48 -4.80
C GLN B 476 -2.78 21.31 -6.05
N PRO B 477 -2.20 22.50 -6.14
CA PRO B 477 -2.50 23.39 -7.26
C PRO B 477 -2.01 22.81 -8.58
N VAL B 478 -2.73 23.13 -9.65
CA VAL B 478 -2.41 22.69 -11.00
C VAL B 478 -2.54 23.87 -11.93
N LEU B 479 -1.51 24.12 -12.70
CA LEU B 479 -1.53 25.09 -13.78
C LEU B 479 -1.79 24.37 -15.11
N LEU B 480 -2.80 24.82 -15.84
CA LEU B 480 -3.14 24.27 -17.16
C LEU B 480 -3.05 25.38 -18.19
N LEU B 481 -2.14 25.26 -19.16
CA LEU B 481 -2.03 26.19 -20.27
C LEU B 481 -2.49 25.49 -21.56
N ARG B 482 -3.37 26.14 -22.33
CA ARG B 482 -3.86 25.52 -23.56
C ARG B 482 -4.06 26.52 -24.68
N PRO B 483 -3.89 26.10 -25.94
CA PRO B 483 -4.14 27.00 -27.07
C PRO B 483 -5.61 27.36 -27.24
N SER B 484 -5.85 28.51 -27.87
CA SER B 484 -7.21 29.04 -28.05
C SER B 484 -8.13 28.00 -28.65
N SER B 485 -7.66 27.32 -29.69
CA SER B 485 -8.49 26.40 -30.44
C SER B 485 -7.60 25.30 -31.01
N HIS B 486 -8.27 24.34 -31.64
CA HIS B 486 -7.58 23.44 -32.56
C HIS B 486 -7.02 24.27 -33.72
N GLY B 487 -5.71 24.16 -33.97
CA GLY B 487 -5.05 24.93 -35.01
C GLY B 487 -4.32 26.17 -34.52
N ALA B 488 -4.50 26.57 -33.24
CA ALA B 488 -3.71 27.63 -32.63
C ALA B 488 -2.31 27.16 -32.21
N LEU B 489 -2.07 25.84 -32.25
CA LEU B 489 -0.76 25.22 -32.06
C LEU B 489 -0.60 24.15 -33.12
N SER B 490 0.45 24.25 -33.93
CA SER B 490 0.56 23.31 -35.03
C SER B 490 1.12 21.99 -34.56
N GLU B 491 0.93 20.96 -35.40
CA GLU B 491 1.50 19.66 -35.12
C GLU B 491 3.01 19.74 -34.93
N GLU B 492 3.69 20.48 -35.81
CA GLU B 492 5.14 20.58 -35.71
C GLU B 492 5.58 21.38 -34.51
N GLN B 493 4.73 22.29 -34.03
CA GLN B 493 5.09 23.06 -32.84
C GLN B 493 4.98 22.21 -31.58
N ALA B 494 3.92 21.41 -31.48
CA ALA B 494 3.78 20.48 -30.37
C ALA B 494 5.03 19.60 -30.25
N CYS B 495 5.43 18.95 -31.35
CA CYS B 495 6.64 18.14 -31.31
C CYS B 495 7.86 18.98 -30.93
N GLY B 496 7.84 20.28 -31.18
CA GLY B 496 8.89 21.13 -30.67
C GLY B 496 8.78 21.40 -29.18
N LEU B 497 7.54 21.50 -28.69
CA LEU B 497 7.32 21.66 -27.25
C LEU B 497 7.78 20.42 -26.50
N GLN B 498 7.35 19.25 -26.96
CA GLN B 498 7.68 18.00 -26.29
C GLN B 498 9.18 17.74 -26.29
N ALA B 499 9.87 18.05 -27.39
CA ALA B 499 11.29 17.81 -27.42
C ALA B 499 12.03 18.69 -26.42
N ALA B 500 11.57 19.93 -26.23
CA ALA B 500 12.33 20.88 -25.44
C ALA B 500 12.03 20.75 -23.96
N LEU B 501 10.81 20.35 -23.61
CA LEU B 501 10.49 20.24 -22.20
C LEU B 501 10.80 18.85 -21.64
N ARG B 502 11.09 17.87 -22.51
CA ARG B 502 11.29 16.48 -22.07
C ARG B 502 12.44 16.34 -21.09
N PRO B 503 13.63 16.89 -21.31
CA PRO B 503 14.66 16.83 -20.25
C PRO B 503 14.16 17.40 -18.93
N GLU B 504 13.54 18.58 -18.96
CA GLU B 504 13.14 19.27 -17.74
C GLU B 504 11.99 18.57 -17.01
N ALA B 505 11.01 18.03 -17.75
CA ALA B 505 9.92 17.31 -17.09
C ALA B 505 10.45 16.09 -16.37
N ALA B 506 11.49 15.45 -16.93
CA ALA B 506 12.14 14.32 -16.26
C ALA B 506 12.74 14.77 -14.93
N GLU B 507 13.48 15.89 -14.93
CA GLU B 507 14.06 16.42 -13.68
C GLU B 507 12.99 16.73 -12.67
N LEU B 508 11.90 17.35 -13.11
CA LEU B 508 10.84 17.70 -12.19
C LEU B 508 10.19 16.47 -11.58
N ALA B 509 10.20 15.33 -12.30
CA ALA B 509 9.50 14.14 -11.79
C ALA B 509 10.22 13.57 -10.56
N HIS B 510 11.54 13.67 -10.52
CA HIS B 510 12.31 13.32 -9.33
C HIS B 510 11.98 14.23 -8.14
N ARG B 511 11.85 15.54 -8.37
CA ARG B 511 11.43 16.47 -7.32
C ARG B 511 9.95 16.35 -6.98
N GLU B 512 9.23 15.38 -7.56
CA GLU B 512 7.79 15.19 -7.33
C GLU B 512 6.92 16.21 -8.08
N GLY B 513 7.48 16.97 -8.99
CA GLY B 513 6.66 17.78 -9.85
C GLY B 513 6.24 17.02 -11.09
N HIS B 514 5.22 17.55 -11.74
CA HIS B 514 4.71 17.05 -13.02
C HIS B 514 4.72 18.18 -14.05
N LEU B 515 5.32 17.91 -15.20
CA LEU B 515 5.29 18.81 -16.34
C LEU B 515 5.04 17.93 -17.54
N SER B 516 4.04 18.27 -18.35
CA SER B 516 3.78 17.51 -19.57
C SER B 516 3.12 18.40 -20.59
N VAL B 517 3.32 18.05 -21.87
CA VAL B 517 2.66 18.66 -23.01
C VAL B 517 2.04 17.51 -23.79
N GLU B 518 0.73 17.32 -23.66
CA GLU B 518 0.07 16.17 -24.30
C GLU B 518 -1.31 16.57 -24.79
N ARG B 519 -1.79 15.84 -25.79
CA ARG B 519 -3.15 15.99 -26.26
C ARG B 519 -4.08 15.25 -25.29
N HIS B 520 -5.16 15.91 -24.87
CA HIS B 520 -6.15 15.27 -24.00
C HIS B 520 -7.51 15.45 -24.64
N GLN B 521 -8.00 14.40 -25.30
CA GLN B 521 -9.28 14.47 -25.99
C GLN B 521 -9.26 15.56 -27.05
N GLY B 522 -8.20 15.57 -27.86
CA GLY B 522 -8.03 16.52 -28.94
C GLY B 522 -7.45 17.86 -28.53
N VAL B 523 -7.31 18.12 -27.23
CA VAL B 523 -6.91 19.43 -26.71
C VAL B 523 -5.46 19.32 -26.20
N TRP B 524 -4.54 20.01 -26.87
CA TRP B 524 -3.18 20.16 -26.34
C TRP B 524 -3.22 20.92 -25.02
N LEU B 525 -2.63 20.34 -23.99
CA LEU B 525 -2.53 20.92 -22.67
C LEU B 525 -1.07 20.92 -22.24
N LEU B 526 -0.59 22.06 -21.77
CA LEU B 526 0.61 22.09 -20.95
C LEU B 526 0.13 22.04 -19.50
N GLN B 527 0.65 21.07 -18.76
CA GLN B 527 0.19 20.80 -17.40
C GLN B 527 1.36 20.90 -16.43
N LEU B 528 1.15 21.60 -15.31
CA LEU B 528 2.18 21.84 -14.31
C LEU B 528 1.59 21.66 -12.93
N ALA B 529 2.21 20.80 -12.13
CA ALA B 529 1.65 20.52 -10.81
C ALA B 529 2.76 20.06 -9.88
N GLY B 530 2.56 20.34 -8.61
CA GLY B 530 3.48 20.08 -7.54
C GLY B 530 3.24 21.10 -6.42
N SER B 531 4.30 21.41 -5.68
CA SER B 531 4.16 22.45 -4.67
C SER B 531 4.05 23.82 -5.32
N HIS B 532 3.93 24.85 -4.49
CA HIS B 532 3.87 26.20 -5.02
C HIS B 532 5.23 26.61 -5.61
N GLY B 533 6.32 26.31 -4.91
CA GLY B 533 7.64 26.53 -5.48
C GLY B 533 7.81 25.81 -6.81
N LEU B 534 7.27 24.59 -6.92
CA LEU B 534 7.53 23.77 -8.08
C LEU B 534 6.92 24.38 -9.33
N ILE B 535 5.68 24.83 -9.25
CA ILE B 535 5.03 25.43 -10.41
C ILE B 535 5.76 26.70 -10.82
N CYS B 536 6.16 27.53 -9.84
CA CYS B 536 6.93 28.74 -10.14
C CYS B 536 8.25 28.41 -10.82
N HIS B 537 9.05 27.54 -10.20
CA HIS B 537 10.31 27.16 -10.83
C HIS B 537 10.08 26.55 -12.20
N GLY B 538 9.13 25.60 -12.27
CA GLY B 538 8.86 24.90 -13.51
C GLY B 538 8.41 25.83 -14.63
N LEU B 539 7.44 26.71 -14.33
CA LEU B 539 7.02 27.68 -15.34
C LEU B 539 8.19 28.55 -15.81
N ASN B 540 9.11 28.89 -14.89
CA ASN B 540 10.34 29.58 -15.30
C ASN B 540 11.16 28.71 -16.24
N VAL B 541 11.37 27.44 -15.87
CA VAL B 541 12.11 26.51 -16.73
C VAL B 541 11.47 26.39 -18.10
N VAL B 542 10.15 26.45 -18.14
CA VAL B 542 9.44 26.31 -19.41
C VAL B 542 9.70 27.50 -20.32
N ASN B 543 9.69 28.72 -19.77
CA ASN B 543 9.96 29.92 -20.56
C ASN B 543 11.33 29.85 -21.21
N ARG B 544 12.34 29.40 -20.46
CA ARG B 544 13.71 29.40 -20.97
C ARG B 544 13.92 28.28 -21.98
N ALA B 545 13.44 27.07 -21.65
CA ALA B 545 13.61 25.93 -22.54
C ALA B 545 12.99 26.17 -23.91
N LEU B 546 11.92 26.97 -23.96
CA LEU B 546 11.14 27.18 -25.18
C LEU B 546 11.49 28.46 -25.91
N THR B 547 12.49 29.21 -25.44
CA THR B 547 12.82 30.44 -26.15
C THR B 547 13.98 30.23 -27.12
N ALA B 548 15.21 30.08 -26.61
CA ALA B 548 16.35 29.88 -27.48
C ALA B 548 16.52 28.38 -27.69
N GLN B 549 15.96 27.86 -28.80
CA GLN B 549 15.92 26.42 -29.00
C GLN B 549 17.12 25.95 -29.79
N PRO B 550 18.02 25.14 -29.21
CA PRO B 550 19.22 24.70 -29.93
C PRO B 550 18.88 23.73 -31.05
N PRO B 551 19.78 23.57 -32.04
CA PRO B 551 19.35 22.95 -33.28
C PRO B 551 19.13 21.44 -33.16
N ALA B 552 19.78 20.78 -32.22
CA ALA B 552 19.44 19.39 -31.90
C ALA B 552 17.94 19.25 -31.69
N ILE B 553 17.36 20.17 -30.93
CA ILE B 553 15.97 20.06 -30.53
C ILE B 553 15.03 20.42 -31.68
N ILE B 554 15.46 21.27 -32.62
CA ILE B 554 14.65 21.46 -33.83
C ILE B 554 14.68 20.20 -34.67
N ASN B 555 15.86 19.58 -34.81
CA ASN B 555 15.98 18.36 -35.58
C ASN B 555 15.17 17.22 -34.97
N GLU B 556 15.42 16.95 -33.67
CA GLU B 556 14.64 15.96 -32.94
C GLU B 556 13.14 16.21 -33.12
N ALA B 557 12.71 17.47 -33.04
CA ALA B 557 11.28 17.72 -33.22
C ALA B 557 10.81 17.33 -34.61
N ALA B 558 11.69 17.44 -35.62
CA ALA B 558 11.34 17.05 -36.98
C ALA B 558 11.34 15.53 -37.15
N ARG B 559 12.23 14.83 -36.45
CA ARG B 559 12.17 13.37 -36.46
C ARG B 559 10.92 12.86 -35.74
N ASN B 560 10.55 13.51 -34.63
CA ASN B 560 9.37 13.06 -33.91
C ASN B 560 8.12 13.23 -34.74
N LEU B 561 8.00 14.34 -35.48
CA LEU B 561 6.83 14.56 -36.32
C LEU B 561 6.76 13.54 -37.46
N ARG B 562 7.89 13.30 -38.13
CA ARG B 562 7.96 12.26 -39.15
C ARG B 562 7.52 10.91 -38.60
N HIS B 563 8.04 10.52 -37.43
CA HIS B 563 7.61 9.28 -36.82
C HIS B 563 6.11 9.29 -36.57
N ALA B 564 5.56 10.44 -36.13
CA ALA B 564 4.14 10.52 -35.83
C ALA B 564 3.28 10.38 -37.08
N GLN B 565 3.76 10.91 -38.20
CA GLN B 565 3.04 10.77 -39.47
C GLN B 565 3.12 9.33 -39.98
N LEU B 566 4.33 8.76 -40.02
CA LEU B 566 4.49 7.38 -40.45
C LEU B 566 3.66 6.46 -39.58
N LYS B 567 3.67 6.70 -38.27
CA LYS B 567 2.90 5.83 -37.38
C LYS B 567 1.42 5.89 -37.72
N GLN B 568 0.93 7.05 -38.15
CA GLN B 568 -0.48 7.18 -38.46
C GLN B 568 -0.84 6.51 -39.78
N GLN B 569 -0.02 6.70 -40.83
CA GLN B 569 -0.34 6.05 -42.10
C GLN B 569 -0.42 4.54 -41.98
N ASN B 570 0.25 3.96 -40.97
CA ASN B 570 0.35 2.52 -40.82
C ASN B 570 -0.56 1.96 -39.74
N ASP B 571 -1.35 2.81 -39.09
CA ASP B 571 -2.45 2.37 -38.24
C ASP B 571 -3.57 1.74 -39.07
N ILE B 572 -4.42 0.94 -38.40
CA ILE B 572 -5.67 0.56 -39.04
C ILE B 572 -6.52 1.80 -39.29
N ALA B 573 -7.44 1.68 -40.23
CA ALA B 573 -8.15 2.85 -40.71
C ALA B 573 -9.06 3.46 -39.66
N ILE B 574 -9.69 2.63 -38.82
CA ILE B 574 -10.65 3.20 -37.87
C ILE B 574 -9.92 4.07 -36.86
N ARG B 575 -8.72 3.64 -36.43
CA ARG B 575 -7.90 4.49 -35.57
C ARG B 575 -7.40 5.71 -36.34
N ARG B 576 -7.08 5.54 -37.63
CA ARG B 576 -6.67 6.68 -38.43
C ARG B 576 -7.83 7.65 -38.62
N LEU B 577 -9.06 7.12 -38.75
CA LEU B 577 -10.22 8.00 -38.85
C LEU B 577 -10.46 8.73 -37.54
N LEU B 578 -10.31 8.03 -36.41
CA LEU B 578 -10.41 8.69 -35.11
C LEU B 578 -9.38 9.81 -34.96
N ALA B 579 -8.14 9.57 -35.42
CA ALA B 579 -7.14 10.62 -35.44
C ALA B 579 -7.62 11.83 -36.24
N GLN B 580 -8.34 11.58 -37.34
CA GLN B 580 -8.83 12.66 -38.18
C GLN B 580 -10.05 13.39 -37.60
N LEU B 581 -10.69 12.87 -36.55
CA LEU B 581 -11.88 13.53 -36.02
C LEU B 581 -11.64 14.96 -35.54
N PRO B 582 -10.64 15.27 -34.68
CA PRO B 582 -10.45 16.67 -34.26
C PRO B 582 -10.43 17.67 -35.40
N ALA B 583 -9.61 17.45 -36.44
CA ALA B 583 -9.53 18.43 -37.52
C ALA B 583 -10.85 18.54 -38.29
N ALA B 584 -11.69 17.50 -38.29
CA ALA B 584 -12.98 17.62 -38.96
C ALA B 584 -13.99 18.38 -38.12
N LEU B 585 -13.73 18.57 -36.83
CA LEU B 585 -14.69 19.23 -35.97
C LEU B 585 -14.48 20.73 -35.88
N ASN B 586 -13.44 21.26 -36.53
CA ASN B 586 -13.11 22.67 -36.40
C ASN B 586 -12.89 23.33 -37.74
N PRO B 593 -3.68 31.94 -32.35
CA PRO B 593 -2.29 32.22 -31.96
C PRO B 593 -2.14 32.45 -30.44
N TYR B 594 -3.29 32.61 -29.78
CA TYR B 594 -3.39 32.95 -28.37
C TYR B 594 -3.52 31.68 -27.53
N TRP B 595 -3.01 31.73 -26.30
CA TRP B 595 -3.19 30.68 -25.32
C TRP B 595 -4.09 31.17 -24.19
N HIS B 596 -4.60 30.22 -23.42
CA HIS B 596 -5.32 30.50 -22.19
C HIS B 596 -4.64 29.79 -21.03
N ALA B 597 -4.77 30.37 -19.83
CA ALA B 597 -4.11 29.87 -18.63
C ALA B 597 -5.13 29.76 -17.51
N THR B 598 -5.22 28.58 -16.89
CA THR B 598 -6.07 28.39 -15.72
C THR B 598 -5.27 27.73 -14.60
N LEU B 599 -5.25 28.35 -13.43
CA LEU B 599 -4.71 27.78 -12.21
C LEU B 599 -5.84 27.21 -11.36
N VAL B 600 -5.76 25.93 -11.01
CA VAL B 600 -6.76 25.27 -10.17
C VAL B 600 -6.11 24.94 -8.82
N GLY B 601 -6.56 25.62 -7.76
CA GLY B 601 -5.95 25.50 -6.44
C GLY B 601 -4.94 26.61 -6.18
N GLY B 602 -4.30 26.50 -5.02
CA GLY B 602 -3.26 27.43 -4.62
C GLY B 602 -3.82 28.78 -4.15
N ASP B 603 -2.98 29.51 -3.40
CA ASP B 603 -3.43 30.74 -2.77
C ASP B 603 -3.40 31.89 -3.79
N GLY B 604 -3.84 33.06 -3.32
CA GLY B 604 -3.87 34.22 -4.19
C GLY B 604 -2.49 34.66 -4.61
N GLU B 605 -1.50 34.49 -3.73
CA GLU B 605 -0.19 35.00 -4.06
C GLU B 605 0.47 34.14 -5.12
N LEU B 606 0.17 32.83 -5.10
CA LEU B 606 0.55 31.95 -6.20
C LEU B 606 -0.07 32.44 -7.51
N LYS B 607 -1.36 32.76 -7.50
CA LYS B 607 -2.01 33.22 -8.71
C LYS B 607 -1.28 34.43 -9.30
N ARG B 608 -0.76 35.31 -8.45
CA ARG B 608 -0.23 36.57 -8.96
C ARG B 608 1.20 36.44 -9.44
N ARG B 609 2.01 35.67 -8.72
CA ARG B 609 3.37 35.40 -9.20
C ARG B 609 3.34 34.62 -10.51
N LEU B 610 2.45 33.62 -10.63
CA LEU B 610 2.27 32.95 -11.92
C LEU B 610 1.80 33.94 -12.98
N SER B 611 0.92 34.86 -12.59
CA SER B 611 0.50 35.92 -13.48
C SER B 611 1.69 36.67 -14.08
N HIS B 612 2.69 36.98 -13.26
CA HIS B 612 3.87 37.65 -13.80
C HIS B 612 4.68 36.71 -14.68
N LEU B 613 4.91 35.47 -14.23
CA LEU B 613 5.80 34.58 -14.99
C LEU B 613 5.17 34.14 -16.31
N LEU B 614 3.84 34.12 -16.39
CA LEU B 614 3.19 33.84 -17.67
C LEU B 614 3.52 34.89 -18.73
N TYR B 615 3.88 36.11 -18.33
CA TYR B 615 4.22 37.14 -19.30
C TYR B 615 5.47 36.78 -20.10
N ASP B 616 6.38 35.99 -19.53
CA ASP B 616 7.56 35.57 -20.27
C ASP B 616 7.37 34.27 -21.03
N PHE B 617 6.17 33.67 -20.96
CA PHE B 617 5.82 32.54 -21.82
C PHE B 617 5.87 32.96 -23.28
N PRO B 618 6.56 32.21 -24.15
CA PRO B 618 6.79 32.71 -25.53
C PRO B 618 5.52 32.94 -26.36
N TYR B 619 4.34 32.56 -25.92
CA TYR B 619 3.11 32.75 -26.68
C TYR B 619 2.17 33.69 -25.93
N ALA B 620 1.55 34.60 -26.66
CA ALA B 620 0.62 35.53 -26.03
C ALA B 620 -0.45 34.78 -25.25
N ILE B 621 -0.75 35.25 -24.06
CA ILE B 621 -1.83 34.69 -23.26
C ILE B 621 -2.97 35.70 -23.22
N THR B 622 -4.16 35.21 -23.55
CA THR B 622 -5.43 35.92 -23.58
C THR B 622 -6.33 35.31 -22.52
N ALA B 623 -7.32 36.07 -22.07
CA ALA B 623 -8.26 35.56 -21.09
C ALA B 623 -9.36 34.75 -21.77
N GLU B 624 -9.74 33.64 -21.14
CA GLU B 624 -10.70 32.69 -21.70
C GLU B 624 -12.08 33.34 -21.86
N PRO B 625 -12.62 33.45 -23.09
CA PRO B 625 -13.98 33.95 -23.30
C PRO B 625 -15.05 33.02 -22.72
N HIS B 632 -21.88 22.27 -33.96
CA HIS B 632 -21.34 21.44 -35.04
C HIS B 632 -22.31 20.33 -35.50
N PRO B 633 -22.45 20.15 -36.82
CA PRO B 633 -23.34 19.09 -37.32
C PRO B 633 -22.63 17.75 -37.30
N PRO B 634 -23.37 16.66 -37.53
CA PRO B 634 -22.78 15.31 -37.42
C PRO B 634 -21.62 15.08 -38.39
N VAL B 635 -20.65 14.28 -37.93
CA VAL B 635 -19.46 13.96 -38.71
C VAL B 635 -19.50 12.50 -39.12
N THR B 636 -19.30 12.25 -40.42
CA THR B 636 -19.16 10.90 -40.96
C THR B 636 -17.80 10.82 -41.64
N LEU B 637 -16.94 9.95 -41.12
CA LEU B 637 -15.65 9.67 -41.72
C LEU B 637 -15.63 8.22 -42.20
N THR B 638 -14.97 7.98 -43.33
CA THR B 638 -14.97 6.65 -43.94
C THR B 638 -13.60 6.36 -44.55
N GLU B 639 -13.32 5.08 -44.76
CA GLU B 639 -12.15 4.65 -45.50
C GLU B 639 -12.57 3.52 -46.43
N SER B 640 -11.85 3.36 -47.56
CA SER B 640 -12.11 2.29 -48.51
C SER B 640 -10.82 1.59 -48.94
N GLY B 641 -10.96 0.34 -49.39
CA GLY B 641 -9.82 -0.43 -49.86
C GLY B 641 -9.75 -1.82 -49.29
N ALA B 642 -8.62 -2.17 -48.65
CA ALA B 642 -8.46 -3.48 -48.03
C ALA B 642 -9.20 -3.59 -46.70
N GLU B 643 -9.52 -2.46 -46.09
CA GLU B 643 -10.40 -2.44 -44.95
C GLU B 643 -11.39 -1.30 -45.14
N HIS B 644 -12.57 -1.49 -44.59
CA HIS B 644 -13.63 -0.51 -44.68
C HIS B 644 -13.95 -0.07 -43.26
N ALA B 645 -14.07 1.22 -43.06
CA ALA B 645 -14.24 1.75 -41.73
C ALA B 645 -15.21 2.91 -41.75
N LEU B 646 -16.02 2.97 -40.72
CA LEU B 646 -16.97 4.04 -40.51
C LEU B 646 -16.76 4.59 -39.11
N LEU B 647 -16.55 5.90 -39.03
CA LEU B 647 -16.53 6.63 -37.78
C LEU B 647 -17.58 7.73 -37.88
N GLN B 648 -18.65 7.58 -37.09
CA GLN B 648 -19.73 8.56 -37.03
C GLN B 648 -19.74 9.24 -35.67
N PHE B 649 -19.66 10.57 -35.67
CA PHE B 649 -19.75 11.37 -34.44
C PHE B 649 -20.98 12.25 -34.49
N TYR B 650 -21.93 12.00 -33.60
CA TYR B 650 -23.15 12.77 -33.51
C TYR B 650 -23.07 13.72 -32.33
N PRO B 651 -22.62 14.95 -32.51
CA PRO B 651 -22.44 15.85 -31.36
C PRO B 651 -23.74 16.40 -30.83
N LEU B 652 -23.73 16.71 -29.54
CA LEU B 652 -24.85 17.43 -28.94
C LEU B 652 -24.65 18.91 -29.21
N GLN B 653 -25.65 19.52 -29.87
CA GLN B 653 -25.53 20.92 -30.26
C GLN B 653 -25.63 21.86 -29.07
N SER B 654 -26.34 21.43 -28.02
CA SER B 654 -26.69 22.28 -26.90
C SER B 654 -25.52 22.47 -25.92
N ASP B 655 -25.75 23.30 -24.91
CA ASP B 655 -24.88 23.38 -23.74
C ASP B 655 -25.64 22.99 -22.48
N GLU B 656 -26.88 22.51 -22.62
CA GLU B 656 -27.79 22.30 -21.51
C GLU B 656 -27.31 21.18 -20.60
N ALA B 657 -27.59 21.31 -19.31
CA ALA B 657 -27.28 20.22 -18.40
C ALA B 657 -28.12 18.99 -18.70
N GLU B 658 -29.41 19.20 -19.00
CA GLU B 658 -30.31 18.08 -19.25
C GLU B 658 -29.90 17.28 -20.48
N GLY B 659 -29.34 17.94 -21.48
CA GLY B 659 -28.85 17.25 -22.66
C GLY B 659 -27.64 16.39 -22.38
N ARG B 660 -26.59 17.01 -21.84
CA ARG B 660 -25.35 16.27 -21.60
C ARG B 660 -25.58 15.11 -20.63
N TRP B 661 -26.59 15.21 -19.77
CA TRP B 661 -26.97 14.04 -19.00
C TRP B 661 -27.60 12.98 -19.90
N ALA B 662 -28.58 13.38 -20.72
CA ALA B 662 -29.30 12.42 -21.55
C ALA B 662 -28.37 11.72 -22.53
N LEU B 663 -27.42 12.46 -23.12
CA LEU B 663 -26.48 11.85 -24.05
C LEU B 663 -25.72 10.72 -23.38
N ARG B 664 -25.40 10.87 -22.09
CA ARG B 664 -24.70 9.82 -21.37
C ARG B 664 -25.61 8.65 -21.01
N VAL B 665 -26.87 8.94 -20.69
CA VAL B 665 -27.76 7.83 -20.46
C VAL B 665 -28.03 7.10 -21.75
N LEU B 666 -28.25 7.85 -22.84
CA LEU B 666 -28.40 7.23 -24.15
C LEU B 666 -27.22 6.33 -24.47
N ALA B 667 -26.01 6.89 -24.41
CA ALA B 667 -24.80 6.12 -24.70
C ALA B 667 -24.80 4.81 -23.94
N ARG B 668 -25.14 4.85 -22.67
CA ARG B 668 -25.03 3.67 -21.82
C ARG B 668 -26.03 2.61 -22.23
N LEU B 669 -27.22 3.03 -22.64
CA LEU B 669 -28.22 2.11 -23.13
C LEU B 669 -27.89 1.62 -24.54
N TYR B 670 -27.34 2.50 -25.38
CA TYR B 670 -27.04 2.12 -26.76
C TYR B 670 -25.91 1.11 -26.83
N ALA B 671 -24.82 1.36 -26.08
CA ALA B 671 -23.55 0.65 -26.25
C ALA B 671 -23.66 -0.88 -26.19
N PRO B 672 -24.29 -1.49 -25.20
CA PRO B 672 -24.37 -2.96 -25.22
C PRO B 672 -25.25 -3.46 -26.36
N ARG B 673 -26.29 -2.71 -26.73
CA ARG B 673 -27.13 -3.11 -27.85
C ARG B 673 -26.35 -3.10 -29.16
N TYR B 674 -25.55 -2.04 -29.40
CA TYR B 674 -24.80 -1.92 -30.65
C TYR B 674 -23.87 -3.10 -30.83
N PHE B 675 -23.15 -3.44 -29.77
CA PHE B 675 -22.13 -4.46 -29.85
C PHE B 675 -22.74 -5.83 -30.05
N GLN B 676 -23.77 -6.14 -29.27
CA GLN B 676 -24.44 -7.43 -29.39
C GLN B 676 -25.07 -7.62 -30.77
N ARG B 677 -25.61 -6.55 -31.34
CA ARG B 677 -26.29 -6.70 -32.63
C ARG B 677 -25.29 -6.81 -33.77
N LEU B 678 -24.22 -6.03 -33.74
CA LEU B 678 -23.35 -5.96 -34.90
C LEU B 678 -22.06 -6.74 -34.76
N ARG B 679 -21.66 -7.11 -33.56
CA ARG B 679 -20.45 -7.88 -33.37
C ARG B 679 -20.74 -9.37 -33.15
N VAL B 680 -21.61 -9.70 -32.20
CA VAL B 680 -21.80 -11.10 -31.83
C VAL B 680 -22.89 -11.76 -32.69
N GLU B 681 -23.97 -11.03 -33.03
CA GLU B 681 -25.05 -11.62 -33.82
C GLU B 681 -24.67 -11.74 -35.30
N ARG B 682 -24.02 -10.72 -35.87
CA ARG B 682 -23.89 -10.63 -37.32
C ARG B 682 -22.45 -10.56 -37.83
N ASN B 683 -21.48 -10.32 -36.97
CA ASN B 683 -20.05 -10.38 -37.32
C ASN B 683 -19.69 -9.37 -38.40
N VAL B 684 -20.17 -8.15 -38.21
CA VAL B 684 -19.92 -7.09 -39.18
C VAL B 684 -18.44 -6.83 -39.37
N GLY B 685 -17.65 -7.00 -38.33
CA GLY B 685 -16.22 -6.77 -38.44
C GLY B 685 -15.60 -7.01 -37.10
N TYR B 686 -14.33 -6.67 -36.99
CA TYR B 686 -13.66 -6.92 -35.72
C TYR B 686 -13.79 -5.75 -34.75
N VAL B 687 -13.90 -4.51 -35.25
CA VAL B 687 -14.13 -3.32 -34.43
C VAL B 687 -15.61 -2.97 -34.51
N VAL B 688 -16.30 -2.94 -33.36
CA VAL B 688 -17.72 -2.61 -33.22
C VAL B 688 -17.87 -1.86 -31.89
N GLN B 689 -18.22 -0.59 -31.95
CA GLN B 689 -18.30 0.19 -30.71
C GLN B 689 -19.18 1.42 -30.88
N CYS B 690 -20.10 1.58 -29.94
CA CYS B 690 -20.82 2.83 -29.74
C CYS B 690 -20.50 3.36 -28.33
N THR B 691 -19.93 4.57 -28.24
CA THR B 691 -19.53 5.10 -26.95
C THR B 691 -19.84 6.59 -26.84
N PHE B 692 -19.94 7.06 -25.60
CA PHE B 692 -19.78 8.49 -25.36
C PHE B 692 -18.36 8.93 -25.71
N HIS B 693 -18.23 10.10 -26.32
CA HIS B 693 -16.92 10.62 -26.65
C HIS B 693 -16.91 12.14 -26.54
N ARG B 694 -15.82 12.68 -25.99
CA ARG B 694 -15.55 14.11 -26.07
C ARG B 694 -14.37 14.34 -26.97
N CYS B 695 -14.47 15.35 -27.81
CA CYS B 695 -13.41 15.64 -28.76
C CYS B 695 -13.37 17.15 -28.95
N THR B 696 -12.27 17.78 -28.53
CA THR B 696 -12.12 19.23 -28.63
C THR B 696 -13.33 19.93 -28.03
N HIS B 697 -13.69 19.54 -26.80
CA HIS B 697 -14.74 20.15 -25.99
C HIS B 697 -16.14 19.85 -26.50
N VAL B 698 -16.29 19.20 -27.66
CA VAL B 698 -17.59 18.79 -28.18
C VAL B 698 -17.90 17.39 -27.64
N GLU B 699 -19.00 17.27 -26.90
CA GLU B 699 -19.47 15.95 -26.52
C GLU B 699 -20.44 15.44 -27.58
N GLY B 700 -20.58 14.13 -27.65
CA GLY B 700 -21.46 13.51 -28.63
C GLY B 700 -21.35 12.00 -28.53
N LEU B 701 -22.12 11.32 -29.37
CA LEU B 701 -22.11 9.87 -29.41
C LEU B 701 -21.26 9.40 -30.58
N LEU B 702 -20.42 8.39 -30.33
CA LEU B 702 -19.49 7.89 -31.33
C LEU B 702 -19.94 6.49 -31.77
N PHE B 703 -19.85 6.23 -33.07
CA PHE B 703 -20.05 4.89 -33.61
C PHE B 703 -18.81 4.52 -34.41
N ALA B 704 -18.29 3.32 -34.17
CA ALA B 704 -17.10 2.87 -34.87
C ALA B 704 -17.31 1.45 -35.40
N LEU B 705 -16.98 1.25 -36.68
CA LEU B 705 -17.05 -0.06 -37.31
C LEU B 705 -15.91 -0.17 -38.30
N GLN B 706 -15.34 -1.35 -38.39
CA GLN B 706 -14.35 -1.66 -39.41
C GLN B 706 -14.58 -3.09 -39.85
N SER B 707 -14.68 -3.31 -41.16
CA SER B 707 -15.04 -4.62 -41.66
C SER B 707 -14.04 -5.06 -42.73
N PRO B 708 -13.80 -6.37 -42.86
CA PRO B 708 -13.07 -6.87 -44.03
C PRO B 708 -13.92 -6.96 -45.28
N THR B 709 -15.24 -7.05 -45.14
CA THR B 709 -16.14 -7.31 -46.27
C THR B 709 -17.09 -6.13 -46.54
N PHE B 710 -17.90 -5.71 -45.57
CA PHE B 710 -18.87 -4.65 -45.81
C PHE B 710 -18.19 -3.31 -46.10
N THR B 711 -18.76 -2.53 -47.02
CA THR B 711 -18.17 -1.22 -47.30
C THR B 711 -18.54 -0.20 -46.23
N ALA B 712 -17.77 0.89 -46.20
CA ALA B 712 -18.06 1.99 -45.30
C ALA B 712 -19.52 2.38 -45.37
N GLU B 713 -20.04 2.51 -46.60
CA GLU B 713 -21.44 2.89 -46.79
C GLU B 713 -22.39 1.80 -46.28
N GLN B 714 -22.01 0.53 -46.41
CA GLN B 714 -22.80 -0.54 -45.81
C GLN B 714 -22.78 -0.48 -44.28
N LEU B 715 -21.67 0.01 -43.71
CA LEU B 715 -21.59 0.19 -42.26
C LEU B 715 -22.44 1.36 -41.80
N ARG B 716 -22.40 2.48 -42.55
CA ARG B 716 -23.31 3.61 -42.28
C ARG B 716 -24.77 3.18 -42.37
N GLN B 717 -25.11 2.29 -43.31
CA GLN B 717 -26.49 1.81 -43.39
C GLN B 717 -26.88 1.02 -42.13
N LEU B 718 -26.03 0.10 -41.69
CA LEU B 718 -26.37 -0.65 -40.48
C LEU B 718 -26.39 0.23 -39.23
N THR B 719 -25.58 1.29 -39.19
CA THR B 719 -25.68 2.19 -38.03
C THR B 719 -27.01 2.93 -38.04
N ASP B 720 -27.41 3.47 -39.21
CA ASP B 720 -28.72 4.11 -39.37
C ASP B 720 -29.85 3.14 -39.00
N GLU B 721 -29.71 1.89 -39.40
CA GLU B 721 -30.72 0.92 -39.03
C GLU B 721 -30.77 0.73 -37.53
N PHE B 722 -29.62 0.79 -36.86
CA PHE B 722 -29.59 0.65 -35.40
C PHE B 722 -30.24 1.86 -34.74
N LEU B 723 -30.00 3.06 -35.29
CA LEU B 723 -30.66 4.24 -34.75
C LEU B 723 -32.17 4.14 -34.87
N GLN B 724 -32.66 3.70 -36.02
CA GLN B 724 -34.11 3.54 -36.17
C GLN B 724 -34.65 2.51 -35.18
N GLN B 725 -33.92 1.41 -34.98
CA GLN B 725 -34.28 0.42 -33.95
C GLN B 725 -34.43 1.08 -32.59
N MET B 726 -33.42 1.86 -32.19
CA MET B 726 -33.48 2.51 -30.89
C MET B 726 -34.66 3.47 -30.80
N HIS B 727 -35.04 4.09 -31.92
CA HIS B 727 -36.16 5.03 -31.92
C HIS B 727 -37.43 4.41 -31.34
N HIS B 728 -37.69 3.15 -31.68
CA HIS B 728 -38.91 2.50 -31.21
C HIS B 728 -38.67 1.58 -30.03
N GLU B 729 -37.42 1.19 -29.75
CA GLU B 729 -37.16 0.24 -28.68
C GLU B 729 -37.04 0.91 -27.33
N LEU B 730 -36.50 2.14 -27.28
CA LEU B 730 -36.29 2.76 -25.97
C LEU B 730 -37.60 3.20 -25.32
N THR B 731 -38.68 3.45 -26.09
CA THR B 731 -39.99 3.58 -25.47
C THR B 731 -40.24 2.43 -24.49
N HIS B 732 -39.84 1.22 -24.88
CA HIS B 732 -40.15 -0.02 -24.17
C HIS B 732 -39.11 -0.41 -23.12
N VAL B 733 -38.12 0.43 -22.82
CA VAL B 733 -37.14 0.05 -21.82
C VAL B 733 -37.82 0.00 -20.46
N SER B 734 -37.67 -1.11 -19.76
CA SER B 734 -38.27 -1.25 -18.43
C SER B 734 -37.76 -0.13 -17.54
N VAL B 735 -38.68 0.62 -16.94
CA VAL B 735 -38.27 1.68 -16.03
C VAL B 735 -37.45 1.13 -14.88
N GLY B 736 -37.43 -0.20 -14.71
CA GLY B 736 -36.41 -0.81 -13.88
C GLY B 736 -35.01 -0.63 -14.43
N GLU B 737 -34.83 -0.90 -15.75
CA GLU B 737 -33.51 -0.76 -16.35
C GLU B 737 -33.03 0.69 -16.36
N LEU B 738 -33.94 1.64 -16.58
CA LEU B 738 -33.57 3.05 -16.66
C LEU B 738 -33.14 3.59 -15.30
N GLU B 739 -33.87 3.24 -14.23
CA GLU B 739 -33.48 3.77 -12.92
C GLU B 739 -32.11 3.25 -12.52
N GLN B 740 -31.87 1.95 -12.68
CA GLN B 740 -30.55 1.37 -12.43
C GLN B 740 -29.47 2.00 -13.30
N THR B 741 -29.81 2.41 -14.52
CA THR B 741 -28.82 3.05 -15.39
C THR B 741 -28.53 4.47 -14.93
N GLN B 742 -29.55 5.21 -14.51
CA GLN B 742 -29.34 6.60 -14.09
C GLN B 742 -28.76 6.69 -12.68
N GLN B 743 -29.02 5.70 -11.82
CA GLN B 743 -28.29 5.63 -10.55
C GLN B 743 -26.82 5.33 -10.79
N ALA B 744 -26.55 4.26 -11.55
CA ALA B 744 -25.18 3.83 -11.80
C ALA B 744 -24.31 4.94 -12.37
N LEU B 745 -24.88 5.76 -13.27
CA LEU B 745 -24.10 6.81 -13.91
C LEU B 745 -23.98 8.05 -13.05
N GLN B 746 -24.98 8.36 -12.22
CA GLN B 746 -24.80 9.40 -11.21
C GLN B 746 -23.75 8.98 -10.17
N GLN B 747 -23.65 7.69 -9.88
CA GLN B 747 -22.67 7.19 -8.93
C GLN B 747 -21.26 7.22 -9.51
N ASN B 748 -21.11 6.93 -10.81
CA ASN B 748 -19.81 7.06 -11.46
C ASN B 748 -19.38 8.51 -11.56
N LEU B 749 -20.36 9.42 -11.74
CA LEU B 749 -20.05 10.77 -12.19
C LEU B 749 -19.95 11.79 -11.07
N GLN B 750 -20.77 11.71 -10.03
CA GLN B 750 -20.72 12.75 -9.01
C GLN B 750 -19.32 12.86 -8.39
N ARG B 751 -18.53 11.80 -8.46
CA ARG B 751 -17.22 11.72 -7.79
C ARG B 751 -16.12 12.23 -8.71
N LEU B 752 -15.55 13.40 -8.39
CA LEU B 752 -14.37 13.90 -9.08
C LEU B 752 -13.18 12.96 -8.86
N SER B 753 -12.16 13.10 -9.71
CA SER B 753 -11.05 12.16 -9.66
C SER B 753 -10.18 12.42 -8.43
N ALA B 754 -9.43 11.37 -8.07
CA ALA B 754 -8.49 11.47 -6.98
C ALA B 754 -7.27 12.26 -7.44
N GLU B 755 -6.53 11.72 -8.41
CA GLU B 755 -5.27 12.31 -8.80
C GLU B 755 -5.51 13.72 -9.37
N PRO B 756 -4.70 14.71 -8.97
CA PRO B 756 -5.08 16.12 -9.19
C PRO B 756 -4.95 16.61 -10.62
N LEU B 757 -4.19 15.93 -11.48
CA LEU B 757 -4.12 16.34 -12.89
C LEU B 757 -5.43 16.02 -13.62
N GLN B 758 -5.88 14.77 -13.54
CA GLN B 758 -7.21 14.43 -14.03
C GLN B 758 -8.26 15.29 -13.35
N ARG B 759 -8.11 15.51 -12.04
CA ARG B 759 -9.09 16.31 -11.30
C ARG B 759 -9.07 17.76 -11.74
N ALA B 760 -7.92 18.28 -12.16
CA ALA B 760 -7.85 19.69 -12.55
C ALA B 760 -8.48 19.91 -13.91
N ARG B 761 -8.32 18.96 -14.83
CA ARG B 761 -9.04 19.03 -16.09
C ARG B 761 -10.55 18.90 -15.88
N GLU B 762 -11.00 17.95 -15.05
CA GLU B 762 -12.44 17.76 -14.85
C GLU B 762 -13.09 19.02 -14.29
N ILE B 763 -12.35 19.80 -13.51
CA ILE B 763 -12.88 21.04 -12.97
C ILE B 763 -12.84 22.15 -14.00
N ALA B 764 -11.71 22.28 -14.70
CA ALA B 764 -11.53 23.41 -15.60
C ALA B 764 -12.15 23.19 -16.98
N LEU B 765 -12.27 21.94 -17.46
CA LEU B 765 -12.67 21.68 -18.84
C LEU B 765 -13.96 20.88 -18.94
N GLU B 766 -14.00 19.66 -18.43
CA GLU B 766 -15.16 18.79 -18.62
C GLU B 766 -16.38 19.29 -17.85
N ASN B 767 -16.18 19.76 -16.61
CA ASN B 767 -17.26 20.19 -15.70
C ASN B 767 -18.21 19.06 -15.32
N ARG B 768 -17.63 17.98 -14.77
CA ARG B 768 -18.43 16.84 -14.31
C ARG B 768 -19.44 17.27 -13.25
N ALA B 769 -19.08 18.27 -12.45
CA ALA B 769 -19.92 18.70 -11.33
C ALA B 769 -21.32 19.07 -11.80
N THR B 770 -21.39 19.97 -12.80
CA THR B 770 -22.64 20.56 -13.25
C THR B 770 -23.58 19.56 -13.92
N ILE B 771 -23.19 18.30 -14.07
CA ILE B 771 -23.92 17.41 -14.97
C ILE B 771 -24.84 16.49 -14.21
N ALA B 772 -24.29 15.70 -13.28
CA ALA B 772 -25.13 14.88 -12.41
C ALA B 772 -26.17 15.74 -11.72
N ALA B 773 -26.03 17.06 -11.85
CA ALA B 773 -27.04 18.01 -11.41
C ALA B 773 -28.37 17.77 -12.10
N ALA B 774 -28.36 17.70 -13.43
CA ALA B 774 -29.59 17.50 -14.18
C ALA B 774 -30.18 16.09 -14.02
N ALA B 775 -29.68 15.24 -13.14
CA ALA B 775 -30.14 13.85 -13.06
C ALA B 775 -31.09 13.62 -11.90
N PRO B 776 -31.96 12.62 -12.00
CA PRO B 776 -32.35 11.83 -13.18
C PRO B 776 -33.34 12.59 -14.05
N ILE B 777 -33.89 11.96 -15.09
CA ILE B 777 -34.89 12.56 -15.96
C ILE B 777 -35.90 11.50 -16.38
N THR B 778 -36.99 11.93 -17.00
CA THR B 778 -38.02 11.01 -17.44
C THR B 778 -37.71 10.45 -18.83
N LEU B 779 -38.38 9.33 -19.13
CA LEU B 779 -38.26 8.73 -20.45
C LEU B 779 -38.81 9.66 -21.52
N THR B 780 -39.77 10.52 -21.17
CA THR B 780 -40.26 11.53 -22.11
C THR B 780 -39.16 12.53 -22.44
N GLN B 781 -38.41 12.99 -21.43
CA GLN B 781 -37.30 13.89 -21.69
C GLN B 781 -36.16 13.19 -22.43
N LEU B 782 -35.90 11.92 -22.08
CA LEU B 782 -34.84 11.18 -22.76
C LEU B 782 -35.18 10.93 -24.23
N LEU B 783 -36.35 10.31 -24.48
CA LEU B 783 -36.81 10.17 -25.86
C LEU B 783 -36.78 11.48 -26.61
N HIS B 784 -37.04 12.59 -25.92
CA HIS B 784 -36.95 13.88 -26.58
C HIS B 784 -35.54 14.19 -27.01
N TRP B 785 -34.57 14.02 -26.09
CA TRP B 785 -33.18 14.26 -26.43
C TRP B 785 -32.69 13.29 -27.50
N GLN B 786 -33.16 12.05 -27.48
CA GLN B 786 -32.78 11.09 -28.53
C GLN B 786 -32.98 11.69 -29.91
N GLN B 787 -34.22 12.03 -30.22
CA GLN B 787 -34.59 12.41 -31.57
C GLN B 787 -33.94 13.73 -31.97
N ARG B 788 -33.81 14.66 -31.02
CA ARG B 788 -33.05 15.88 -31.27
C ARG B 788 -31.61 15.59 -31.70
N LEU B 789 -31.10 14.40 -31.36
CA LEU B 789 -29.72 14.04 -31.61
C LEU B 789 -29.51 13.35 -32.95
N PHE B 790 -30.44 12.49 -33.40
CA PHE B 790 -30.18 11.59 -34.53
C PHE B 790 -31.14 11.78 -35.70
N VAL B 791 -31.66 12.99 -35.87
CA VAL B 791 -32.47 13.32 -37.03
C VAL B 791 -32.11 14.73 -37.45
N ALA B 792 -32.22 15.01 -38.75
CA ALA B 792 -31.94 16.34 -39.28
C ALA B 792 -33.19 17.21 -39.31
#